data_1ODR
# 
_entry.id   1ODR 
# 
_audit_conform.dict_name       mmcif_pdbx.dic 
_audit_conform.dict_version    5.392 
_audit_conform.dict_location   http://mmcif.pdb.org/dictionaries/ascii/mmcif_pdbx.dic 
# 
loop_
_database_2.database_id 
_database_2.database_code 
_database_2.pdbx_database_accession 
_database_2.pdbx_DOI 
PDB   1ODR         pdb_00001odr 10.2210/pdb1odr/pdb 
WWPDB D_1000175438 ?            ?                   
# 
loop_
_pdbx_audit_revision_history.ordinal 
_pdbx_audit_revision_history.data_content_type 
_pdbx_audit_revision_history.major_revision 
_pdbx_audit_revision_history.minor_revision 
_pdbx_audit_revision_history.revision_date 
1 'Structure model' 1 0 1996-06-10 
2 'Structure model' 1 1 2008-03-24 
3 'Structure model' 1 2 2011-07-13 
4 'Structure model' 1 3 2022-02-23 
5 'Structure model' 1 4 2024-05-22 
# 
_pdbx_audit_revision_details.ordinal             1 
_pdbx_audit_revision_details.revision_ordinal    1 
_pdbx_audit_revision_details.data_content_type   'Structure model' 
_pdbx_audit_revision_details.provider            repository 
_pdbx_audit_revision_details.type                'Initial release' 
_pdbx_audit_revision_details.description         ? 
_pdbx_audit_revision_details.details             ? 
# 
loop_
_pdbx_audit_revision_group.ordinal 
_pdbx_audit_revision_group.revision_ordinal 
_pdbx_audit_revision_group.data_content_type 
_pdbx_audit_revision_group.group 
1 2 'Structure model' 'Version format compliance' 
2 3 'Structure model' 'Version format compliance' 
3 4 'Structure model' 'Data collection'           
4 4 'Structure model' 'Database references'       
5 4 'Structure model' 'Derived calculations'      
6 4 'Structure model' Other                       
7 5 'Structure model' 'Data collection'           
# 
loop_
_pdbx_audit_revision_category.ordinal 
_pdbx_audit_revision_category.revision_ordinal 
_pdbx_audit_revision_category.data_content_type 
_pdbx_audit_revision_category.category 
1 4 'Structure model' database_2            
2 4 'Structure model' pdbx_database_status  
3 4 'Structure model' pdbx_nmr_software     
4 4 'Structure model' pdbx_struct_assembly  
5 4 'Structure model' pdbx_struct_oper_list 
6 5 'Structure model' chem_comp_atom        
7 5 'Structure model' chem_comp_bond        
# 
loop_
_pdbx_audit_revision_item.ordinal 
_pdbx_audit_revision_item.revision_ordinal 
_pdbx_audit_revision_item.data_content_type 
_pdbx_audit_revision_item.item 
1 4 'Structure model' '_database_2.pdbx_DOI'                
2 4 'Structure model' '_database_2.pdbx_database_accession' 
3 4 'Structure model' '_pdbx_database_status.process_site'  
4 4 'Structure model' '_pdbx_nmr_software.name'             
# 
_pdbx_database_status.status_code                     REL 
_pdbx_database_status.entry_id                        1ODR 
_pdbx_database_status.recvd_initial_deposition_date   1996-03-02 
_pdbx_database_status.deposit_site                    ? 
_pdbx_database_status.process_site                    BNL 
_pdbx_database_status.status_code_sf                  ? 
_pdbx_database_status.status_code_mr                  REL 
_pdbx_database_status.SG_entry                        ? 
_pdbx_database_status.pdb_format_compatible           Y 
_pdbx_database_status.status_code_cs                  ? 
_pdbx_database_status.status_code_nmr_data            ? 
_pdbx_database_status.methods_development_category    ? 
# 
loop_
_pdbx_database_related.db_name 
_pdbx_database_related.db_id 
_pdbx_database_related.details 
_pdbx_database_related.content_type 
PDB 1ODP . ensemble 
PDB 1ODQ . ensemble 
# 
loop_
_audit_author.name 
_audit_author.pdbx_ordinal 
'Wang, G.'        1 
'Treleaven, W.D.' 2 
'Cushley, R.J.'   3 
# 
_citation.id                        primary 
_citation.title                     
;Conformation of human serum apolipoprotein A-I(166-185) in the presence of sodium dodecyl sulfate or dodecylphosphocholine by 1H-NMR and CD. Evidence for specific peptide-SDS interactions.
;
_citation.journal_abbrev            Biochim.Biophys.Acta 
_citation.journal_volume            1301 
_citation.page_first                174 
_citation.page_last                 184 
_citation.year                      1996 
_citation.journal_id_ASTM           BBACAQ 
_citation.country                   NE 
_citation.journal_id_ISSN           0006-3002 
_citation.journal_id_CSD            0113 
_citation.book_publisher            ? 
_citation.pdbx_database_id_PubMed   8664326 
_citation.pdbx_database_id_DOI      '10.1016/0005-2760(96)00037-9' 
# 
loop_
_citation_author.citation_id 
_citation_author.name 
_citation_author.ordinal 
_citation_author.identifier_ORCID 
primary 'Wang, G.'        1 ? 
primary 'Treleaven, W.D.' 2 ? 
primary 'Cushley, R.J.'   3 ? 
# 
_entity.id                         1 
_entity.type                       polymer 
_entity.src_method                 man 
_entity.pdbx_description           'APOA-I PEPTIDE' 
_entity.formula_weight             2336.605 
_entity.pdbx_number_of_molecules   1 
_entity.pdbx_ec                    ? 
_entity.pdbx_mutation              ? 
_entity.pdbx_fragment              'RESIDUES 166 - 185' 
_entity.details                    ? 
# 
_entity_name_com.entity_id   1 
_entity_name_com.name        'APOA-I (166 - 185), APOLIPOPROTEIN A-I (166 - 185)' 
# 
_entity_poly.entity_id                      1 
_entity_poly.type                           'polypeptide(L)' 
_entity_poly.nstd_linkage                   no 
_entity_poly.nstd_monomer                   no 
_entity_poly.pdbx_seq_one_letter_code       YSDELRQRLAARLEALKENG 
_entity_poly.pdbx_seq_one_letter_code_can   YSDELRQRLAARLEALKENG 
_entity_poly.pdbx_strand_id                 A 
_entity_poly.pdbx_target_identifier         ? 
# 
loop_
_entity_poly_seq.entity_id 
_entity_poly_seq.num 
_entity_poly_seq.mon_id 
_entity_poly_seq.hetero 
1 1  TYR n 
1 2  SER n 
1 3  ASP n 
1 4  GLU n 
1 5  LEU n 
1 6  ARG n 
1 7  GLN n 
1 8  ARG n 
1 9  LEU n 
1 10 ALA n 
1 11 ALA n 
1 12 ARG n 
1 13 LEU n 
1 14 GLU n 
1 15 ALA n 
1 16 LEU n 
1 17 LYS n 
1 18 GLU n 
1 19 ASN n 
1 20 GLY n 
# 
_entity_src_gen.entity_id                          1 
_entity_src_gen.pdbx_src_id                        1 
_entity_src_gen.pdbx_alt_source_flag               sample 
_entity_src_gen.pdbx_seq_type                      ? 
_entity_src_gen.pdbx_beg_seq_num                   ? 
_entity_src_gen.pdbx_end_seq_num                   ? 
_entity_src_gen.gene_src_common_name               human 
_entity_src_gen.gene_src_genus                     Homo 
_entity_src_gen.pdbx_gene_src_gene                 ? 
_entity_src_gen.gene_src_species                   ? 
_entity_src_gen.gene_src_strain                    ? 
_entity_src_gen.gene_src_tissue                    ? 
_entity_src_gen.gene_src_tissue_fraction           ? 
_entity_src_gen.gene_src_details                   ? 
_entity_src_gen.pdbx_gene_src_fragment             ? 
_entity_src_gen.pdbx_gene_src_scientific_name      'Homo sapiens' 
_entity_src_gen.pdbx_gene_src_ncbi_taxonomy_id     9606 
_entity_src_gen.pdbx_gene_src_variant              ? 
_entity_src_gen.pdbx_gene_src_cell_line            ? 
_entity_src_gen.pdbx_gene_src_atcc                 ? 
_entity_src_gen.pdbx_gene_src_organ                ? 
_entity_src_gen.pdbx_gene_src_organelle            ? 
_entity_src_gen.pdbx_gene_src_cell                 ? 
_entity_src_gen.pdbx_gene_src_cellular_location    ? 
_entity_src_gen.host_org_common_name               ? 
_entity_src_gen.pdbx_host_org_scientific_name      ? 
_entity_src_gen.pdbx_host_org_ncbi_taxonomy_id     ? 
_entity_src_gen.host_org_genus                     ? 
_entity_src_gen.pdbx_host_org_gene                 ? 
_entity_src_gen.pdbx_host_org_organ                ? 
_entity_src_gen.host_org_species                   ? 
_entity_src_gen.pdbx_host_org_tissue               ? 
_entity_src_gen.pdbx_host_org_tissue_fraction      ? 
_entity_src_gen.pdbx_host_org_strain               ? 
_entity_src_gen.pdbx_host_org_variant              ? 
_entity_src_gen.pdbx_host_org_cell_line            ? 
_entity_src_gen.pdbx_host_org_atcc                 ? 
_entity_src_gen.pdbx_host_org_culture_collection   ? 
_entity_src_gen.pdbx_host_org_cell                 ? 
_entity_src_gen.pdbx_host_org_organelle            ? 
_entity_src_gen.pdbx_host_org_cellular_location    ? 
_entity_src_gen.pdbx_host_org_vector_type          ? 
_entity_src_gen.pdbx_host_org_vector               ? 
_entity_src_gen.host_org_details                   ? 
_entity_src_gen.expression_system_id               ? 
_entity_src_gen.plasmid_name                       ? 
_entity_src_gen.plasmid_details                    ? 
_entity_src_gen.pdbx_description                   ? 
# 
loop_
_chem_comp.id 
_chem_comp.type 
_chem_comp.mon_nstd_flag 
_chem_comp.name 
_chem_comp.pdbx_synonyms 
_chem_comp.formula 
_chem_comp.formula_weight 
ALA 'L-peptide linking' y ALANINE         ? 'C3 H7 N O2'     89.093  
ARG 'L-peptide linking' y ARGININE        ? 'C6 H15 N4 O2 1' 175.209 
ASN 'L-peptide linking' y ASPARAGINE      ? 'C4 H8 N2 O3'    132.118 
ASP 'L-peptide linking' y 'ASPARTIC ACID' ? 'C4 H7 N O4'     133.103 
GLN 'L-peptide linking' y GLUTAMINE       ? 'C5 H10 N2 O3'   146.144 
GLU 'L-peptide linking' y 'GLUTAMIC ACID' ? 'C5 H9 N O4'     147.129 
GLY 'peptide linking'   y GLYCINE         ? 'C2 H5 N O2'     75.067  
LEU 'L-peptide linking' y LEUCINE         ? 'C6 H13 N O2'    131.173 
LYS 'L-peptide linking' y LYSINE          ? 'C6 H15 N2 O2 1' 147.195 
SER 'L-peptide linking' y SERINE          ? 'C3 H7 N O3'     105.093 
TYR 'L-peptide linking' y TYROSINE        ? 'C9 H11 N O3'    181.189 
# 
loop_
_pdbx_poly_seq_scheme.asym_id 
_pdbx_poly_seq_scheme.entity_id 
_pdbx_poly_seq_scheme.seq_id 
_pdbx_poly_seq_scheme.mon_id 
_pdbx_poly_seq_scheme.ndb_seq_num 
_pdbx_poly_seq_scheme.pdb_seq_num 
_pdbx_poly_seq_scheme.auth_seq_num 
_pdbx_poly_seq_scheme.pdb_mon_id 
_pdbx_poly_seq_scheme.auth_mon_id 
_pdbx_poly_seq_scheme.pdb_strand_id 
_pdbx_poly_seq_scheme.pdb_ins_code 
_pdbx_poly_seq_scheme.hetero 
A 1 1  TYR 1  1  1  TYR TYR A . n 
A 1 2  SER 2  2  2  SER SER A . n 
A 1 3  ASP 3  3  3  ASP ASP A . n 
A 1 4  GLU 4  4  4  GLU GLU A . n 
A 1 5  LEU 5  5  5  LEU LEU A . n 
A 1 6  ARG 6  6  6  ARG ARG A . n 
A 1 7  GLN 7  7  7  GLN GLN A . n 
A 1 8  ARG 8  8  8  ARG ARG A . n 
A 1 9  LEU 9  9  9  LEU LEU A . n 
A 1 10 ALA 10 10 10 ALA ALA A . n 
A 1 11 ALA 11 11 11 ALA ALA A . n 
A 1 12 ARG 12 12 12 ARG ARG A . n 
A 1 13 LEU 13 13 13 LEU LEU A . n 
A 1 14 GLU 14 14 14 GLU GLU A . n 
A 1 15 ALA 15 15 15 ALA ALA A . n 
A 1 16 LEU 16 16 16 LEU LEU A . n 
A 1 17 LYS 17 17 17 LYS LYS A . n 
A 1 18 GLU 18 18 18 GLU GLU A . n 
A 1 19 ASN 19 19 19 ASN ASN A . n 
A 1 20 GLY 20 20 20 GLY GLY A . n 
# 
_cell.entry_id           1ODR 
_cell.length_a           1.000 
_cell.length_b           1.000 
_cell.length_c           1.000 
_cell.angle_alpha        90.00 
_cell.angle_beta         90.00 
_cell.angle_gamma        90.00 
_cell.Z_PDB              1 
_cell.pdbx_unique_axis   ? 
# 
_symmetry.entry_id                         1ODR 
_symmetry.space_group_name_H-M             'P 1' 
_symmetry.pdbx_full_space_group_name_H-M   ? 
_symmetry.cell_setting                     ? 
_symmetry.Int_Tables_number                1 
# 
_exptl.entry_id          1ODR 
_exptl.method            'SOLUTION NMR' 
_exptl.crystals_number   ? 
# 
_struct.entry_id                  1ODR 
_struct.title                     
'PEPTIDE OF HUMAN APOA-I RESIDUES 166-185. NMR, 5 STRUCTURES AT PH 6.0, 37 DEGREES CELSIUS AND PEPTIDE:DPC MOLE RATIO OF 1:40' 
_struct.pdbx_model_details        ? 
_struct.pdbx_CASP_flag            ? 
_struct.pdbx_model_type_details   ? 
# 
_struct_keywords.entry_id        1ODR 
_struct_keywords.pdbx_keywords   'LIPID TRANSPORT' 
_struct_keywords.text            'APOLIPOPROTEIN A-I, COFACTOR FOR LCAT ACTIVATION, LIPID TRANSPORT' 
# 
_struct_asym.id                            A 
_struct_asym.pdbx_blank_PDB_chainid_flag   Y 
_struct_asym.pdbx_modified                 N 
_struct_asym.entity_id                     1 
_struct_asym.details                       ? 
# 
_struct_ref.id                         1 
_struct_ref.db_name                    UNP 
_struct_ref.db_code                    APOA1_HUMAN 
_struct_ref.entity_id                  1 
_struct_ref.pdbx_db_accession          P02647 
_struct_ref.pdbx_align_begin           1 
_struct_ref.pdbx_seq_one_letter_code   
;MKAAVLTLAVLFLTGSQARHFWQQDEPPQSPWDRVKDLATVYVDVLKDSGRDYVSQFEGSALGKQLNLKLLDNWDSVTST
FSKLREQLGPVTQEFWDNLEKETEGLRQEMSKDLEEVKAKVQPYLDDFQKKWQEEMELYRQKVEPLRAELQEGARQKLHE
LQEKLSPLGEEMRDRARAHVDALRTHLAPYSDELRQRLAARLEALKENGGARLAEYHAKATEHLSTLSEKAKPALEDLRQ
GLLPVLESFKVSFLSALEEYTKKLNTQ
;
_struct_ref.pdbx_db_isoform            ? 
# 
_struct_ref_seq.align_id                      1 
_struct_ref_seq.ref_id                        1 
_struct_ref_seq.pdbx_PDB_id_code              1ODR 
_struct_ref_seq.pdbx_strand_id                A 
_struct_ref_seq.seq_align_beg                 1 
_struct_ref_seq.pdbx_seq_align_beg_ins_code   ? 
_struct_ref_seq.seq_align_end                 20 
_struct_ref_seq.pdbx_seq_align_end_ins_code   ? 
_struct_ref_seq.pdbx_db_accession             P02647 
_struct_ref_seq.db_align_beg                  190 
_struct_ref_seq.pdbx_db_align_beg_ins_code    ? 
_struct_ref_seq.db_align_end                  209 
_struct_ref_seq.pdbx_db_align_end_ins_code    ? 
_struct_ref_seq.pdbx_auth_seq_align_beg       1 
_struct_ref_seq.pdbx_auth_seq_align_end       20 
# 
_pdbx_struct_assembly.id                   1 
_pdbx_struct_assembly.details              author_defined_assembly 
_pdbx_struct_assembly.method_details       ? 
_pdbx_struct_assembly.oligomeric_details   monomeric 
_pdbx_struct_assembly.oligomeric_count     1 
# 
_pdbx_struct_assembly_gen.assembly_id       1 
_pdbx_struct_assembly_gen.oper_expression   1 
_pdbx_struct_assembly_gen.asym_id_list      A 
# 
_pdbx_struct_oper_list.id                   1 
_pdbx_struct_oper_list.type                 'identity operation' 
_pdbx_struct_oper_list.name                 1_555 
_pdbx_struct_oper_list.symmetry_operation   x,y,z 
_pdbx_struct_oper_list.matrix[1][1]         1.0000000000 
_pdbx_struct_oper_list.matrix[1][2]         0.0000000000 
_pdbx_struct_oper_list.matrix[1][3]         0.0000000000 
_pdbx_struct_oper_list.vector[1]            0.0000000000 
_pdbx_struct_oper_list.matrix[2][1]         0.0000000000 
_pdbx_struct_oper_list.matrix[2][2]         1.0000000000 
_pdbx_struct_oper_list.matrix[2][3]         0.0000000000 
_pdbx_struct_oper_list.vector[2]            0.0000000000 
_pdbx_struct_oper_list.matrix[3][1]         0.0000000000 
_pdbx_struct_oper_list.matrix[3][2]         0.0000000000 
_pdbx_struct_oper_list.matrix[3][3]         1.0000000000 
_pdbx_struct_oper_list.vector[3]            0.0000000000 
# 
_struct_biol.id   1 
# 
_struct_conf.conf_type_id            HELX_P 
_struct_conf.id                      HELX_P1 
_struct_conf.pdbx_PDB_helix_id       1 
_struct_conf.beg_label_comp_id       LEU 
_struct_conf.beg_label_asym_id       A 
_struct_conf.beg_label_seq_id        5 
_struct_conf.pdbx_beg_PDB_ins_code   ? 
_struct_conf.end_label_comp_id       LEU 
_struct_conf.end_label_asym_id       A 
_struct_conf.end_label_seq_id        16 
_struct_conf.pdbx_end_PDB_ins_code   ? 
_struct_conf.beg_auth_comp_id        LEU 
_struct_conf.beg_auth_asym_id        A 
_struct_conf.beg_auth_seq_id         5 
_struct_conf.end_auth_comp_id        LEU 
_struct_conf.end_auth_asym_id        A 
_struct_conf.end_auth_seq_id         16 
_struct_conf.pdbx_PDB_helix_class    1 
_struct_conf.details                 ? 
_struct_conf.pdbx_PDB_helix_length   12 
# 
_struct_conf_type.id          HELX_P 
_struct_conf_type.criteria    ? 
_struct_conf_type.reference   ? 
# 
loop_
_pdbx_validate_rmsd_bond.id 
_pdbx_validate_rmsd_bond.PDB_model_num 
_pdbx_validate_rmsd_bond.auth_atom_id_1 
_pdbx_validate_rmsd_bond.auth_asym_id_1 
_pdbx_validate_rmsd_bond.auth_comp_id_1 
_pdbx_validate_rmsd_bond.auth_seq_id_1 
_pdbx_validate_rmsd_bond.PDB_ins_code_1 
_pdbx_validate_rmsd_bond.label_alt_id_1 
_pdbx_validate_rmsd_bond.auth_atom_id_2 
_pdbx_validate_rmsd_bond.auth_asym_id_2 
_pdbx_validate_rmsd_bond.auth_comp_id_2 
_pdbx_validate_rmsd_bond.auth_seq_id_2 
_pdbx_validate_rmsd_bond.PDB_ins_code_2 
_pdbx_validate_rmsd_bond.label_alt_id_2 
_pdbx_validate_rmsd_bond.bond_value 
_pdbx_validate_rmsd_bond.bond_target_value 
_pdbx_validate_rmsd_bond.bond_deviation 
_pdbx_validate_rmsd_bond.bond_standard_deviation 
_pdbx_validate_rmsd_bond.linker_flag 
1  1 CD A GLU 4  ? ? OE1 A GLU 4  ? ? 1.361 1.252 0.109 0.011 N 
2  1 CD A GLU 14 ? ? OE2 A GLU 14 ? ? 1.362 1.252 0.110 0.011 N 
3  1 CD A GLU 18 ? ? OE1 A GLU 18 ? ? 1.361 1.252 0.109 0.011 N 
4  2 CD A GLU 4  ? ? OE2 A GLU 4  ? ? 1.362 1.252 0.110 0.011 N 
5  2 CD A GLU 14 ? ? OE2 A GLU 14 ? ? 1.362 1.252 0.110 0.011 N 
6  2 CD A GLU 18 ? ? OE2 A GLU 18 ? ? 1.363 1.252 0.111 0.011 N 
7  3 CD A GLU 4  ? ? OE2 A GLU 4  ? ? 1.362 1.252 0.110 0.011 N 
8  3 CD A GLU 14 ? ? OE1 A GLU 14 ? ? 1.362 1.252 0.110 0.011 N 
9  3 CD A GLU 18 ? ? OE1 A GLU 18 ? ? 1.362 1.252 0.110 0.011 N 
10 4 CD A GLU 4  ? ? OE1 A GLU 4  ? ? 1.362 1.252 0.110 0.011 N 
11 4 CD A GLU 14 ? ? OE2 A GLU 14 ? ? 1.362 1.252 0.110 0.011 N 
12 4 CD A GLU 18 ? ? OE1 A GLU 18 ? ? 1.362 1.252 0.110 0.011 N 
13 5 CD A GLU 4  ? ? OE1 A GLU 4  ? ? 1.361 1.252 0.109 0.011 N 
14 5 CD A GLU 14 ? ? OE2 A GLU 14 ? ? 1.361 1.252 0.109 0.011 N 
15 5 CD A GLU 18 ? ? OE1 A GLU 18 ? ? 1.362 1.252 0.110 0.011 N 
# 
loop_
_pdbx_validate_rmsd_angle.id 
_pdbx_validate_rmsd_angle.PDB_model_num 
_pdbx_validate_rmsd_angle.auth_atom_id_1 
_pdbx_validate_rmsd_angle.auth_asym_id_1 
_pdbx_validate_rmsd_angle.auth_comp_id_1 
_pdbx_validate_rmsd_angle.auth_seq_id_1 
_pdbx_validate_rmsd_angle.PDB_ins_code_1 
_pdbx_validate_rmsd_angle.label_alt_id_1 
_pdbx_validate_rmsd_angle.auth_atom_id_2 
_pdbx_validate_rmsd_angle.auth_asym_id_2 
_pdbx_validate_rmsd_angle.auth_comp_id_2 
_pdbx_validate_rmsd_angle.auth_seq_id_2 
_pdbx_validate_rmsd_angle.PDB_ins_code_2 
_pdbx_validate_rmsd_angle.label_alt_id_2 
_pdbx_validate_rmsd_angle.auth_atom_id_3 
_pdbx_validate_rmsd_angle.auth_asym_id_3 
_pdbx_validate_rmsd_angle.auth_comp_id_3 
_pdbx_validate_rmsd_angle.auth_seq_id_3 
_pdbx_validate_rmsd_angle.PDB_ins_code_3 
_pdbx_validate_rmsd_angle.label_alt_id_3 
_pdbx_validate_rmsd_angle.angle_value 
_pdbx_validate_rmsd_angle.angle_target_value 
_pdbx_validate_rmsd_angle.angle_deviation 
_pdbx_validate_rmsd_angle.angle_standard_deviation 
_pdbx_validate_rmsd_angle.linker_flag 
1  1 CB A ASP 3  ? ? CG A ASP 3  ? ? OD2 A ASP 3  ? ? 112.84 118.30 -5.46 0.90 N 
2  1 NE A ARG 6  ? ? CZ A ARG 6  ? ? NH1 A ARG 6  ? ? 124.32 120.30 4.02  0.50 N 
3  1 NE A ARG 8  ? ? CZ A ARG 8  ? ? NH1 A ARG 8  ? ? 124.37 120.30 4.07  0.50 N 
4  1 NE A ARG 12 ? ? CZ A ARG 12 ? ? NH1 A ARG 12 ? ? 124.34 120.30 4.04  0.50 N 
5  2 CB A ASP 3  ? ? CG A ASP 3  ? ? OD2 A ASP 3  ? ? 112.79 118.30 -5.51 0.90 N 
6  2 NE A ARG 6  ? ? CZ A ARG 6  ? ? NH1 A ARG 6  ? ? 124.34 120.30 4.04  0.50 N 
7  2 NE A ARG 8  ? ? CZ A ARG 8  ? ? NH1 A ARG 8  ? ? 124.36 120.30 4.06  0.50 N 
8  2 NE A ARG 12 ? ? CZ A ARG 12 ? ? NH1 A ARG 12 ? ? 124.38 120.30 4.08  0.50 N 
9  3 CB A ASP 3  ? ? CG A ASP 3  ? ? OD1 A ASP 3  ? ? 112.80 118.30 -5.50 0.90 N 
10 3 NE A ARG 6  ? ? CZ A ARG 6  ? ? NH1 A ARG 6  ? ? 124.40 120.30 4.10  0.50 N 
11 3 NE A ARG 8  ? ? CZ A ARG 8  ? ? NH1 A ARG 8  ? ? 124.31 120.30 4.01  0.50 N 
12 3 NE A ARG 12 ? ? CZ A ARG 12 ? ? NH1 A ARG 12 ? ? 124.33 120.30 4.03  0.50 N 
13 4 CB A ASP 3  ? ? CG A ASP 3  ? ? OD2 A ASP 3  ? ? 112.81 118.30 -5.49 0.90 N 
14 4 NE A ARG 6  ? ? CZ A ARG 6  ? ? NH1 A ARG 6  ? ? 124.34 120.30 4.04  0.50 N 
15 4 NE A ARG 8  ? ? CZ A ARG 8  ? ? NH1 A ARG 8  ? ? 124.34 120.30 4.04  0.50 N 
16 4 NE A ARG 12 ? ? CZ A ARG 12 ? ? NH1 A ARG 12 ? ? 124.40 120.30 4.10  0.50 N 
17 5 CB A ASP 3  ? ? CG A ASP 3  ? ? OD2 A ASP 3  ? ? 112.84 118.30 -5.46 0.90 N 
18 5 NE A ARG 6  ? ? CZ A ARG 6  ? ? NH1 A ARG 6  ? ? 124.37 120.30 4.07  0.50 N 
19 5 NE A ARG 8  ? ? CZ A ARG 8  ? ? NH1 A ARG 8  ? ? 124.33 120.30 4.03  0.50 N 
20 5 NE A ARG 12 ? ? CZ A ARG 12 ? ? NH1 A ARG 12 ? ? 124.38 120.30 4.08  0.50 N 
# 
loop_
_pdbx_validate_torsion.id 
_pdbx_validate_torsion.PDB_model_num 
_pdbx_validate_torsion.auth_comp_id 
_pdbx_validate_torsion.auth_asym_id 
_pdbx_validate_torsion.auth_seq_id 
_pdbx_validate_torsion.PDB_ins_code 
_pdbx_validate_torsion.label_alt_id 
_pdbx_validate_torsion.phi 
_pdbx_validate_torsion.psi 
1  1 SER A 2  ? ? -174.33 47.78  
2  1 ASP A 3  ? ? -149.45 22.79  
3  1 GLU A 4  ? ? -156.69 -53.20 
4  1 ASN A 19 ? ? -153.37 -44.88 
5  2 ASP A 3  ? ? -172.14 -46.40 
6  2 GLU A 18 ? ? -56.11  102.20 
7  2 ASN A 19 ? ? 176.09  -62.75 
8  3 ASP A 3  ? ? -175.49 -38.46 
9  3 ASN A 19 ? ? -172.24 -55.16 
10 4 ASP A 3  ? ? -179.46 -40.51 
11 4 LYS A 17 ? ? -96.95  31.24  
12 4 GLU A 18 ? ? -97.12  38.16  
13 4 ASN A 19 ? ? -170.50 -69.56 
14 5 SER A 2  ? ? -165.59 66.00  
15 5 ASN A 19 ? ? -169.76 -54.76 
# 
_pdbx_nmr_ensemble.entry_id                             1ODR 
_pdbx_nmr_ensemble.conformers_calculated_total_number   50 
_pdbx_nmr_ensemble.conformers_submitted_total_number    5 
_pdbx_nmr_ensemble.conformer_selection_criteria         
'MOST CLOSELY RESEMBLING THE AVERAGE STRUCTURE OF OF A CALCULATED SET OF 20 CONFORMERS' 
# 
_pdbx_nmr_exptl_sample_conditions.conditions_id       1 
_pdbx_nmr_exptl_sample_conditions.temperature         310 
_pdbx_nmr_exptl_sample_conditions.pressure            ? 
_pdbx_nmr_exptl_sample_conditions.pH                  6.0 
_pdbx_nmr_exptl_sample_conditions.ionic_strength      ? 
_pdbx_nmr_exptl_sample_conditions.pressure_units      . 
_pdbx_nmr_exptl_sample_conditions.temperature_units   K 
# 
loop_
_pdbx_nmr_software.classification 
_pdbx_nmr_software.name 
_pdbx_nmr_software.version 
_pdbx_nmr_software.authors 
_pdbx_nmr_software.ordinal 
refinement DGII     ? HAVEL                       1 
refinement Discover ? 'BIOSYM TECHNOLOGIES, INC.' 2 
# 
loop_
_chem_comp_atom.comp_id 
_chem_comp_atom.atom_id 
_chem_comp_atom.type_symbol 
_chem_comp_atom.pdbx_aromatic_flag 
_chem_comp_atom.pdbx_stereo_config 
_chem_comp_atom.pdbx_ordinal 
ALA N    N N N 1   
ALA CA   C N S 2   
ALA C    C N N 3   
ALA O    O N N 4   
ALA CB   C N N 5   
ALA OXT  O N N 6   
ALA H    H N N 7   
ALA H2   H N N 8   
ALA HA   H N N 9   
ALA HB1  H N N 10  
ALA HB2  H N N 11  
ALA HB3  H N N 12  
ALA HXT  H N N 13  
ARG N    N N N 14  
ARG CA   C N S 15  
ARG C    C N N 16  
ARG O    O N N 17  
ARG CB   C N N 18  
ARG CG   C N N 19  
ARG CD   C N N 20  
ARG NE   N N N 21  
ARG CZ   C N N 22  
ARG NH1  N N N 23  
ARG NH2  N N N 24  
ARG OXT  O N N 25  
ARG H    H N N 26  
ARG H2   H N N 27  
ARG HA   H N N 28  
ARG HB2  H N N 29  
ARG HB3  H N N 30  
ARG HG2  H N N 31  
ARG HG3  H N N 32  
ARG HD2  H N N 33  
ARG HD3  H N N 34  
ARG HE   H N N 35  
ARG HH11 H N N 36  
ARG HH12 H N N 37  
ARG HH21 H N N 38  
ARG HH22 H N N 39  
ARG HXT  H N N 40  
ASN N    N N N 41  
ASN CA   C N S 42  
ASN C    C N N 43  
ASN O    O N N 44  
ASN CB   C N N 45  
ASN CG   C N N 46  
ASN OD1  O N N 47  
ASN ND2  N N N 48  
ASN OXT  O N N 49  
ASN H    H N N 50  
ASN H2   H N N 51  
ASN HA   H N N 52  
ASN HB2  H N N 53  
ASN HB3  H N N 54  
ASN HD21 H N N 55  
ASN HD22 H N N 56  
ASN HXT  H N N 57  
ASP N    N N N 58  
ASP CA   C N S 59  
ASP C    C N N 60  
ASP O    O N N 61  
ASP CB   C N N 62  
ASP CG   C N N 63  
ASP OD1  O N N 64  
ASP OD2  O N N 65  
ASP OXT  O N N 66  
ASP H    H N N 67  
ASP H2   H N N 68  
ASP HA   H N N 69  
ASP HB2  H N N 70  
ASP HB3  H N N 71  
ASP HD2  H N N 72  
ASP HXT  H N N 73  
GLN N    N N N 74  
GLN CA   C N S 75  
GLN C    C N N 76  
GLN O    O N N 77  
GLN CB   C N N 78  
GLN CG   C N N 79  
GLN CD   C N N 80  
GLN OE1  O N N 81  
GLN NE2  N N N 82  
GLN OXT  O N N 83  
GLN H    H N N 84  
GLN H2   H N N 85  
GLN HA   H N N 86  
GLN HB2  H N N 87  
GLN HB3  H N N 88  
GLN HG2  H N N 89  
GLN HG3  H N N 90  
GLN HE21 H N N 91  
GLN HE22 H N N 92  
GLN HXT  H N N 93  
GLU N    N N N 94  
GLU CA   C N S 95  
GLU C    C N N 96  
GLU O    O N N 97  
GLU CB   C N N 98  
GLU CG   C N N 99  
GLU CD   C N N 100 
GLU OE1  O N N 101 
GLU OE2  O N N 102 
GLU OXT  O N N 103 
GLU H    H N N 104 
GLU H2   H N N 105 
GLU HA   H N N 106 
GLU HB2  H N N 107 
GLU HB3  H N N 108 
GLU HG2  H N N 109 
GLU HG3  H N N 110 
GLU HE2  H N N 111 
GLU HXT  H N N 112 
GLY N    N N N 113 
GLY CA   C N N 114 
GLY C    C N N 115 
GLY O    O N N 116 
GLY OXT  O N N 117 
GLY H    H N N 118 
GLY H2   H N N 119 
GLY HA2  H N N 120 
GLY HA3  H N N 121 
GLY HXT  H N N 122 
LEU N    N N N 123 
LEU CA   C N S 124 
LEU C    C N N 125 
LEU O    O N N 126 
LEU CB   C N N 127 
LEU CG   C N N 128 
LEU CD1  C N N 129 
LEU CD2  C N N 130 
LEU OXT  O N N 131 
LEU H    H N N 132 
LEU H2   H N N 133 
LEU HA   H N N 134 
LEU HB2  H N N 135 
LEU HB3  H N N 136 
LEU HG   H N N 137 
LEU HD11 H N N 138 
LEU HD12 H N N 139 
LEU HD13 H N N 140 
LEU HD21 H N N 141 
LEU HD22 H N N 142 
LEU HD23 H N N 143 
LEU HXT  H N N 144 
LYS N    N N N 145 
LYS CA   C N S 146 
LYS C    C N N 147 
LYS O    O N N 148 
LYS CB   C N N 149 
LYS CG   C N N 150 
LYS CD   C N N 151 
LYS CE   C N N 152 
LYS NZ   N N N 153 
LYS OXT  O N N 154 
LYS H    H N N 155 
LYS H2   H N N 156 
LYS HA   H N N 157 
LYS HB2  H N N 158 
LYS HB3  H N N 159 
LYS HG2  H N N 160 
LYS HG3  H N N 161 
LYS HD2  H N N 162 
LYS HD3  H N N 163 
LYS HE2  H N N 164 
LYS HE3  H N N 165 
LYS HZ1  H N N 166 
LYS HZ2  H N N 167 
LYS HZ3  H N N 168 
LYS HXT  H N N 169 
SER N    N N N 170 
SER CA   C N S 171 
SER C    C N N 172 
SER O    O N N 173 
SER CB   C N N 174 
SER OG   O N N 175 
SER OXT  O N N 176 
SER H    H N N 177 
SER H2   H N N 178 
SER HA   H N N 179 
SER HB2  H N N 180 
SER HB3  H N N 181 
SER HG   H N N 182 
SER HXT  H N N 183 
TYR N    N N N 184 
TYR CA   C N S 185 
TYR C    C N N 186 
TYR O    O N N 187 
TYR CB   C N N 188 
TYR CG   C Y N 189 
TYR CD1  C Y N 190 
TYR CD2  C Y N 191 
TYR CE1  C Y N 192 
TYR CE2  C Y N 193 
TYR CZ   C Y N 194 
TYR OH   O N N 195 
TYR OXT  O N N 196 
TYR H    H N N 197 
TYR H2   H N N 198 
TYR HA   H N N 199 
TYR HB2  H N N 200 
TYR HB3  H N N 201 
TYR HD1  H N N 202 
TYR HD2  H N N 203 
TYR HE1  H N N 204 
TYR HE2  H N N 205 
TYR HH   H N N 206 
TYR HXT  H N N 207 
# 
loop_
_chem_comp_bond.comp_id 
_chem_comp_bond.atom_id_1 
_chem_comp_bond.atom_id_2 
_chem_comp_bond.value_order 
_chem_comp_bond.pdbx_aromatic_flag 
_chem_comp_bond.pdbx_stereo_config 
_chem_comp_bond.pdbx_ordinal 
ALA N   CA   sing N N 1   
ALA N   H    sing N N 2   
ALA N   H2   sing N N 3   
ALA CA  C    sing N N 4   
ALA CA  CB   sing N N 5   
ALA CA  HA   sing N N 6   
ALA C   O    doub N N 7   
ALA C   OXT  sing N N 8   
ALA CB  HB1  sing N N 9   
ALA CB  HB2  sing N N 10  
ALA CB  HB3  sing N N 11  
ALA OXT HXT  sing N N 12  
ARG N   CA   sing N N 13  
ARG N   H    sing N N 14  
ARG N   H2   sing N N 15  
ARG CA  C    sing N N 16  
ARG CA  CB   sing N N 17  
ARG CA  HA   sing N N 18  
ARG C   O    doub N N 19  
ARG C   OXT  sing N N 20  
ARG CB  CG   sing N N 21  
ARG CB  HB2  sing N N 22  
ARG CB  HB3  sing N N 23  
ARG CG  CD   sing N N 24  
ARG CG  HG2  sing N N 25  
ARG CG  HG3  sing N N 26  
ARG CD  NE   sing N N 27  
ARG CD  HD2  sing N N 28  
ARG CD  HD3  sing N N 29  
ARG NE  CZ   sing N N 30  
ARG NE  HE   sing N N 31  
ARG CZ  NH1  sing N N 32  
ARG CZ  NH2  doub N N 33  
ARG NH1 HH11 sing N N 34  
ARG NH1 HH12 sing N N 35  
ARG NH2 HH21 sing N N 36  
ARG NH2 HH22 sing N N 37  
ARG OXT HXT  sing N N 38  
ASN N   CA   sing N N 39  
ASN N   H    sing N N 40  
ASN N   H2   sing N N 41  
ASN CA  C    sing N N 42  
ASN CA  CB   sing N N 43  
ASN CA  HA   sing N N 44  
ASN C   O    doub N N 45  
ASN C   OXT  sing N N 46  
ASN CB  CG   sing N N 47  
ASN CB  HB2  sing N N 48  
ASN CB  HB3  sing N N 49  
ASN CG  OD1  doub N N 50  
ASN CG  ND2  sing N N 51  
ASN ND2 HD21 sing N N 52  
ASN ND2 HD22 sing N N 53  
ASN OXT HXT  sing N N 54  
ASP N   CA   sing N N 55  
ASP N   H    sing N N 56  
ASP N   H2   sing N N 57  
ASP CA  C    sing N N 58  
ASP CA  CB   sing N N 59  
ASP CA  HA   sing N N 60  
ASP C   O    doub N N 61  
ASP C   OXT  sing N N 62  
ASP CB  CG   sing N N 63  
ASP CB  HB2  sing N N 64  
ASP CB  HB3  sing N N 65  
ASP CG  OD1  doub N N 66  
ASP CG  OD2  sing N N 67  
ASP OD2 HD2  sing N N 68  
ASP OXT HXT  sing N N 69  
GLN N   CA   sing N N 70  
GLN N   H    sing N N 71  
GLN N   H2   sing N N 72  
GLN CA  C    sing N N 73  
GLN CA  CB   sing N N 74  
GLN CA  HA   sing N N 75  
GLN C   O    doub N N 76  
GLN C   OXT  sing N N 77  
GLN CB  CG   sing N N 78  
GLN CB  HB2  sing N N 79  
GLN CB  HB3  sing N N 80  
GLN CG  CD   sing N N 81  
GLN CG  HG2  sing N N 82  
GLN CG  HG3  sing N N 83  
GLN CD  OE1  doub N N 84  
GLN CD  NE2  sing N N 85  
GLN NE2 HE21 sing N N 86  
GLN NE2 HE22 sing N N 87  
GLN OXT HXT  sing N N 88  
GLU N   CA   sing N N 89  
GLU N   H    sing N N 90  
GLU N   H2   sing N N 91  
GLU CA  C    sing N N 92  
GLU CA  CB   sing N N 93  
GLU CA  HA   sing N N 94  
GLU C   O    doub N N 95  
GLU C   OXT  sing N N 96  
GLU CB  CG   sing N N 97  
GLU CB  HB2  sing N N 98  
GLU CB  HB3  sing N N 99  
GLU CG  CD   sing N N 100 
GLU CG  HG2  sing N N 101 
GLU CG  HG3  sing N N 102 
GLU CD  OE1  doub N N 103 
GLU CD  OE2  sing N N 104 
GLU OE2 HE2  sing N N 105 
GLU OXT HXT  sing N N 106 
GLY N   CA   sing N N 107 
GLY N   H    sing N N 108 
GLY N   H2   sing N N 109 
GLY CA  C    sing N N 110 
GLY CA  HA2  sing N N 111 
GLY CA  HA3  sing N N 112 
GLY C   O    doub N N 113 
GLY C   OXT  sing N N 114 
GLY OXT HXT  sing N N 115 
LEU N   CA   sing N N 116 
LEU N   H    sing N N 117 
LEU N   H2   sing N N 118 
LEU CA  C    sing N N 119 
LEU CA  CB   sing N N 120 
LEU CA  HA   sing N N 121 
LEU C   O    doub N N 122 
LEU C   OXT  sing N N 123 
LEU CB  CG   sing N N 124 
LEU CB  HB2  sing N N 125 
LEU CB  HB3  sing N N 126 
LEU CG  CD1  sing N N 127 
LEU CG  CD2  sing N N 128 
LEU CG  HG   sing N N 129 
LEU CD1 HD11 sing N N 130 
LEU CD1 HD12 sing N N 131 
LEU CD1 HD13 sing N N 132 
LEU CD2 HD21 sing N N 133 
LEU CD2 HD22 sing N N 134 
LEU CD2 HD23 sing N N 135 
LEU OXT HXT  sing N N 136 
LYS N   CA   sing N N 137 
LYS N   H    sing N N 138 
LYS N   H2   sing N N 139 
LYS CA  C    sing N N 140 
LYS CA  CB   sing N N 141 
LYS CA  HA   sing N N 142 
LYS C   O    doub N N 143 
LYS C   OXT  sing N N 144 
LYS CB  CG   sing N N 145 
LYS CB  HB2  sing N N 146 
LYS CB  HB3  sing N N 147 
LYS CG  CD   sing N N 148 
LYS CG  HG2  sing N N 149 
LYS CG  HG3  sing N N 150 
LYS CD  CE   sing N N 151 
LYS CD  HD2  sing N N 152 
LYS CD  HD3  sing N N 153 
LYS CE  NZ   sing N N 154 
LYS CE  HE2  sing N N 155 
LYS CE  HE3  sing N N 156 
LYS NZ  HZ1  sing N N 157 
LYS NZ  HZ2  sing N N 158 
LYS NZ  HZ3  sing N N 159 
LYS OXT HXT  sing N N 160 
SER N   CA   sing N N 161 
SER N   H    sing N N 162 
SER N   H2   sing N N 163 
SER CA  C    sing N N 164 
SER CA  CB   sing N N 165 
SER CA  HA   sing N N 166 
SER C   O    doub N N 167 
SER C   OXT  sing N N 168 
SER CB  OG   sing N N 169 
SER CB  HB2  sing N N 170 
SER CB  HB3  sing N N 171 
SER OG  HG   sing N N 172 
SER OXT HXT  sing N N 173 
TYR N   CA   sing N N 174 
TYR N   H    sing N N 175 
TYR N   H2   sing N N 176 
TYR CA  C    sing N N 177 
TYR CA  CB   sing N N 178 
TYR CA  HA   sing N N 179 
TYR C   O    doub N N 180 
TYR C   OXT  sing N N 181 
TYR CB  CG   sing N N 182 
TYR CB  HB2  sing N N 183 
TYR CB  HB3  sing N N 184 
TYR CG  CD1  doub Y N 185 
TYR CG  CD2  sing Y N 186 
TYR CD1 CE1  sing Y N 187 
TYR CD1 HD1  sing N N 188 
TYR CD2 CE2  doub Y N 189 
TYR CD2 HD2  sing N N 190 
TYR CE1 CZ   doub Y N 191 
TYR CE1 HE1  sing N N 192 
TYR CE2 CZ   sing Y N 193 
TYR CE2 HE2  sing N N 194 
TYR CZ  OH   sing N N 195 
TYR OH  HH   sing N N 196 
TYR OXT HXT  sing N N 197 
# 
_atom_sites.entry_id                    1ODR 
_atom_sites.fract_transf_matrix[1][1]   1.000000 
_atom_sites.fract_transf_matrix[1][2]   0.000000 
_atom_sites.fract_transf_matrix[1][3]   0.000000 
_atom_sites.fract_transf_matrix[2][1]   0.000000 
_atom_sites.fract_transf_matrix[2][2]   1.000000 
_atom_sites.fract_transf_matrix[2][3]   0.000000 
_atom_sites.fract_transf_matrix[3][1]   0.000000 
_atom_sites.fract_transf_matrix[3][2]   0.000000 
_atom_sites.fract_transf_matrix[3][3]   1.000000 
_atom_sites.fract_transf_vector[1]      0.00000 
_atom_sites.fract_transf_vector[2]      0.00000 
_atom_sites.fract_transf_vector[3]      0.00000 
# 
loop_
_atom_type.symbol 
C 
H 
N 
O 
# 
loop_
_atom_site.group_PDB 
_atom_site.id 
_atom_site.type_symbol 
_atom_site.label_atom_id 
_atom_site.label_alt_id 
_atom_site.label_comp_id 
_atom_site.label_asym_id 
_atom_site.label_entity_id 
_atom_site.label_seq_id 
_atom_site.pdbx_PDB_ins_code 
_atom_site.Cartn_x 
_atom_site.Cartn_y 
_atom_site.Cartn_z 
_atom_site.occupancy 
_atom_site.B_iso_or_equiv 
_atom_site.pdbx_formal_charge 
_atom_site.auth_seq_id 
_atom_site.auth_comp_id 
_atom_site.auth_asym_id 
_atom_site.auth_atom_id 
_atom_site.pdbx_PDB_model_num 
ATOM 1    N N    . TYR A 1 1  ? 7.991  13.885  5.484   1.00 0.00 ? 1  TYR A N    1 
ATOM 2    C CA   . TYR A 1 1  ? 7.179  13.407  4.368   1.00 0.00 ? 1  TYR A CA   1 
ATOM 3    C C    . TYR A 1 1  ? 6.852  11.942  4.527   1.00 0.00 ? 1  TYR A C    1 
ATOM 4    O O    . TYR A 1 1  ? 7.569  11.057  4.046   1.00 0.00 ? 1  TYR A O    1 
ATOM 5    C CB   . TYR A 1 1  ? 7.931  13.586  3.017   1.00 0.00 ? 1  TYR A CB   1 
ATOM 6    C CG   . TYR A 1 1  ? 8.364  15.005  2.631   1.00 0.00 ? 1  TYR A CG   1 
ATOM 7    C CD1  . TYR A 1 1  ? 7.858  16.120  3.304   1.00 0.00 ? 1  TYR A CD1  1 
ATOM 8    C CD2  . TYR A 1 1  ? 9.274  15.186  1.582   1.00 0.00 ? 1  TYR A CD2  1 
ATOM 9    C CE1  . TYR A 1 1  ? 8.252  17.401  2.929   1.00 0.00 ? 1  TYR A CE1  1 
ATOM 10   C CE2  . TYR A 1 1  ? 9.667  16.468  1.210   1.00 0.00 ? 1  TYR A CE2  1 
ATOM 11   C CZ   . TYR A 1 1  ? 9.157  17.574  1.885   1.00 0.00 ? 1  TYR A CZ   1 
ATOM 12   O OH   . TYR A 1 1  ? 9.540  18.833  1.519   1.00 0.00 ? 1  TYR A OH   1 
ATOM 13   H H1   . TYR A 1 1  ? 7.736  13.371  6.340   1.00 0.00 ? 1  TYR A H1   1 
ATOM 14   H H2   . TYR A 1 1  ? 8.988  13.731  5.275   1.00 0.00 ? 1  TYR A H2   1 
ATOM 15   H H3   . TYR A 1 1  ? 7.822  14.892  5.626   1.00 0.00 ? 1  TYR A H3   1 
ATOM 16   H HA   . TYR A 1 1  ? 6.225  13.969  4.353   1.00 0.00 ? 1  TYR A HA   1 
ATOM 17   H HB2  . TYR A 1 1  ? 8.821  12.917  3.005   1.00 0.00 ? 1  TYR A HB2  1 
ATOM 18   H HB3  . TYR A 1 1  ? 7.305  13.194  2.189   1.00 0.00 ? 1  TYR A HB3  1 
ATOM 19   H HD1  . TYR A 1 1  ? 7.157  15.996  4.118   1.00 0.00 ? 1  TYR A HD1  1 
ATOM 20   H HD2  . TYR A 1 1  ? 9.679  14.330  1.060   1.00 0.00 ? 1  TYR A HD2  1 
ATOM 21   H HE1  . TYR A 1 1  ? 7.864  18.264  3.450   1.00 0.00 ? 1  TYR A HE1  1 
ATOM 22   H HE2  . TYR A 1 1  ? 10.371 16.593  0.401   1.00 0.00 ? 1  TYR A HE2  1 
ATOM 23   H HH   . TYR A 1 1  ? 8.761  19.316  1.235   1.00 0.00 ? 1  TYR A HH   1 
ATOM 24   N N    . SER A 1 2  ? 5.751  11.658  5.198   1.00 0.00 ? 2  SER A N    1 
ATOM 25   C CA   . SER A 1 2  ? 5.353  10.283  5.484   1.00 0.00 ? 2  SER A CA   1 
ATOM 26   C C    . SER A 1 2  ? 3.993  10.231  6.141   1.00 0.00 ? 2  SER A C    1 
ATOM 27   O O    . SER A 1 2  ? 3.782  9.561   7.158   1.00 0.00 ? 2  SER A O    1 
ATOM 28   C CB   . SER A 1 2  ? 6.425  9.569   6.347   1.00 0.00 ? 2  SER A CB   1 
ATOM 29   O OG   . SER A 1 2  ? 6.625  10.203  7.617   1.00 0.00 ? 2  SER A OG   1 
ATOM 30   H H    . SER A 1 2  ? 5.194  12.478  5.529   1.00 0.00 ? 2  SER A H    1 
ATOM 31   H HA   . SER A 1 2  ? 5.262  9.749   4.520   1.00 0.00 ? 2  SER A HA   1 
ATOM 32   H HB2  . SER A 1 2  ? 6.120  8.519   6.531   1.00 0.00 ? 2  SER A HB2  1 
ATOM 33   H HB3  . SER A 1 2  ? 7.392  9.498   5.815   1.00 0.00 ? 2  SER A HB3  1 
ATOM 34   H HG   . SER A 1 2  ? 5.951  9.868   8.214   1.00 0.00 ? 2  SER A HG   1 
ATOM 35   N N    . ASP A 1 3  ? 3.044  10.951  5.572   1.00 0.00 ? 3  ASP A N    1 
ATOM 36   C CA   . ASP A 1 3  ? 1.694  11.041  6.124   1.00 0.00 ? 3  ASP A CA   1 
ATOM 37   C C    . ASP A 1 3  ? 0.654  11.244  5.046   1.00 0.00 ? 3  ASP A C    1 
ATOM 38   O O    . ASP A 1 3  ? -0.444 11.760  5.278   1.00 0.00 ? 3  ASP A O    1 
ATOM 39   C CB   . ASP A 1 3  ? 1.637  12.178  7.182   1.00 0.00 ? 3  ASP A CB   1 
ATOM 40   C CG   . ASP A 1 3  ? 1.451  11.758  8.646   1.00 0.00 ? 3  ASP A CG   1 
ATOM 41   O OD1  . ASP A 1 3  ? 0.670  10.886  8.998   1.00 0.00 ? 3  ASP A OD1  1 
ATOM 42   O OD2  . ASP A 1 3  ? 2.264  12.448  9.503   1.00 0.00 ? 3  ASP A OD2  1 
ATOM 43   H H    . ASP A 1 3  ? 3.321  11.469  4.708   1.00 0.00 ? 3  ASP A H    1 
ATOM 44   H HA   . ASP A 1 3  ? 1.479  10.065  6.593   1.00 0.00 ? 3  ASP A HA   1 
ATOM 45   H HB2  . ASP A 1 3  ? 2.541  12.812  7.131   1.00 0.00 ? 3  ASP A HB2  1 
ATOM 46   H HB3  . ASP A 1 3  ? 0.805  12.868  6.930   1.00 0.00 ? 3  ASP A HB3  1 
ATOM 47   N N    . GLU A 1 4  ? 0.996  10.851  3.833   1.00 0.00 ? 4  GLU A N    1 
ATOM 48   C CA   . GLU A 1 4  ? 0.155  11.083  2.662   1.00 0.00 ? 4  GLU A CA   1 
ATOM 49   C C    . GLU A 1 4  ? 0.474  10.085  1.572   1.00 0.00 ? 4  GLU A C    1 
ATOM 50   O O    . GLU A 1 4  ? -0.395 9.393   1.035   1.00 0.00 ? 4  GLU A O    1 
ATOM 51   C CB   . GLU A 1 4  ? 0.391  12.538  2.170   1.00 0.00 ? 4  GLU A CB   1 
ATOM 52   C CG   . GLU A 1 4  ? 1.662  13.279  2.704   1.00 0.00 ? 4  GLU A CG   1 
ATOM 53   C CD   . GLU A 1 4  ? 1.602  14.800  2.866   1.00 0.00 ? 4  GLU A CD   1 
ATOM 54   O OE1  . GLU A 1 4  ? 1.048  15.444  1.802   1.00 0.00 ? 4  GLU A OE1  1 
ATOM 55   O OE2  . GLU A 1 4  ? 2.016  15.381  3.861   1.00 0.00 ? 4  GLU A OE2  1 
ATOM 56   H H    . GLU A 1 4  ? 1.889  10.314  3.766   1.00 0.00 ? 4  GLU A H    1 
ATOM 57   H HA   . GLU A 1 4  ? -0.905 10.951  2.948   1.00 0.00 ? 4  GLU A HA   1 
ATOM 58   H HB2  . GLU A 1 4  ? 0.428  12.538  1.063   1.00 0.00 ? 4  GLU A HB2  1 
ATOM 59   H HB3  . GLU A 1 4  ? -0.506 13.144  2.409   1.00 0.00 ? 4  GLU A HB3  1 
ATOM 60   H HG2  . GLU A 1 4  ? 1.946  12.865  3.690   1.00 0.00 ? 4  GLU A HG2  1 
ATOM 61   H HG3  . GLU A 1 4  ? 2.531  13.060  2.056   1.00 0.00 ? 4  GLU A HG3  1 
ATOM 62   N N    . LEU A 1 5  ? 1.748  10.007  1.227   1.00 0.00 ? 5  LEU A N    1 
ATOM 63   C CA   . LEU A 1 5  ? 2.209  9.115   0.166   1.00 0.00 ? 5  LEU A CA   1 
ATOM 64   C C    . LEU A 1 5  ? 2.411  7.708   0.677   1.00 0.00 ? 5  LEU A C    1 
ATOM 65   O O    . LEU A 1 5  ? 2.333  6.729   -0.075  1.00 0.00 ? 5  LEU A O    1 
ATOM 66   C CB   . LEU A 1 5  ? 3.518  9.663   -0.473  1.00 0.00 ? 5  LEU A CB   1 
ATOM 67   C CG   . LEU A 1 5  ? 3.416  10.914  -1.387  1.00 0.00 ? 5  LEU A CG   1 
ATOM 68   C CD1  . LEU A 1 5  ? 4.583  11.871  -1.102  1.00 0.00 ? 5  LEU A CD1  1 
ATOM 69   C CD2  . LEU A 1 5  ? 3.393  10.559  -2.882  1.00 0.00 ? 5  LEU A CD2  1 
ATOM 70   H H    . LEU A 1 5  ? 2.400  10.656  1.725   1.00 0.00 ? 5  LEU A H    1 
ATOM 71   H HA   . LEU A 1 5  ? 1.419  9.053   -0.604  1.00 0.00 ? 5  LEU A HA   1 
ATOM 72   H HB2  . LEU A 1 5  ? 4.242  9.887   0.337   1.00 0.00 ? 5  LEU A HB2  1 
ATOM 73   H HB3  . LEU A 1 5  ? 3.993  8.848   -1.053  1.00 0.00 ? 5  LEU A HB3  1 
ATOM 74   H HG   . LEU A 1 5  ? 2.473  11.447  -1.140  1.00 0.00 ? 5  LEU A HG   1 
ATOM 75   H HD11 . LEU A 1 5  ? 4.608  12.184  -0.040  1.00 0.00 ? 5  LEU A HD11 1 
ATOM 76   H HD12 . LEU A 1 5  ? 5.566  11.415  -1.329  1.00 0.00 ? 5  LEU A HD12 1 
ATOM 77   H HD13 . LEU A 1 5  ? 4.507  12.797  -1.701  1.00 0.00 ? 5  LEU A HD13 1 
ATOM 78   H HD21 . LEU A 1 5  ? 4.270  9.959   -3.185  1.00 0.00 ? 5  LEU A HD21 1 
ATOM 79   H HD22 . LEU A 1 5  ? 2.490  9.975   -3.142  1.00 0.00 ? 5  LEU A HD22 1 
ATOM 80   H HD23 . LEU A 1 5  ? 3.367  11.461  -3.521  1.00 0.00 ? 5  LEU A HD23 1 
ATOM 81   N N    . ARG A 1 6  ? 2.694  7.581   1.959   1.00 0.00 ? 6  ARG A N    1 
ATOM 82   C CA   . ARG A 1 6  ? 2.822  6.275   2.599   1.00 0.00 ? 6  ARG A CA   1 
ATOM 83   C C    . ARG A 1 6  ? 1.555  5.467   2.445   1.00 0.00 ? 6  ARG A C    1 
ATOM 84   O O    . ARG A 1 6  ? 1.578  4.244   2.270   1.00 0.00 ? 6  ARG A O    1 
ATOM 85   C CB   . ARG A 1 6  ? 3.184  6.483   4.097   1.00 0.00 ? 6  ARG A CB   1 
ATOM 86   C CG   . ARG A 1 6  ? 3.822  5.252   4.792   1.00 0.00 ? 6  ARG A CG   1 
ATOM 87   C CD   . ARG A 1 6  ? 3.657  5.284   6.317   1.00 0.00 ? 6  ARG A CD   1 
ATOM 88   N NE   . ARG A 1 6  ? 2.290  4.808   6.650   1.00 0.00 ? 6  ARG A NE   1 
ATOM 89   C CZ   . ARG A 1 6  ? 1.975  4.026   7.673   1.00 0.00 ? 6  ARG A CZ   1 
ATOM 90   N NH1  . ARG A 1 6  ? 2.833  3.564   8.534   1.00 0.00 ? 6  ARG A NH1  1 
ATOM 91   N NH2  . ARG A 1 6  ? 0.738  3.708   7.818   1.00 0.00 ? 6  ARG A NH2  1 
ATOM 92   H H    . ARG A 1 6  ? 2.873  8.470   2.478   1.00 0.00 ? 6  ARG A H    1 
ATOM 93   H HA   . ARG A 1 6  ? 3.636  5.721   2.098   1.00 0.00 ? 6  ARG A HA   1 
ATOM 94   H HB2  . ARG A 1 6  ? 3.880  7.338   4.197   1.00 0.00 ? 6  ARG A HB2  1 
ATOM 95   H HB3  . ARG A 1 6  ? 2.275  6.797   4.647   1.00 0.00 ? 6  ARG A HB3  1 
ATOM 96   H HG2  . ARG A 1 6  ? 3.380  4.315   4.393   1.00 0.00 ? 6  ARG A HG2  1 
ATOM 97   H HG3  . ARG A 1 6  ? 4.904  5.180   4.562   1.00 0.00 ? 6  ARG A HG3  1 
ATOM 98   H HD2  . ARG A 1 6  ? 4.419  4.642   6.802   1.00 0.00 ? 6  ARG A HD2  1 
ATOM 99   H HD3  . ARG A 1 6  ? 3.810  6.314   6.700   1.00 0.00 ? 6  ARG A HD3  1 
ATOM 100  H HE   . ARG A 1 6  ? 1.522  5.112   6.034   1.00 0.00 ? 6  ARG A HE   1 
ATOM 101  H HH11 . ARG A 1 6  ? 3.789  3.865   8.349   1.00 0.00 ? 6  ARG A HH11 1 
ATOM 102  H HH12 . ARG A 1 6  ? 2.469  2.971   9.280   1.00 0.00 ? 6  ARG A HH12 1 
ATOM 103  H HH21 . ARG A 1 6  ? 0.150  4.121   7.092   1.00 0.00 ? 6  ARG A HH21 1 
ATOM 104  H HH22 . ARG A 1 6  ? 0.489  3.107   8.601   1.00 0.00 ? 6  ARG A HH22 1 
ATOM 105  N N    . GLN A 1 7  ? 0.423  6.141   2.528   1.00 0.00 ? 7  GLN A N    1 
ATOM 106  C CA   . GLN A 1 7  ? -0.876 5.503   2.336   1.00 0.00 ? 7  GLN A CA   1 
ATOM 107  C C    . GLN A 1 7  ? -1.023 4.983   0.925   1.00 0.00 ? 7  GLN A C    1 
ATOM 108  O O    . GLN A 1 7  ? -1.586 3.911   0.679   1.00 0.00 ? 7  GLN A O    1 
ATOM 109  C CB   . GLN A 1 7  ? -1.984 6.526   2.665   1.00 0.00 ? 7  GLN A CB   1 
ATOM 110  C CG   . GLN A 1 7  ? -2.047 7.023   4.148   1.00 0.00 ? 7  GLN A CG   1 
ATOM 111  C CD   . GLN A 1 7  ? -3.389 7.000   4.888   1.00 0.00 ? 7  GLN A CD   1 
ATOM 112  O OE1  . GLN A 1 7  ? -3.442 6.813   6.094   1.00 0.00 ? 7  GLN A OE1  1 
ATOM 113  N NE2  . GLN A 1 7  ? -4.503 7.194   4.230   1.00 0.00 ? 7  GLN A NE2  1 
ATOM 114  H H    . GLN A 1 7  ? 0.510  7.148   2.791   1.00 0.00 ? 7  GLN A H    1 
ATOM 115  H HA   . GLN A 1 7  ? -0.949 4.639   3.022   1.00 0.00 ? 7  GLN A HA   1 
ATOM 116  H HB2  . GLN A 1 7  ? -1.866 7.407   2.004   1.00 0.00 ? 7  GLN A HB2  1 
ATOM 117  H HB3  . GLN A 1 7  ? -2.965 6.086   2.391   1.00 0.00 ? 7  GLN A HB3  1 
ATOM 118  H HG2  . GLN A 1 7  ? -1.318 6.465   4.767   1.00 0.00 ? 7  GLN A HG2  1 
ATOM 119  H HG3  . GLN A 1 7  ? -1.713 8.074   4.214   1.00 0.00 ? 7  GLN A HG3  1 
ATOM 120  H HE21 . GLN A 1 7  ? -4.390 7.353   3.227   1.00 0.00 ? 7  GLN A HE21 1 
ATOM 121  H HE22 . GLN A 1 7  ? -5.350 7.199   4.802   1.00 0.00 ? 7  GLN A HE22 1 
ATOM 122  N N    . ARG A 1 8  ? -0.506 5.736   -0.027  1.00 0.00 ? 8  ARG A N    1 
ATOM 123  C CA   . ARG A 1 8  ? -0.570 5.361   -1.437  1.00 0.00 ? 8  ARG A CA   1 
ATOM 124  C C    . ARG A 1 8  ? 0.101  4.028   -1.670  1.00 0.00 ? 8  ARG A C    1 
ATOM 125  O O    . ARG A 1 8  ? -0.380 3.170   -2.416  1.00 0.00 ? 8  ARG A O    1 
ATOM 126  C CB   . ARG A 1 8  ? 0.092  6.481   -2.285  1.00 0.00 ? 8  ARG A CB   1 
ATOM 127  C CG   . ARG A 1 8  ? 1.175  5.993   -3.283  1.00 0.00 ? 8  ARG A CG   1 
ATOM 128  C CD   . ARG A 1 8  ? 0.590  5.138   -4.414  1.00 0.00 ? 8  ARG A CD   1 
ATOM 129  N NE   . ARG A 1 8  ? 0.068  6.048   -5.465  1.00 0.00 ? 8  ARG A NE   1 
ATOM 130  C CZ   . ARG A 1 8  ? 0.497  6.100   -6.719  1.00 0.00 ? 8  ARG A CZ   1 
ATOM 131  N NH1  . ARG A 1 8  ? 1.447  5.356   -7.202  1.00 0.00 ? 8  ARG A NH1  1 
ATOM 132  N NH2  . ARG A 1 8  ? -0.069 6.947   -7.505  1.00 0.00 ? 8  ARG A NH2  1 
ATOM 133  H H    . ARG A 1 8  ? -0.004 6.596   0.294   1.00 0.00 ? 8  ARG A H    1 
ATOM 134  H HA   . ARG A 1 8  ? -1.634 5.256   -1.720  1.00 0.00 ? 8  ARG A HA   1 
ATOM 135  H HB2  . ARG A 1 8  ? -0.686 7.025   -2.856  1.00 0.00 ? 8  ARG A HB2  1 
ATOM 136  H HB3  . ARG A 1 8  ? 0.525  7.248   -1.609  1.00 0.00 ? 8  ARG A HB3  1 
ATOM 137  H HG2  . ARG A 1 8  ? 1.712  6.851   -3.737  1.00 0.00 ? 8  ARG A HG2  1 
ATOM 138  H HG3  . ARG A 1 8  ? 1.954  5.415   -2.747  1.00 0.00 ? 8  ARG A HG3  1 
ATOM 139  H HD2  . ARG A 1 8  ? 1.367  4.467   -4.833  1.00 0.00 ? 8  ARG A HD2  1 
ATOM 140  H HD3  . ARG A 1 8  ? -0.223 4.490   -4.026  1.00 0.00 ? 8  ARG A HD3  1 
ATOM 141  H HE   . ARG A 1 8  ? -0.691 6.691   -5.199  1.00 0.00 ? 8  ARG A HE   1 
ATOM 142  H HH11 . ARG A 1 8  ? 1.843  4.715   -6.513  1.00 0.00 ? 8  ARG A HH11 1 
ATOM 143  H HH12 . ARG A 1 8  ? 1.689  5.489   -8.182  1.00 0.00 ? 8  ARG A HH12 1 
ATOM 144  H HH21 . ARG A 1 8  ? -0.799 7.481   -7.029  1.00 0.00 ? 8  ARG A HH21 1 
ATOM 145  H HH22 . ARG A 1 8  ? 0.255  6.992   -8.469  1.00 0.00 ? 8  ARG A HH22 1 
ATOM 146  N N    . LEU A 1 9  ? 1.245  3.841   -1.037  1.00 0.00 ? 9  LEU A N    1 
ATOM 147  C CA   . LEU A 1 9  ? 2.021  2.610   -1.171  1.00 0.00 ? 9  LEU A CA   1 
ATOM 148  C C    . LEU A 1 9  ? 1.253  1.428   -0.630  1.00 0.00 ? 9  LEU A C    1 
ATOM 149  O O    . LEU A 1 9  ? 1.254  0.331   -1.195  1.00 0.00 ? 9  LEU A O    1 
ATOM 150  C CB   . LEU A 1 9  ? 3.397  2.760   -0.459  1.00 0.00 ? 9  LEU A CB   1 
ATOM 151  C CG   . LEU A 1 9  ? 3.818  1.728   0.619   1.00 0.00 ? 9  LEU A CG   1 
ATOM 152  C CD1  . LEU A 1 9  ? 4.661  0.577   0.047   1.00 0.00 ? 9  LEU A CD1  1 
ATOM 153  C CD2  . LEU A 1 9  ? 4.608  2.433   1.737   1.00 0.00 ? 9  LEU A CD2  1 
ATOM 154  H H    . LEU A 1 9  ? 1.542  4.609   -0.393  1.00 0.00 ? 9  LEU A H    1 
ATOM 155  H HA   . LEU A 1 9  ? 2.180  2.410   -2.246  1.00 0.00 ? 9  LEU A HA   1 
ATOM 156  H HB2  . LEU A 1 9  ? 4.195  2.786   -1.239  1.00 0.00 ? 9  LEU A HB2  1 
ATOM 157  H HB3  . LEU A 1 9  ? 3.444  3.776   -0.003  1.00 0.00 ? 9  LEU A HB3  1 
ATOM 158  H HG   . LEU A 1 9  ? 2.905  1.296   1.079   1.00 0.00 ? 9  LEU A HG   1 
ATOM 159  H HD11 . LEU A 1 9  ? 4.174  0.131   -0.843  1.00 0.00 ? 9  LEU A HD11 1 
ATOM 160  H HD12 . LEU A 1 9  ? 5.657  0.919   -0.291  1.00 0.00 ? 9  LEU A HD12 1 
ATOM 161  H HD13 . LEU A 1 9  ? 4.815  -0.238  0.778   1.00 0.00 ? 9  LEU A HD13 1 
ATOM 162  H HD21 . LEU A 1 9  ? 4.050  3.297   2.148   1.00 0.00 ? 9  LEU A HD21 1 
ATOM 163  H HD22 . LEU A 1 9  ? 4.833  1.758   2.583   1.00 0.00 ? 9  LEU A HD22 1 
ATOM 164  H HD23 . LEU A 1 9  ? 5.572  2.827   1.368   1.00 0.00 ? 9  LEU A HD23 1 
ATOM 165  N N    . ALA A 1 10 ? 0.593  1.636   0.497   1.00 0.00 ? 10 ALA A N    1 
ATOM 166  C CA   . ALA A 1 10 ? -0.239 0.603   1.105   1.00 0.00 ? 10 ALA A CA   1 
ATOM 167  C C    . ALA A 1 10 ? -1.302 0.124   0.144   1.00 0.00 ? 10 ALA A C    1 
ATOM 168  O O    . ALA A 1 10 ? -1.691 -1.048  0.133   1.00 0.00 ? 10 ALA A O    1 
ATOM 169  C CB   . ALA A 1 10 ? -0.830 1.179   2.404   1.00 0.00 ? 10 ALA A CB   1 
ATOM 170  H H    . ALA A 1 10 ? 0.745  2.567   0.947   1.00 0.00 ? 10 ALA A H    1 
ATOM 171  H HA   . ALA A 1 10 ? 0.399  -0.268  1.346   1.00 0.00 ? 10 ALA A HA   1 
ATOM 172  H HB1  . ALA A 1 10 ? -0.037 1.488   3.113   1.00 0.00 ? 10 ALA A HB1  1 
ATOM 173  H HB2  . ALA A 1 10 ? -1.462 2.068   2.217   1.00 0.00 ? 10 ALA A HB2  1 
ATOM 174  H HB3  . ALA A 1 10 ? -1.458 0.440   2.936   1.00 0.00 ? 10 ALA A HB3  1 
ATOM 175  N N    . ALA A 1 11 ? -1.804 1.034   -0.672  1.00 0.00 ? 11 ALA A N    1 
ATOM 176  C CA   . ALA A 1 11 ? -2.912 0.731   -1.575  1.00 0.00 ? 11 ALA A CA   1 
ATOM 177  C C    . ALA A 1 11 ? -2.490 -0.252  -2.641  1.00 0.00 ? 11 ALA A C    1 
ATOM 178  O O    . ALA A 1 11 ? -3.212 -1.194  -2.984  1.00 0.00 ? 11 ALA A O    1 
ATOM 179  C CB   . ALA A 1 11 ? -3.417 2.062   -2.159  1.00 0.00 ? 11 ALA A CB   1 
ATOM 180  H H    . ALA A 1 11 ? -1.393 1.991   -0.598  1.00 0.00 ? 11 ALA A H    1 
ATOM 181  H HA   . ALA A 1 11 ? -3.721 0.255   -0.991  1.00 0.00 ? 11 ALA A HA   1 
ATOM 182  H HB1  . ALA A 1 11 ? -3.758 2.756   -1.367  1.00 0.00 ? 11 ALA A HB1  1 
ATOM 183  H HB2  . ALA A 1 11 ? -2.632 2.590   -2.734  1.00 0.00 ? 11 ALA A HB2  1 
ATOM 184  H HB3  . ALA A 1 11 ? -4.275 1.914   -2.840  1.00 0.00 ? 11 ALA A HB3  1 
ATOM 185  N N    . ARG A 1 12 ? -1.311 -0.036  -3.194  1.00 0.00 ? 12 ARG A N    1 
ATOM 186  C CA   . ARG A 1 12 ? -0.743 -0.946  -4.184  1.00 0.00 ? 12 ARG A CA   1 
ATOM 187  C C    . ARG A 1 12 ? -0.555 -2.328  -3.603  1.00 0.00 ? 12 ARG A C    1 
ATOM 188  O O    . ARG A 1 12 ? -0.755 -3.352  -4.264  1.00 0.00 ? 12 ARG A O    1 
ATOM 189  C CB   . ARG A 1 12 ? 0.601  -0.357  -4.696  1.00 0.00 ? 12 ARG A CB   1 
ATOM 190  C CG   . ARG A 1 12 ? 1.285  -1.168  -5.828  1.00 0.00 ? 12 ARG A CG   1 
ATOM 191  C CD   . ARG A 1 12 ? 2.140  -0.287  -6.748  1.00 0.00 ? 12 ARG A CD   1 
ATOM 192  N NE   . ARG A 1 12 ? 3.547  -0.344  -6.276  1.00 0.00 ? 12 ARG A NE   1 
ATOM 193  C CZ   . ARG A 1 12 ? 4.047  0.345   -5.260  1.00 0.00 ? 12 ARG A CZ   1 
ATOM 194  N NH1  . ARG A 1 12 ? 3.363  1.173   -4.528  1.00 0.00 ? 12 ARG A NH1  1 
ATOM 195  N NH2  . ARG A 1 12 ? 5.293  0.180   -4.987  1.00 0.00 ? 12 ARG A NH2  1 
ATOM 196  H H    . ARG A 1 12 ? -0.789 0.798   -2.845  1.00 0.00 ? 12 ARG A H    1 
ATOM 197  H HA   . ARG A 1 12 ? -1.453 -1.030  -5.027  1.00 0.00 ? 12 ARG A HA   1 
ATOM 198  H HB2  . ARG A 1 12 ? 0.441  0.689   -5.030  1.00 0.00 ? 12 ARG A HB2  1 
ATOM 199  H HB3  . ARG A 1 12 ? 1.314  -0.273  -3.852  1.00 0.00 ? 12 ARG A HB3  1 
ATOM 200  H HG2  . ARG A 1 12 ? 1.916  -1.971  -5.395  1.00 0.00 ? 12 ARG A HG2  1 
ATOM 201  H HG3  . ARG A 1 12 ? 0.533  -1.694  -6.451  1.00 0.00 ? 12 ARG A HG3  1 
ATOM 202  H HD2  . ARG A 1 12 ? 2.069  -0.640  -7.798  1.00 0.00 ? 12 ARG A HD2  1 
ATOM 203  H HD3  . ARG A 1 12 ? 1.770  0.759   -6.732  1.00 0.00 ? 12 ARG A HD3  1 
ATOM 204  H HE   . ARG A 1 12 ? 4.188  -0.974  -6.781  1.00 0.00 ? 12 ARG A HE   1 
ATOM 205  H HH11 . ARG A 1 12 ? 2.384  1.243   -4.810  1.00 0.00 ? 12 ARG A HH11 1 
ATOM 206  H HH12 . ARG A 1 12 ? 3.859  1.646   -3.775  1.00 0.00 ? 12 ARG A HH12 1 
ATOM 207  H HH21 . ARG A 1 12 ? 5.737  -0.488  -5.619  1.00 0.00 ? 12 ARG A HH21 1 
ATOM 208  H HH22 . ARG A 1 12 ? 5.684  0.709   -4.210  1.00 0.00 ? 12 ARG A HH22 1 
ATOM 209  N N    . LEU A 1 13 ? -0.146 -2.374  -2.349  1.00 0.00 ? 13 LEU A N    1 
ATOM 210  C CA   . LEU A 1 13 ? 0.171  -3.634  -1.678  1.00 0.00 ? 13 LEU A CA   1 
ATOM 211  C C    . LEU A 1 13 ? -1.068 -4.443  -1.378  1.00 0.00 ? 13 LEU A C    1 
ATOM 212  O O    . LEU A 1 13 ? -1.019 -5.675  -1.258  1.00 0.00 ? 13 LEU A O    1 
ATOM 213  C CB   . LEU A 1 13 ? 0.979  -3.362  -0.375  1.00 0.00 ? 13 LEU A CB   1 
ATOM 214  C CG   . LEU A 1 13 ? 2.526  -3.288  -0.480  1.00 0.00 ? 13 LEU A CG   1 
ATOM 215  C CD1  . LEU A 1 13 ? 3.160  -2.443  0.637   1.00 0.00 ? 13 LEU A CD1  1 
ATOM 216  C CD2  . LEU A 1 13 ? 3.125  -4.701  -0.463  1.00 0.00 ? 13 LEU A CD2  1 
ATOM 217  H H    . LEU A 1 13 ? -0.015 -1.453  -1.874  1.00 0.00 ? 13 LEU A H    1 
ATOM 218  H HA   . LEU A 1 13 ? 0.779  -4.246  -2.369  1.00 0.00 ? 13 LEU A HA   1 
ATOM 219  H HB2  . LEU A 1 13 ? 0.619  -2.415  0.074   1.00 0.00 ? 13 LEU A HB2  1 
ATOM 220  H HB3  . LEU A 1 13 ? 0.719  -4.140  0.367   1.00 0.00 ? 13 LEU A HB3  1 
ATOM 221  H HG   . LEU A 1 13 ? 2.783  -2.822  -1.456  1.00 0.00 ? 13 LEU A HG   1 
ATOM 222  H HD11 . LEU A 1 13 ? 2.659  -1.462  0.731   1.00 0.00 ? 13 LEU A HD11 1 
ATOM 223  H HD12 . LEU A 1 13 ? 3.067  -2.930  1.626   1.00 0.00 ? 13 LEU A HD12 1 
ATOM 224  H HD13 . LEU A 1 13 ? 4.233  -2.248  0.459   1.00 0.00 ? 13 LEU A HD13 1 
ATOM 225  H HD21 . LEU A 1 13 ? 2.662  -5.353  -1.228  1.00 0.00 ? 13 LEU A HD21 1 
ATOM 226  H HD22 . LEU A 1 13 ? 4.215  -4.698  -0.653  1.00 0.00 ? 13 LEU A HD22 1 
ATOM 227  H HD23 . LEU A 1 13 ? 2.967  -5.199  0.512   1.00 0.00 ? 13 LEU A HD23 1 
ATOM 228  N N    . GLU A 1 14 ? -2.197 -3.777  -1.231  1.00 0.00 ? 14 GLU A N    1 
ATOM 229  C CA   . GLU A 1 14 ? -3.442 -4.441  -0.851  1.00 0.00 ? 14 GLU A CA   1 
ATOM 230  C C    . GLU A 1 14 ? -3.791 -5.545  -1.821  1.00 0.00 ? 14 GLU A C    1 
ATOM 231  O O    . GLU A 1 14 ? -4.122 -6.672  -1.442  1.00 0.00 ? 14 GLU A O    1 
ATOM 232  C CB   . GLU A 1 14 ? -4.573 -3.377  -0.781  1.00 0.00 ? 14 GLU A CB   1 
ATOM 233  C CG   . GLU A 1 14 ? -5.201 -3.086  0.623   1.00 0.00 ? 14 GLU A CG   1 
ATOM 234  C CD   . GLU A 1 14 ? -5.769 -4.260  1.423   1.00 0.00 ? 14 GLU A CD   1 
ATOM 235  O OE1  . GLU A 1 14 ? -5.246 -5.366  1.444   1.00 0.00 ? 14 GLU A OE1  1 
ATOM 236  O OE2  . GLU A 1 14 ? -6.906 -3.957  2.108   1.00 0.00 ? 14 GLU A OE2  1 
ATOM 237  H H    . GLU A 1 14 ? -2.136 -2.742  -1.351  1.00 0.00 ? 14 GLU A H    1 
ATOM 238  H HA   . GLU A 1 14 ? -3.305 -4.903  0.145   1.00 0.00 ? 14 GLU A HA   1 
ATOM 239  H HB2  . GLU A 1 14 ? -4.192 -2.424  -1.197  1.00 0.00 ? 14 GLU A HB2  1 
ATOM 240  H HB3  . GLU A 1 14 ? -5.381 -3.673  -1.481  1.00 0.00 ? 14 GLU A HB3  1 
ATOM 241  H HG2  . GLU A 1 14 ? -4.462 -2.583  1.273   1.00 0.00 ? 14 GLU A HG2  1 
ATOM 242  H HG3  . GLU A 1 14 ? -6.018 -2.347  0.519   1.00 0.00 ? 14 GLU A HG3  1 
ATOM 243  N N    . ALA A 1 15 ? -3.736 -5.225  -3.101  1.00 0.00 ? 15 ALA A N    1 
ATOM 244  C CA   . ALA A 1 15 ? -4.152 -6.150  -4.150  1.00 0.00 ? 15 ALA A CA   1 
ATOM 245  C C    . ALA A 1 15 ? -3.250 -7.362  -4.192  1.00 0.00 ? 15 ALA A C    1 
ATOM 246  O O    . ALA A 1 15 ? -3.691 -8.504  -4.356  1.00 0.00 ? 15 ALA A O    1 
ATOM 247  C CB   . ALA A 1 15 ? -4.167 -5.374  -5.478  1.00 0.00 ? 15 ALA A CB   1 
ATOM 248  H H    . ALA A 1 15 ? -3.332 -4.286  -3.317  1.00 0.00 ? 15 ALA A H    1 
ATOM 249  H HA   . ALA A 1 15 ? -5.173 -6.509  -3.922  1.00 0.00 ? 15 ALA A HA   1 
ATOM 250  H HB1  . ALA A 1 15 ? -4.862 -4.513  -5.443  1.00 0.00 ? 15 ALA A HB1  1 
ATOM 251  H HB2  . ALA A 1 15 ? -3.168 -4.972  -5.738  1.00 0.00 ? 15 ALA A HB2  1 
ATOM 252  H HB3  . ALA A 1 15 ? -4.493 -6.008  -6.323  1.00 0.00 ? 15 ALA A HB3  1 
ATOM 253  N N    . LEU A 1 16 ? -1.959 -7.125  -4.059  1.00 0.00 ? 16 LEU A N    1 
ATOM 254  C CA   . LEU A 1 16 ? -0.957 -8.186  -4.135  1.00 0.00 ? 16 LEU A CA   1 
ATOM 255  C C    . LEU A 1 16 ? -1.014 -9.114  -2.945  1.00 0.00 ? 16 LEU A C    1 
ATOM 256  O O    . LEU A 1 16 ? -0.561 -10.267 -3.002  1.00 0.00 ? 16 LEU A O    1 
ATOM 257  C CB   . LEU A 1 16 ? 0.467  -7.569  -4.284  1.00 0.00 ? 16 LEU A CB   1 
ATOM 258  C CG   . LEU A 1 16 ? 0.919  -7.119  -5.700  1.00 0.00 ? 16 LEU A CG   1 
ATOM 259  C CD1  . LEU A 1 16 ? 2.243  -6.336  -5.680  1.00 0.00 ? 16 LEU A CD1  1 
ATOM 260  C CD2  . LEU A 1 16 ? 1.049  -8.334  -6.627  1.00 0.00 ? 16 LEU A CD2  1 
ATOM 261  H H    . LEU A 1 16 ? -1.695 -6.134  -3.858  1.00 0.00 ? 16 LEU A H    1 
ATOM 262  H HA   . LEU A 1 16 ? -1.176 -8.805  -5.022  1.00 0.00 ? 16 LEU A HA   1 
ATOM 263  H HB2  . LEU A 1 16 ? 0.530  -6.694  -3.609  1.00 0.00 ? 16 LEU A HB2  1 
ATOM 264  H HB3  . LEU A 1 16 ? 1.208  -8.290  -3.890  1.00 0.00 ? 16 LEU A HB3  1 
ATOM 265  H HG   . LEU A 1 16 ? 0.131  -6.456  -6.118  1.00 0.00 ? 16 LEU A HG   1 
ATOM 266  H HD11 . LEU A 1 16 ? 2.219  -5.529  -4.924  1.00 0.00 ? 16 LEU A HD11 1 
ATOM 267  H HD12 . LEU A 1 16 ? 3.099  -6.982  -5.412  1.00 0.00 ? 16 LEU A HD12 1 
ATOM 268  H HD13 . LEU A 1 16 ? 2.467  -5.867  -6.655  1.00 0.00 ? 16 LEU A HD13 1 
ATOM 269  H HD21 . LEU A 1 16 ? 0.129  -8.947  -6.635  1.00 0.00 ? 16 LEU A HD21 1 
ATOM 270  H HD22 . LEU A 1 16 ? 1.257  -8.044  -7.674  1.00 0.00 ? 16 LEU A HD22 1 
ATOM 271  H HD23 . LEU A 1 16 ? 1.871  -9.003  -6.307  1.00 0.00 ? 16 LEU A HD23 1 
ATOM 272  N N    . LYS A 1 17 ? -1.553 -8.640  -1.839  1.00 0.00 ? 17 LYS A N    1 
ATOM 273  C CA   . LYS A 1 17 ? -1.558 -9.393  -0.584  1.00 0.00 ? 17 LYS A CA   1 
ATOM 274  C C    . LYS A 1 17 ? -2.771 -10.279 -0.434  1.00 0.00 ? 17 LYS A C    1 
ATOM 275  O O    . LYS A 1 17 ? -3.118 -10.713 0.678   1.00 0.00 ? 17 LYS A O    1 
ATOM 276  C CB   . LYS A 1 17 ? -1.472 -8.385  0.602   1.00 0.00 ? 17 LYS A CB   1 
ATOM 277  C CG   . LYS A 1 17 ? -1.201 -9.055  1.970   1.00 0.00 ? 17 LYS A CG   1 
ATOM 278  C CD   . LYS A 1 17 ? -0.531 -10.430 1.895   1.00 0.00 ? 17 LYS A CD   1 
ATOM 279  C CE   . LYS A 1 17 ? -1.055 -11.310 3.039   1.00 0.00 ? 17 LYS A CE   1 
ATOM 280  N NZ   . LYS A 1 17 ? 0.050  -12.124 3.575   1.00 0.00 ? 17 LYS A NZ   1 
ATOM 281  H H    . LYS A 1 17 ? -1.931 -7.669  -1.890  1.00 0.00 ? 17 LYS A H    1 
ATOM 282  H HA   . LYS A 1 17 ? -0.667 -10.047 -0.580  1.00 0.00 ? 17 LYS A HA   1 
ATOM 283  H HB2  . LYS A 1 17 ? -0.680 -7.640  0.396   1.00 0.00 ? 17 LYS A HB2  1 
ATOM 284  H HB3  . LYS A 1 17 ? -2.413 -7.796  0.650   1.00 0.00 ? 17 LYS A HB3  1 
ATOM 285  H HG2  . LYS A 1 17 ? -0.596 -8.375  2.604   1.00 0.00 ? 17 LYS A HG2  1 
ATOM 286  H HG3  . LYS A 1 17 ? -2.150 -9.202  2.521   1.00 0.00 ? 17 LYS A HG3  1 
ATOM 287  H HD2  . LYS A 1 17 ? -0.728 -10.890 0.908   1.00 0.00 ? 17 LYS A HD2  1 
ATOM 288  H HD3  . LYS A 1 17 ? 0.570  -10.317 1.973   1.00 0.00 ? 17 LYS A HD3  1 
ATOM 289  H HE2  . LYS A 1 17 ? -1.498 -10.682 3.840   1.00 0.00 ? 17 LYS A HE2  1 
ATOM 290  H HE3  . LYS A 1 17 ? -1.872 -11.975 2.690   1.00 0.00 ? 17 LYS A HE3  1 
ATOM 291  H HZ1  . LYS A 1 17 ? 0.921  -11.575 3.560   1.00 0.00 ? 17 LYS A HZ1  1 
ATOM 292  H HZ2  . LYS A 1 17 ? -0.165 -12.399 4.545   1.00 0.00 ? 17 LYS A HZ2  1 
ATOM 293  H HZ3  . LYS A 1 17 ? 0.167  -12.969 2.998   1.00 0.00 ? 17 LYS A HZ3  1 
ATOM 294  N N    . GLU A 1 18 ? -3.436 -10.587 -1.529  1.00 0.00 ? 18 GLU A N    1 
ATOM 295  C CA   . GLU A 1 18 ? -4.655 -11.391 -1.502  1.00 0.00 ? 18 GLU A CA   1 
ATOM 296  C C    . GLU A 1 18 ? -4.527 -12.611 -2.381  1.00 0.00 ? 18 GLU A C    1 
ATOM 297  O O    . GLU A 1 18 ? -5.369 -12.889 -3.241  1.00 0.00 ? 18 GLU A O    1 
ATOM 298  C CB   . GLU A 1 18 ? -5.841 -10.491 -1.953  1.00 0.00 ? 18 GLU A CB   1 
ATOM 299  C CG   . GLU A 1 18 ? -7.281 -10.935 -1.533  1.00 0.00 ? 18 GLU A CG   1 
ATOM 300  C CD   . GLU A 1 18 ? -8.478 -10.231 -2.178  1.00 0.00 ? 18 GLU A CD   1 
ATOM 301  O OE1  . GLU A 1 18 ? -8.198 -9.665  -3.384  1.00 0.00 ? 18 GLU A OE1  1 
ATOM 302  O OE2  . GLU A 1 18 ? -9.584 -10.185 -1.654  1.00 0.00 ? 18 GLU A OE2  1 
ATOM 303  H H    . GLU A 1 18 ? -3.077 -10.182 -2.419  1.00 0.00 ? 18 GLU A H    1 
ATOM 304  H HA   . GLU A 1 18 ? -4.824 -11.732 -0.466  1.00 0.00 ? 18 GLU A HA   1 
ATOM 305  H HB2  . GLU A 1 18 ? -5.658 -9.460  -1.590  1.00 0.00 ? 18 GLU A HB2  1 
ATOM 306  H HB3  . GLU A 1 18 ? -5.806 -10.397 -3.056  1.00 0.00 ? 18 GLU A HB3  1 
ATOM 307  H HG2  . GLU A 1 18 ? -7.413 -12.018 -1.711  1.00 0.00 ? 18 GLU A HG2  1 
ATOM 308  H HG3  . GLU A 1 18 ? -7.399 -10.825 -0.439  1.00 0.00 ? 18 GLU A HG3  1 
ATOM 309  N N    . ASN A 1 19 ? -3.456 -13.357 -2.186  1.00 0.00 ? 19 ASN A N    1 
ATOM 310  C CA   . ASN A 1 19 ? -3.225 -14.590 -2.934  1.00 0.00 ? 19 ASN A CA   1 
ATOM 311  C C    . ASN A 1 19 ? -2.365 -15.549 -2.144  1.00 0.00 ? 19 ASN A C    1 
ATOM 312  O O    . ASN A 1 19 ? -2.643 -16.748 -2.046  1.00 0.00 ? 19 ASN A O    1 
ATOM 313  C CB   . ASN A 1 19 ? -2.563 -14.253 -4.301  1.00 0.00 ? 19 ASN A CB   1 
ATOM 314  C CG   . ASN A 1 19 ? -1.189 -13.576 -4.259  1.00 0.00 ? 19 ASN A CG   1 
ATOM 315  O OD1  . ASN A 1 19 ? -0.190 -14.149 -3.851  1.00 0.00 ? 19 ASN A OD1  1 
ATOM 316  N ND2  . ASN A 1 19 ? -1.083 -12.342 -4.675  1.00 0.00 ? 19 ASN A ND2  1 
ATOM 317  H H    . ASN A 1 19 ? -2.785 -13.015 -1.463  1.00 0.00 ? 19 ASN A H    1 
ATOM 318  H HA   . ASN A 1 19 ? -4.200 -15.085 -3.100  1.00 0.00 ? 19 ASN A HA   1 
ATOM 319  H HB2  . ASN A 1 19 ? -2.440 -15.182 -4.891  1.00 0.00 ? 19 ASN A HB2  1 
ATOM 320  H HB3  . ASN A 1 19 ? -3.239 -13.627 -4.913  1.00 0.00 ? 19 ASN A HB3  1 
ATOM 321  H HD21 . ASN A 1 19 ? -1.945 -11.863 -4.935  1.00 0.00 ? 19 ASN A HD21 1 
ATOM 322  H HD22 . ASN A 1 19 ? -0.145 -11.958 -4.529  1.00 0.00 ? 19 ASN A HD22 1 
ATOM 323  N N    . GLY A 1 20 ? -1.308 -15.024 -1.554  1.00 0.00 ? 20 GLY A N    1 
ATOM 324  C CA   . GLY A 1 20 ? -0.374 -15.836 -0.778  1.00 0.00 ? 20 GLY A CA   1 
ATOM 325  C C    . GLY A 1 20 ? 0.970  -15.915 -1.461  1.00 0.00 ? 20 GLY A C    1 
ATOM 326  O O    . GLY A 1 20 ? 1.898  -15.080 -1.222  1.00 0.00 ? 20 GLY A O    1 
ATOM 327  O OXT  . GLY A 1 20 ? 1.119  -16.866 -2.289  1.00 0.00 ? 20 GLY A OXT  1 
ATOM 328  H H    . GLY A 1 20 ? -1.153 -14.004 -1.713  1.00 0.00 ? 20 GLY A H    1 
ATOM 329  H HA2  . GLY A 1 20 ? -0.243 -15.408 0.232   1.00 0.00 ? 20 GLY A HA2  1 
ATOM 330  H HA3  . GLY A 1 20 ? -0.774 -16.857 -0.645  1.00 0.00 ? 20 GLY A HA3  1 
ATOM 331  N N    . TYR A 1 1  ? 4.661  12.979  2.032   1.00 0.00 ? 1  TYR A N    2 
ATOM 332  C CA   . TYR A 1 1  ? 5.732  12.123  2.539   1.00 0.00 ? 1  TYR A CA   2 
ATOM 333  C C    . TYR A 1 1  ? 5.430  11.643  3.939   1.00 0.00 ? 1  TYR A C    2 
ATOM 334  O O    . TYR A 1 1  ? 5.017  12.407  4.817   1.00 0.00 ? 1  TYR A O    2 
ATOM 335  C CB   . TYR A 1 1  ? 7.085  12.894  2.576   1.00 0.00 ? 1  TYR A CB   2 
ATOM 336  C CG   . TYR A 1 1  ? 7.142  14.133  3.478   1.00 0.00 ? 1  TYR A CG   2 
ATOM 337  C CD1  . TYR A 1 1  ? 5.997  14.902  3.710   1.00 0.00 ? 1  TYR A CD1  2 
ATOM 338  C CD2  . TYR A 1 1  ? 8.348  14.491  4.090   1.00 0.00 ? 1  TYR A CD2  2 
ATOM 339  C CE1  . TYR A 1 1  ? 6.059  16.011  4.551   1.00 0.00 ? 1  TYR A CE1  2 
ATOM 340  C CE2  . TYR A 1 1  ? 8.407  15.597  4.932   1.00 0.00 ? 1  TYR A CE2  2 
ATOM 341  C CZ   . TYR A 1 1  ? 7.261  16.356  5.162   1.00 0.00 ? 1  TYR A CZ   2 
ATOM 342  O OH   . TYR A 1 1  ? 7.318  17.444  5.987   1.00 0.00 ? 1  TYR A OH   2 
ATOM 343  H H1   . TYR A 1 1  ? 4.200  13.457  2.819   1.00 0.00 ? 1  TYR A H1   2 
ATOM 344  H H2   . TYR A 1 1  ? 5.057  13.681  1.390   1.00 0.00 ? 1  TYR A H2   2 
ATOM 345  H H3   . TYR A 1 1  ? 3.971  12.404  1.528   1.00 0.00 ? 1  TYR A H3   2 
ATOM 346  H HA   . TYR A 1 1  ? 5.816  11.234  1.886   1.00 0.00 ? 1  TYR A HA   2 
ATOM 347  H HB2  . TYR A 1 1  ? 7.889  12.207  2.917   1.00 0.00 ? 1  TYR A HB2  2 
ATOM 348  H HB3  . TYR A 1 1  ? 7.397  13.151  1.541   1.00 0.00 ? 1  TYR A HB3  2 
ATOM 349  H HD1  . TYR A 1 1  ? 5.057  14.635  3.247   1.00 0.00 ? 1  TYR A HD1  2 
ATOM 350  H HD2  . TYR A 1 1  ? 9.238  13.899  3.924   1.00 0.00 ? 1  TYR A HD2  2 
ATOM 351  H HE1  . TYR A 1 1  ? 5.173  16.600  4.737   1.00 0.00 ? 1  TYR A HE1  2 
ATOM 352  H HE2  . TYR A 1 1  ? 9.341  15.856  5.405   1.00 0.00 ? 1  TYR A HE2  2 
ATOM 353  H HH   . TYR A 1 1  ? 8.051  17.999  5.704   1.00 0.00 ? 1  TYR A HH   2 
ATOM 354  N N    . SER A 1 2  ? 5.622  10.356  4.168   1.00 0.00 ? 2  SER A N    2 
ATOM 355  C CA   . SER A 1 2  ? 5.460  9.775   5.498   1.00 0.00 ? 2  SER A CA   2 
ATOM 356  C C    . SER A 1 2  ? 4.096  10.089  6.063   1.00 0.00 ? 2  SER A C    2 
ATOM 357  O O    . SER A 1 2  ? 3.918  10.299  7.267   1.00 0.00 ? 2  SER A O    2 
ATOM 358  C CB   . SER A 1 2  ? 6.592  10.243  6.448   1.00 0.00 ? 2  SER A CB   2 
ATOM 359  O OG   . SER A 1 2  ? 7.765  9.427   6.362   1.00 0.00 ? 2  SER A OG   2 
ATOM 360  H H    . SER A 1 2  ? 5.909  9.786   3.340   1.00 0.00 ? 2  SER A H    2 
ATOM 361  H HA   . SER A 1 2  ? 5.520  8.675   5.403   1.00 0.00 ? 2  SER A HA   2 
ATOM 362  H HB2  . SER A 1 2  ? 6.861  11.300  6.259   1.00 0.00 ? 2  SER A HB2  2 
ATOM 363  H HB3  . SER A 1 2  ? 6.230  10.224  7.496   1.00 0.00 ? 2  SER A HB3  2 
ATOM 364  H HG   . SER A 1 2  ? 7.499  8.577   6.002   1.00 0.00 ? 2  SER A HG   2 
ATOM 365  N N    . ASP A 1 3  ? 3.103  10.132  5.192   1.00 0.00 ? 3  ASP A N    2 
ATOM 366  C CA   . ASP A 1 3  ? 1.729  10.407  5.605   1.00 0.00 ? 3  ASP A CA   2 
ATOM 367  C C    . ASP A 1 3  ? 0.765  10.212  4.459   1.00 0.00 ? 3  ASP A C    2 
ATOM 368  O O    . ASP A 1 3  ? -0.294 9.591   4.592   1.00 0.00 ? 3  ASP A O    2 
ATOM 369  C CB   . ASP A 1 3  ? 1.627  11.833  6.208   1.00 0.00 ? 3  ASP A CB   2 
ATOM 370  C CG   . ASP A 1 3  ? 0.477  12.084  7.195   1.00 0.00 ? 3  ASP A CG   2 
ATOM 371  O OD1  . ASP A 1 3  ? -0.675 12.285  6.839   1.00 0.00 ? 3  ASP A OD1  2 
ATOM 372  O OD2  . ASP A 1 3  ? 0.887  12.077  8.499   1.00 0.00 ? 3  ASP A OD2  2 
ATOM 373  H H    . ASP A 1 3  ? 3.355  9.923   4.201   1.00 0.00 ? 3  ASP A H    2 
ATOM 374  H HA   . ASP A 1 3  ? 1.472  9.651   6.368   1.00 0.00 ? 3  ASP A HA   2 
ATOM 375  H HB2  . ASP A 1 3  ? 2.566  12.117  6.716   1.00 0.00 ? 3  ASP A HB2  2 
ATOM 376  H HB3  . ASP A 1 3  ? 1.522  12.571  5.387   1.00 0.00 ? 3  ASP A HB3  2 
ATOM 377  N N    . GLU A 1 4  ? 1.118  10.755  3.308   1.00 0.00 ? 4  GLU A N    2 
ATOM 378  C CA   . GLU A 1 4  ? 0.336  10.572  2.090   1.00 0.00 ? 4  GLU A CA   2 
ATOM 379  C C    . GLU A 1 4  ? 0.915  9.468   1.237   1.00 0.00 ? 4  GLU A C    2 
ATOM 380  O O    . GLU A 1 4  ? 0.207  8.594   0.728   1.00 0.00 ? 4  GLU A O    2 
ATOM 381  C CB   . GLU A 1 4  ? 0.300  11.921  1.315   1.00 0.00 ? 4  GLU A CB   2 
ATOM 382  C CG   . GLU A 1 4  ? 0.400  13.239  2.151   1.00 0.00 ? 4  GLU A CG   2 
ATOM 383  C CD   . GLU A 1 4  ? 0.217  14.575  1.425   1.00 0.00 ? 4  GLU A CD   2 
ATOM 384  O OE1  . GLU A 1 4  ? -0.874 14.986  1.054   1.00 0.00 ? 4  GLU A OE1  2 
ATOM 385  O OE2  . GLU A 1 4  ? 1.379  15.259  1.234   1.00 0.00 ? 4  GLU A OE2  2 
ATOM 386  H H    . GLU A 1 4  ? 2.009  11.299  3.315   1.00 0.00 ? 4  GLU A H    2 
ATOM 387  H HA   . GLU A 1 4  ? -0.692 10.284  2.370   1.00 0.00 ? 4  GLU A HA   2 
ATOM 388  H HB2  . GLU A 1 4  ? 1.113  11.915  0.565   1.00 0.00 ? 4  GLU A HB2  2 
ATOM 389  H HB3  . GLU A 1 4  ? -0.627 11.951  0.707   1.00 0.00 ? 4  GLU A HB3  2 
ATOM 390  H HG2  . GLU A 1 4  ? -0.342 13.218  2.971   1.00 0.00 ? 4  GLU A HG2  2 
ATOM 391  H HG3  . GLU A 1 4  ? 1.376  13.289  2.670   1.00 0.00 ? 4  GLU A HG3  2 
ATOM 392  N N    . LEU A 1 5  ? 2.222  9.503   1.056   1.00 0.00 ? 5  LEU A N    2 
ATOM 393  C CA   . LEU A 1 5  ? 2.909  8.569   0.169   1.00 0.00 ? 5  LEU A CA   2 
ATOM 394  C C    . LEU A 1 5  ? 2.888  7.166   0.728   1.00 0.00 ? 5  LEU A C    2 
ATOM 395  O O    . LEU A 1 5  ? 2.906  6.171   -0.008  1.00 0.00 ? 5  LEU A O    2 
ATOM 396  C CB   . LEU A 1 5  ? 4.368  9.040   -0.094  1.00 0.00 ? 5  LEU A CB   2 
ATOM 397  C CG   . LEU A 1 5  ? 4.590  10.231  -1.065  1.00 0.00 ? 5  LEU A CG   2 
ATOM 398  C CD1  . LEU A 1 5  ? 5.833  11.065  -0.711  1.00 0.00 ? 5  LEU A CD1  2 
ATOM 399  C CD2  . LEU A 1 5  ? 4.705  9.721   -2.509  1.00 0.00 ? 5  LEU A CD2  2 
ATOM 400  H H    . LEU A 1 5  ? 2.734  10.262  1.562   1.00 0.00 ? 5  LEU A H    2 
ATOM 401  H HA   . LEU A 1 5  ? 2.357  8.527   -0.788  1.00 0.00 ? 5  LEU A HA   2 
ATOM 402  H HB2  . LEU A 1 5  ? 4.837  9.298   0.878   1.00 0.00 ? 5  LEU A HB2  2 
ATOM 403  H HB3  . LEU A 1 5  ? 4.954  8.176   -0.464  1.00 0.00 ? 5  LEU A HB3  2 
ATOM 404  H HG   . LEU A 1 5  ? 3.700  10.892  -1.010  1.00 0.00 ? 5  LEU A HG   2 
ATOM 405  H HD11 . LEU A 1 5  ? 5.838  11.339  0.361   1.00 0.00 ? 5  LEU A HD11 2 
ATOM 406  H HD12 . LEU A 1 5  ? 6.770  10.505  -0.887  1.00 0.00 ? 5  LEU A HD12 2 
ATOM 407  H HD13 . LEU A 1 5  ? 5.887  12.004  -1.291  1.00 0.00 ? 5  LEU A HD13 2 
ATOM 408  H HD21 . LEU A 1 5  ? 3.847  9.079   -2.788  1.00 0.00 ? 5  LEU A HD21 2 
ATOM 409  H HD22 . LEU A 1 5  ? 4.749  10.546  -3.244  1.00 0.00 ? 5  LEU A HD22 2 
ATOM 410  H HD23 . LEU A 1 5  ? 5.615  9.109   -2.653  1.00 0.00 ? 5  LEU A HD23 2 
ATOM 411  N N    . ARG A 1 6  ? 2.868  7.060   2.043   1.00 0.00 ? 6  ARG A N    2 
ATOM 412  C CA   . ARG A 1 6  ? 2.814  5.763   2.713   1.00 0.00 ? 6  ARG A CA   2 
ATOM 413  C C    . ARG A 1 6  ? 1.524  5.044   2.399   1.00 0.00 ? 6  ARG A C    2 
ATOM 414  O O    . ARG A 1 6  ? 1.487  3.825   2.197   1.00 0.00 ? 6  ARG A O    2 
ATOM 415  C CB   . ARG A 1 6  ? 2.986  5.981   4.243   1.00 0.00 ? 6  ARG A CB   2 
ATOM 416  C CG   . ARG A 1 6  ? 3.443  4.728   5.035   1.00 0.00 ? 6  ARG A CG   2 
ATOM 417  C CD   . ARG A 1 6  ? 3.725  5.035   6.512   1.00 0.00 ? 6  ARG A CD   2 
ATOM 418  N NE   . ARG A 1 6  ? 2.641  4.433   7.330   1.00 0.00 ? 6  ARG A NE   2 
ATOM 419  C CZ   . ARG A 1 6  ? 2.705  3.265   7.955   1.00 0.00 ? 6  ARG A CZ   2 
ATOM 420  N NH1  . ARG A 1 6  ? 3.741  2.479   7.936   1.00 0.00 ? 6  ARG A NH1  2 
ATOM 421  N NH2  . ARG A 1 6  ? 1.673  2.891   8.622   1.00 0.00 ? 6  ARG A NH2  2 
ATOM 422  H H    . ARG A 1 6  ? 2.943  7.954   2.576   1.00 0.00 ? 6  ARG A H    2 
ATOM 423  H HA   . ARG A 1 6  ? 3.646  5.140   2.335   1.00 0.00 ? 6  ARG A HA   2 
ATOM 424  H HB2  . ARG A 1 6  ? 3.696  6.816   4.418   1.00 0.00 ? 6  ARG A HB2  2 
ATOM 425  H HB3  . ARG A 1 6  ? 2.028  6.333   4.673   1.00 0.00 ? 6  ARG A HB3  2 
ATOM 426  H HG2  . ARG A 1 6  ? 2.680  3.925   4.987   1.00 0.00 ? 6  ARG A HG2  2 
ATOM 427  H HG3  . ARG A 1 6  ? 4.351  4.292   4.570   1.00 0.00 ? 6  ARG A HG3  2 
ATOM 428  H HD2  . ARG A 1 6  ? 4.710  4.623   6.812   1.00 0.00 ? 6  ARG A HD2  2 
ATOM 429  H HD3  . ARG A 1 6  ? 3.769  6.131   6.675   1.00 0.00 ? 6  ARG A HD3  2 
ATOM 430  H HE   . ARG A 1 6  ? 1.765  4.968   7.418   1.00 0.00 ? 6  ARG A HE   2 
ATOM 431  H HH11 . ARG A 1 6  ? 4.516  2.852   7.386   1.00 0.00 ? 6  ARG A HH11 2 
ATOM 432  H HH12 . ARG A 1 6  ? 3.672  1.607   8.455   1.00 0.00 ? 6  ARG A HH12 2 
ATOM 433  H HH21 . ARG A 1 6  ? 0.917  3.578   8.572   1.00 0.00 ? 6  ARG A HH21 2 
ATOM 434  H HH22 . ARG A 1 6  ? 1.715  1.996   9.103   1.00 0.00 ? 6  ARG A HH22 2 
ATOM 435  N N    . GLN A 1 7  ? 0.437  5.792   2.369   1.00 0.00 ? 7  GLN A N    2 
ATOM 436  C CA   . GLN A 1 7  ? -0.885 5.228   2.105   1.00 0.00 ? 7  GLN A CA   2 
ATOM 437  C C    . GLN A 1 7  ? -0.968 4.666   0.706   1.00 0.00 ? 7  GLN A C    2 
ATOM 438  O O    . GLN A 1 7  ? -1.510 3.582   0.468   1.00 0.00 ? 7  GLN A O    2 
ATOM 439  C CB   . GLN A 1 7  ? -1.945 6.331   2.321   1.00 0.00 ? 7  GLN A CB   2 
ATOM 440  C CG   . GLN A 1 7  ? -2.117 6.847   3.787   1.00 0.00 ? 7  GLN A CG   2 
ATOM 441  C CD   . GLN A 1 7  ? -3.526 6.962   4.380   1.00 0.00 ? 7  GLN A CD   2 
ATOM 442  O OE1  . GLN A 1 7  ? -3.827 7.885   5.120   1.00 0.00 ? 7  GLN A OE1  2 
ATOM 443  N NE2  . GLN A 1 7  ? -4.428 6.055   4.102   1.00 0.00 ? 7  GLN A NE2  2 
ATOM 444  H H    . GLN A 1 7  ? 0.570  6.801   2.597   1.00 0.00 ? 7  GLN A H    2 
ATOM 445  H HA   . GLN A 1 7  ? -1.060 4.396   2.812   1.00 0.00 ? 7  GLN A HA   2 
ATOM 446  H HB2  . GLN A 1 7  ? -1.701 7.194   1.670   1.00 0.00 ? 7  GLN A HB2  2 
ATOM 447  H HB3  . GLN A 1 7  ? -2.924 5.957   1.954   1.00 0.00 ? 7  GLN A HB3  2 
ATOM 448  H HG2  . GLN A 1 7  ? -1.515 6.230   4.480   1.00 0.00 ? 7  GLN A HG2  2 
ATOM 449  H HG3  . GLN A 1 7  ? -1.693 7.864   3.888   1.00 0.00 ? 7  GLN A HG3  2 
ATOM 450  H HE21 . GLN A 1 7  ? -4.096 5.279   3.525   1.00 0.00 ? 7  GLN A HE21 2 
ATOM 451  H HE22 . GLN A 1 7  ? -5.323 6.175   4.579   1.00 0.00 ? 7  GLN A HE22 2 
ATOM 452  N N    . ARG A 1 8  ? -0.441 5.409   -0.249  1.00 0.00 ? 8  ARG A N    2 
ATOM 453  C CA   . ARG A 1 8  ? -0.453 4.991   -1.649  1.00 0.00 ? 8  ARG A CA   2 
ATOM 454  C C    . ARG A 1 8  ? 0.353  3.730   -1.849  1.00 0.00 ? 8  ARG A C    2 
ATOM 455  O O    . ARG A 1 8  ? 0.057  2.898   -2.714  1.00 0.00 ? 8  ARG A O    2 
ATOM 456  C CB   . ARG A 1 8  ? 0.091  6.155   -2.524  1.00 0.00 ? 8  ARG A CB   2 
ATOM 457  C CG   . ARG A 1 8  ? -0.978 7.191   -2.966  1.00 0.00 ? 8  ARG A CG   2 
ATOM 458  C CD   . ARG A 1 8  ? -0.793 7.642   -4.421  1.00 0.00 ? 8  ARG A CD   2 
ATOM 459  N NE   . ARG A 1 8  ? 0.518  8.331   -4.534  1.00 0.00 ? 8  ARG A NE   2 
ATOM 460  C CZ   . ARG A 1 8  ? 0.786  9.552   -4.092  1.00 0.00 ? 8  ARG A CZ   2 
ATOM 461  N NH1  . ARG A 1 8  ? -0.075 10.322  -3.495  1.00 0.00 ? 8  ARG A NH1  2 
ATOM 462  N NH2  . ARG A 1 8  ? 1.978  9.998   -4.269  1.00 0.00 ? 8  ARG A NH2  2 
ATOM 463  H H    . ARG A 1 8  ? -0.002 6.304   0.057   1.00 0.00 ? 8  ARG A H    2 
ATOM 464  H HA   . ARG A 1 8  ? -1.498 4.770   -1.933  1.00 0.00 ? 8  ARG A HA   2 
ATOM 465  H HB2  . ARG A 1 8  ? 0.888  6.694   -1.976  1.00 0.00 ? 8  ARG A HB2  2 
ATOM 466  H HB3  . ARG A 1 8  ? 0.598  5.738   -3.417  1.00 0.00 ? 8  ARG A HB3  2 
ATOM 467  H HG2  . ARG A 1 8  ? -2.001 6.777   -2.857  1.00 0.00 ? 8  ARG A HG2  2 
ATOM 468  H HG3  . ARG A 1 8  ? -0.951 8.075   -2.299  1.00 0.00 ? 8  ARG A HG3  2 
ATOM 469  H HD2  . ARG A 1 8  ? -0.834 6.771   -5.104  1.00 0.00 ? 8  ARG A HD2  2 
ATOM 470  H HD3  . ARG A 1 8  ? -1.616 8.325   -4.719  1.00 0.00 ? 8  ARG A HD3  2 
ATOM 471  H HE   . ARG A 1 8  ? 1.282  7.817   -4.994  1.00 0.00 ? 8  ARG A HE   2 
ATOM 472  H HH11 . ARG A 1 8  ? -0.995 9.893   -3.396  1.00 0.00 ? 8  ARG A HH11 2 
ATOM 473  H HH12 . ARG A 1 8  ? 0.251  11.241  -3.201  1.00 0.00 ? 8  ARG A HH12 2 
ATOM 474  H HH21 . ARG A 1 8  ? 2.574  9.319   -4.746  1.00 0.00 ? 8  ARG A HH21 2 
ATOM 475  H HH22 . ARG A 1 8  ? 2.192  10.935  -3.933  1.00 0.00 ? 8  ARG A HH22 2 
ATOM 476  N N    . LEU A 1 9  ? 1.397  3.569   -1.057  1.00 0.00 ? 9  LEU A N    2 
ATOM 477  C CA   . LEU A 1 9  ? 2.262  2.397   -1.145  1.00 0.00 ? 9  LEU A CA   2 
ATOM 478  C C    . LEU A 1 9  ? 1.517  1.144   -0.752  1.00 0.00 ? 9  LEU A C    2 
ATOM 479  O O    . LEU A 1 9  ? 1.647  0.083   -1.370  1.00 0.00 ? 9  LEU A O    2 
ATOM 480  C CB   . LEU A 1 9  ? 3.531  2.587   -0.268  1.00 0.00 ? 9  LEU A CB   2 
ATOM 481  C CG   . LEU A 1 9  ? 3.910  1.453   0.724   1.00 0.00 ? 9  LEU A CG   2 
ATOM 482  C CD1  . LEU A 1 9  ? 4.533  0.274   -0.037  1.00 0.00 ? 9  LEU A CD1  2 
ATOM 483  C CD2  . LEU A 1 9  ? 4.873  1.925   1.826   1.00 0.00 ? 9  LEU A CD2  2 
ATOM 484  H H    . LEU A 1 9  ? 1.575  4.337   -0.371  1.00 0.00 ? 9  LEU A H    2 
ATOM 485  H HA   . LEU A 1 9  ? 2.560  2.261   -2.201  1.00 0.00 ? 9  LEU A HA   2 
ATOM 486  H HB2  . LEU A 1 9  ? 4.400  2.766   -0.933  1.00 0.00 ? 9  LEU A HB2  2 
ATOM 487  H HB3  . LEU A 1 9  ? 3.423  3.527   0.307   1.00 0.00 ? 9  LEU A HB3  2 
ATOM 488  H HG   . LEU A 1 9  ? 2.979  1.092   1.208   1.00 0.00 ? 9  LEU A HG   2 
ATOM 489  H HD11 . LEU A 1 9  ? 3.850  -0.122  -0.812  1.00 0.00 ? 9  LEU A HD11 2 
ATOM 490  H HD12 . LEU A 1 9  ? 5.476  0.552   -0.543  1.00 0.00 ? 9  LEU A HD12 2 
ATOM 491  H HD13 . LEU A 1 9  ? 4.764  -0.571  0.640   1.00 0.00 ? 9  LEU A HD13 2 
ATOM 492  H HD21 . LEU A 1 9  ? 5.797  2.370   1.413   1.00 0.00 ? 9  LEU A HD21 2 
ATOM 493  H HD22 . LEU A 1 9  ? 4.401  2.688   2.471   1.00 0.00 ? 9  LEU A HD22 2 
ATOM 494  H HD23 . LEU A 1 9  ? 5.170  1.098   2.498   1.00 0.00 ? 9  LEU A HD23 2 
ATOM 495  N N    . ALA A 1 10 ? 0.722  1.248   0.298   1.00 0.00 ? 10 ALA A N    2 
ATOM 496  C CA   . ALA A 1 10 ? -0.104 0.130   0.752   1.00 0.00 ? 10 ALA A CA   2 
ATOM 497  C C    . ALA A 1 10 ? -1.067 -0.304  -0.326  1.00 0.00 ? 10 ALA A C    2 
ATOM 498  O O    . ALA A 1 10 ? -1.396 -1.488  -0.469  1.00 0.00 ? 10 ALA A O    2 
ATOM 499  C CB   . ALA A 1 10 ? -0.813 0.566   2.046   1.00 0.00 ? 10 ALA A CB   2 
ATOM 500  H H    . ALA A 1 10 ? 0.742  2.165   0.797   1.00 0.00 ? 10 ALA A H    2 
ATOM 501  H HA   . ALA A 1 10 ? 0.559  -0.729  0.967   1.00 0.00 ? 10 ALA A HA   2 
ATOM 502  H HB1  . ALA A 1 10 ? -0.091 0.844   2.837   1.00 0.00 ? 10 ALA A HB1  2 
ATOM 503  H HB2  . ALA A 1 10 ? -1.472 1.441   1.886   1.00 0.00 ? 10 ALA A HB2  2 
ATOM 504  H HB3  . ALA A 1 10 ? -1.443 -0.243  2.463   1.00 0.00 ? 10 ALA A HB3  2 
ATOM 505  N N    . ALA A 1 11 ? -1.552 0.652   -1.096  1.00 0.00 ? 11 ALA A N    2 
ATOM 506  C CA   . ALA A 1 11 ? -2.575 0.386   -2.104  1.00 0.00 ? 11 ALA A CA   2 
ATOM 507  C C    . ALA A 1 11 ? -2.030 -0.487  -3.210  1.00 0.00 ? 11 ALA A C    2 
ATOM 508  O O    . ALA A 1 11 ? -2.733 -1.317  -3.795  1.00 0.00 ? 11 ALA A O    2 
ATOM 509  C CB   . ALA A 1 11 ? -3.094 1.741   -2.615  1.00 0.00 ? 11 ALA A CB   2 
ATOM 510  H H    . ALA A 1 11 ? -1.184 1.612   -0.920  1.00 0.00 ? 11 ALA A H    2 
ATOM 511  H HA   . ALA A 1 11 ? -3.405 -0.170  -1.627  1.00 0.00 ? 11 ALA A HA   2 
ATOM 512  H HB1  . ALA A 1 11 ? -3.524 2.351   -1.798  1.00 0.00 ? 11 ALA A HB1  2 
ATOM 513  H HB2  . ALA A 1 11 ? -2.292 2.346   -3.082  1.00 0.00 ? 11 ALA A HB2  2 
ATOM 514  H HB3  . ALA A 1 11 ? -3.891 1.618   -3.372  1.00 0.00 ? 11 ALA A HB3  2 
ATOM 515  N N    . ARG A 1 12 ? -0.760 -0.304  -3.520  1.00 0.00 ? 12 ARG A N    2 
ATOM 516  C CA   . ARG A 1 12 ? -0.092 -1.108  -4.540  1.00 0.00 ? 12 ARG A CA   2 
ATOM 517  C C    . ARG A 1 12 ? 0.074  -2.537  -4.079  1.00 0.00 ? 12 ARG A C    2 
ATOM 518  O O    . ARG A 1 12 ? -0.201 -3.498  -4.805  1.00 0.00 ? 12 ARG A O    2 
ATOM 519  C CB   . ARG A 1 12 ? 1.277  -0.456  -4.876  1.00 0.00 ? 12 ARG A CB   2 
ATOM 520  C CG   . ARG A 1 12 ? 1.273  0.476   -6.118  1.00 0.00 ? 12 ARG A CG   2 
ATOM 521  C CD   . ARG A 1 12 ? 1.258  1.962   -5.739  1.00 0.00 ? 12 ARG A CD   2 
ATOM 522  N NE   . ARG A 1 12 ? 2.616  2.519   -5.973  1.00 0.00 ? 12 ARG A NE   2 
ATOM 523  C CZ   . ARG A 1 12 ? 3.192  2.669   -7.157  1.00 0.00 ? 12 ARG A CZ   2 
ATOM 524  N NH1  . ARG A 1 12 ? 2.641  2.344   -8.289  1.00 0.00 ? 12 ARG A NH1  2 
ATOM 525  N NH2  . ARG A 1 12 ? 4.376  3.171   -7.181  1.00 0.00 ? 12 ARG A NH2  2 
ATOM 526  H H    . ARG A 1 12 ? -0.262 0.446   -2.992  1.00 0.00 ? 12 ARG A H    2 
ATOM 527  H HA   . ARG A 1 12 ? -0.730 -1.120  -5.443  1.00 0.00 ? 12 ARG A HA   2 
ATOM 528  H HB2  . ARG A 1 12 ? 1.636  0.130   -4.007  1.00 0.00 ? 12 ARG A HB2  2 
ATOM 529  H HB3  . ARG A 1 12 ? 2.041  -1.250  -5.009  1.00 0.00 ? 12 ARG A HB3  2 
ATOM 530  H HG2  . ARG A 1 12 ? 2.156  0.266   -6.755  1.00 0.00 ? 12 ARG A HG2  2 
ATOM 531  H HG3  . ARG A 1 12 ? 0.396  0.272   -6.764  1.00 0.00 ? 12 ARG A HG3  2 
ATOM 532  H HD2  . ARG A 1 12 ? 0.506  2.508   -6.344  1.00 0.00 ? 12 ARG A HD2  2 
ATOM 533  H HD3  . ARG A 1 12 ? 0.968  2.086   -4.675  1.00 0.00 ? 12 ARG A HD3  2 
ATOM 534  H HE   . ARG A 1 12 ? 3.153  2.813   -5.144  1.00 0.00 ? 12 ARG A HE   2 
ATOM 535  H HH11 . ARG A 1 12 ? 1.702  1.957   -8.180  1.00 0.00 ? 12 ARG A HH11 2 
ATOM 536  H HH12 . ARG A 1 12 ? 3.184  2.507   -9.134  1.00 0.00 ? 12 ARG A HH12 2 
ATOM 537  H HH21 . ARG A 1 12 ? 4.716  3.391   -6.243  1.00 0.00 ? 12 ARG A HH21 2 
ATOM 538  H HH22 . ARG A 1 12 ? 4.826  3.287   -8.087  1.00 0.00 ? 12 ARG A HH22 2 
ATOM 539  N N    . LEU A 1 13 ? 0.546  -2.695  -2.857  1.00 0.00 ? 13 LEU A N    2 
ATOM 540  C CA   . LEU A 1 13 ? 0.763  -4.014  -2.268  1.00 0.00 ? 13 LEU A CA   2 
ATOM 541  C C    . LEU A 1 13 ? -0.511 -4.662  -1.776  1.00 0.00 ? 13 LEU A C    2 
ATOM 542  O O    . LEU A 1 13 ? -0.488 -5.781  -1.235  1.00 0.00 ? 13 LEU A O    2 
ATOM 543  C CB   . LEU A 1 13 ? 1.799  -3.914  -1.106  1.00 0.00 ? 13 LEU A CB   2 
ATOM 544  C CG   . LEU A 1 13 ? 3.307  -3.990  -1.468  1.00 0.00 ? 13 LEU A CG   2 
ATOM 545  C CD1  . LEU A 1 13 ? 4.204  -3.310  -0.420  1.00 0.00 ? 13 LEU A CD1  2 
ATOM 546  C CD2  . LEU A 1 13 ? 3.735  -5.454  -1.642  1.00 0.00 ? 13 LEU A CD2  2 
ATOM 547  H H    . LEU A 1 13 ? 0.810  -1.821  -2.352  1.00 0.00 ? 13 LEU A H    2 
ATOM 548  H HA   . LEU A 1 13 ? 1.157  -4.679  -3.059  1.00 0.00 ? 13 LEU A HA   2 
ATOM 549  H HB2  . LEU A 1 13 ? 1.623  -2.968  -0.557  1.00 0.00 ? 13 LEU A HB2  2 
ATOM 550  H HB3  . LEU A 1 13 ? 1.576  -4.710  -0.370  1.00 0.00 ? 13 LEU A HB3  2 
ATOM 551  H HG   . LEU A 1 13 ? 3.456  -3.474  -2.440  1.00 0.00 ? 13 LEU A HG   2 
ATOM 552  H HD11 . LEU A 1 13 ? 3.840  -2.293  -0.181  1.00 0.00 ? 13 LEU A HD11 2 
ATOM 553  H HD12 . LEU A 1 13 ? 4.217  -3.863  0.536   1.00 0.00 ? 13 LEU A HD12 2 
ATOM 554  H HD13 . LEU A 1 13 ? 5.250  -3.210  -0.765  1.00 0.00 ? 13 LEU A HD13 2 
ATOM 555  H HD21 . LEU A 1 13 ? 3.084  -5.991  -2.357  1.00 0.00 ? 13 LEU A HD21 2 
ATOM 556  H HD22 . LEU A 1 13 ? 4.774  -5.546  -2.013  1.00 0.00 ? 13 LEU A HD22 2 
ATOM 557  H HD23 . LEU A 1 13 ? 3.680  -6.011  -0.687  1.00 0.00 ? 13 LEU A HD23 2 
ATOM 558  N N    . GLU A 1 14 ? -1.638 -3.991  -1.920  1.00 0.00 ? 14 GLU A N    2 
ATOM 559  C CA   . GLU A 1 14 ? -2.933 -4.574  -1.573  1.00 0.00 ? 14 GLU A CA   2 
ATOM 560  C C    . GLU A 1 14 ? -3.273 -5.734  -2.480  1.00 0.00 ? 14 GLU A C    2 
ATOM 561  O O    . GLU A 1 14 ? -3.643 -6.826  -2.035  1.00 0.00 ? 14 GLU A O    2 
ATOM 562  C CB   . GLU A 1 14 ? -4.019 -3.464  -1.652  1.00 0.00 ? 14 GLU A CB   2 
ATOM 563  C CG   . GLU A 1 14 ? -5.002 -3.333  -0.443  1.00 0.00 ? 14 GLU A CG   2 
ATOM 564  C CD   . GLU A 1 14 ? -5.086 -4.489  0.556   1.00 0.00 ? 14 GLU A CD   2 
ATOM 565  O OE1  . GLU A 1 14 ? -5.786 -5.477  0.375   1.00 0.00 ? 14 GLU A OE1  2 
ATOM 566  O OE2  . GLU A 1 14 ? -4.311 -4.316  1.662   1.00 0.00 ? 14 GLU A OE2  2 
ATOM 567  H H    . GLU A 1 14 ? -1.546 -3.003  -2.237  1.00 0.00 ? 14 GLU A H    2 
ATOM 568  H HA   . GLU A 1 14 ? -2.873 -4.964  -0.541  1.00 0.00 ? 14 GLU A HA   2 
ATOM 569  H HB2  . GLU A 1 14 ? -3.518 -2.487  -1.802  1.00 0.00 ? 14 GLU A HB2  2 
ATOM 570  H HB3  . GLU A 1 14 ? -4.607 -3.610  -2.580  1.00 0.00 ? 14 GLU A HB3  2 
ATOM 571  H HG2  . GLU A 1 14 ? -4.769 -2.422  0.142   1.00 0.00 ? 14 GLU A HG2  2 
ATOM 572  H HG3  . GLU A 1 14 ? -6.029 -3.160  -0.815  1.00 0.00 ? 14 GLU A HG3  2 
ATOM 573  N N    . ALA A 1 15 ? -3.160 -5.506  -3.774  1.00 0.00 ? 15 ALA A N    2 
ATOM 574  C CA   . ALA A 1 15 ? -3.460 -6.530  -4.770  1.00 0.00 ? 15 ALA A CA   2 
ATOM 575  C C    . ALA A 1 15 ? -2.310 -7.483  -5.000  1.00 0.00 ? 15 ALA A C    2 
ATOM 576  O O    . ALA A 1 15 ? -2.349 -8.324  -5.914  1.00 0.00 ? 15 ALA A O    2 
ATOM 577  C CB   . ALA A 1 15 ? -3.876 -5.798  -6.063  1.00 0.00 ? 15 ALA A CB   2 
ATOM 578  H H    . ALA A 1 15 ? -2.895 -4.533  -4.046  1.00 0.00 ? 15 ALA A H    2 
ATOM 579  H HA   . ALA A 1 15 ? -4.310 -7.132  -4.398  1.00 0.00 ? 15 ALA A HA   2 
ATOM 580  H HB1  . ALA A 1 15 ? -4.745 -5.131  -5.890  1.00 0.00 ? 15 ALA A HB1  2 
ATOM 581  H HB2  . ALA A 1 15 ? -3.063 -5.167  -6.467  1.00 0.00 ? 15 ALA A HB2  2 
ATOM 582  H HB3  . ALA A 1 15 ? -4.173 -6.500  -6.860  1.00 0.00 ? 15 ALA A HB3  2 
ATOM 583  N N    . LEU A 1 16 ? -1.264 -7.383  -4.205  1.00 0.00 ? 16 LEU A N    2 
ATOM 584  C CA   . LEU A 1 16 ? -0.073 -8.213  -4.376  1.00 0.00 ? 16 LEU A CA   2 
ATOM 585  C C    . LEU A 1 16 ? -0.013 -9.294  -3.323  1.00 0.00 ? 16 LEU A C    2 
ATOM 586  O O    . LEU A 1 16 ? 0.377  -10.438 -3.576  1.00 0.00 ? 16 LEU A O    2 
ATOM 587  C CB   . LEU A 1 16 ? 1.210  -7.334  -4.350  1.00 0.00 ? 16 LEU A CB   2 
ATOM 588  C CG   . LEU A 1 16 ? 1.662  -6.657  -5.674  1.00 0.00 ? 16 LEU A CG   2 
ATOM 589  C CD1  . LEU A 1 16 ? 2.152  -5.215  -5.466  1.00 0.00 ? 16 LEU A CD1  2 
ATOM 590  C CD2  . LEU A 1 16 ? 2.768  -7.488  -6.340  1.00 0.00 ? 16 LEU A CD2  2 
ATOM 591  H H    . LEU A 1 16 ? -1.304 -6.643  -3.474  1.00 0.00 ? 16 LEU A H    2 
ATOM 592  H HA   . LEU A 1 16 ? -0.152 -8.726  -5.351  1.00 0.00 ? 16 LEU A HA   2 
ATOM 593  H HB2  . LEU A 1 16 ? 1.073  -6.540  -3.587  1.00 0.00 ? 16 LEU A HB2  2 
ATOM 594  H HB3  . LEU A 1 16 ? 2.054  -7.942  -3.967  1.00 0.00 ? 16 LEU A HB3  2 
ATOM 595  H HG   . LEU A 1 16 ? 0.793  -6.634  -6.363  1.00 0.00 ? 16 LEU A HG   2 
ATOM 596  H HD11 . LEU A 1 16 ? 1.425  -4.627  -4.875  1.00 0.00 ? 16 LEU A HD11 2 
ATOM 597  H HD12 . LEU A 1 16 ? 3.103  -5.177  -4.905  1.00 0.00 ? 16 LEU A HD12 2 
ATOM 598  H HD13 . LEU A 1 16 ? 2.304  -4.682  -6.423  1.00 0.00 ? 16 LEU A HD13 2 
ATOM 599  H HD21 . LEU A 1 16 ? 2.469  -8.546  -6.467  1.00 0.00 ? 16 LEU A HD21 2 
ATOM 600  H HD22 . LEU A 1 16 ? 3.038  -7.102  -7.341  1.00 0.00 ? 16 LEU A HD22 2 
ATOM 601  H HD23 . LEU A 1 16 ? 3.694  -7.494  -5.733  1.00 0.00 ? 16 LEU A HD23 2 
ATOM 602  N N    . LYS A 1 17 ? -0.394 -8.937  -2.109  1.00 0.00 ? 17 LYS A N    2 
ATOM 603  C CA   . LYS A 1 17 ? -0.389 -9.874  -0.985  1.00 0.00 ? 17 LYS A CA   2 
ATOM 604  C C    . LYS A 1 17 ? -1.693 -10.637 -0.870  1.00 0.00 ? 17 LYS A C    2 
ATOM 605  O O    . LYS A 1 17 ? -1.750 -11.720 -0.269  1.00 0.00 ? 17 LYS A O    2 
ATOM 606  C CB   . LYS A 1 17 ? -0.105 -9.093  0.328   1.00 0.00 ? 17 LYS A CB   2 
ATOM 607  C CG   . LYS A 1 17 ? -1.257 -9.198  1.382   1.00 0.00 ? 17 LYS A CG   2 
ATOM 608  C CD   . LYS A 1 17 ? -1.232 -8.092  2.440   1.00 0.00 ? 17 LYS A CD   2 
ATOM 609  C CE   . LYS A 1 17 ? -1.631 -8.679  3.800   1.00 0.00 ? 17 LYS A CE   2 
ATOM 610  N NZ   . LYS A 1 17 ? -0.939 -7.944  4.873   1.00 0.00 ? 17 LYS A NZ   2 
ATOM 611  H H    . LYS A 1 17 ? -0.646 -7.933  -1.984  1.00 0.00 ? 17 LYS A H    2 
ATOM 612  H HA   . LYS A 1 17 ? 0.393  -10.638 -1.216  1.00 0.00 ? 17 LYS A HA   2 
ATOM 613  H HB2  . LYS A 1 17 ? 0.854  -9.338  0.845   1.00 0.00 ? 17 LYS A HB2  2 
ATOM 614  H HB3  . LYS A 1 17 ? 0.015  -7.996  0.092   1.00 0.00 ? 17 LYS A HB3  2 
ATOM 615  H HG2  . LYS A 1 17 ? -2.245 -9.139  0.892   1.00 0.00 ? 17 LYS A HG2  2 
ATOM 616  H HG3  . LYS A 1 17 ? -1.217 -10.192 1.869   1.00 0.00 ? 17 LYS A HG3  2 
ATOM 617  H HD2  . LYS A 1 17 ? -0.224 -7.633  2.478   1.00 0.00 ? 17 LYS A HD2  2 
ATOM 618  H HD3  . LYS A 1 17 ? -1.932 -7.281  2.152   1.00 0.00 ? 17 LYS A HD3  2 
ATOM 619  H HE2  . LYS A 1 17 ? -2.732 -8.622  3.940   1.00 0.00 ? 17 LYS A HE2  2 
ATOM 620  H HE3  . LYS A 1 17 ? -1.374 -9.757  3.863   1.00 0.00 ? 17 LYS A HE3  2 
ATOM 621  H HZ1  . LYS A 1 17 ? 0.028  -7.740  4.583   1.00 0.00 ? 17 LYS A HZ1  2 
ATOM 622  H HZ2  . LYS A 1 17 ? -1.434 -7.060  5.059   1.00 0.00 ? 17 LYS A HZ2  2 
ATOM 623  H HZ3  . LYS A 1 17 ? -0.926 -8.516  5.730   1.00 0.00 ? 17 LYS A HZ3  2 
ATOM 624  N N    . GLU A 1 18 ? -2.760 -10.098 -1.428  1.00 0.00 ? 18 GLU A N    2 
ATOM 625  C CA   . GLU A 1 18 ? -4.078 -10.721 -1.335  1.00 0.00 ? 18 GLU A CA   2 
ATOM 626  C C    . GLU A 1 18 ? -4.044 -12.135 -1.862  1.00 0.00 ? 18 GLU A C    2 
ATOM 627  O O    . GLU A 1 18 ? -4.042 -12.384 -3.072  1.00 0.00 ? 18 GLU A O    2 
ATOM 628  C CB   . GLU A 1 18 ? -5.100 -9.850  -2.122  1.00 0.00 ? 18 GLU A CB   2 
ATOM 629  C CG   . GLU A 1 18 ? -6.574 -10.365 -2.197  1.00 0.00 ? 18 GLU A CG   2 
ATOM 630  C CD   . GLU A 1 18 ? -7.485 -10.140 -0.987  1.00 0.00 ? 18 GLU A CD   2 
ATOM 631  O OE1  . GLU A 1 18 ? -7.333 -9.213  -0.203  1.00 0.00 ? 18 GLU A OE1  2 
ATOM 632  O OE2  . GLU A 1 18 ? -8.476 -11.067 -0.867  1.00 0.00 ? 18 GLU A OE2  2 
ATOM 633  H H    . GLU A 1 18 ? -2.615 -9.177  -1.899  1.00 0.00 ? 18 GLU A H    2 
ATOM 634  H HA   . GLU A 1 18 ? -4.375 -10.760 -0.272  1.00 0.00 ? 18 GLU A HA   2 
ATOM 635  H HB2  . GLU A 1 18 ? -5.106 -8.831  -1.688  1.00 0.00 ? 18 GLU A HB2  2 
ATOM 636  H HB3  . GLU A 1 18 ? -4.713 -9.704  -3.150  1.00 0.00 ? 18 GLU A HB3  2 
ATOM 637  H HG2  . GLU A 1 18 ? -7.084 -9.911  -3.067  1.00 0.00 ? 18 GLU A HG2  2 
ATOM 638  H HG3  . GLU A 1 18 ? -6.589 -11.450 -2.410  1.00 0.00 ? 18 GLU A HG3  2 
ATOM 639  N N    . ASN A 1 19 ? -4.017 -13.092 -0.951  1.00 0.00 ? 19 ASN A N    2 
ATOM 640  C CA   . ASN A 1 19 ? -3.951 -14.504 -1.319  1.00 0.00 ? 19 ASN A CA   2 
ATOM 641  C C    . ASN A 1 19 ? -3.836 -15.380 -0.095  1.00 0.00 ? 19 ASN A C    2 
ATOM 642  O O    . ASN A 1 19 ? -4.709 -16.199 0.208   1.00 0.00 ? 19 ASN A O    2 
ATOM 643  C CB   . ASN A 1 19 ? -2.746 -14.733 -2.276  1.00 0.00 ? 19 ASN A CB   2 
ATOM 644  C CG   . ASN A 1 19 ? -3.036 -15.454 -3.597  1.00 0.00 ? 19 ASN A CG   2 
ATOM 645  O OD1  . ASN A 1 19 ? -4.153 -15.486 -4.093  1.00 0.00 ? 19 ASN A OD1  2 
ATOM 646  N ND2  . ASN A 1 19 ? -2.054 -16.058 -4.213  1.00 0.00 ? 19 ASN A ND2  2 
ATOM 647  H H    . ASN A 1 19 ? -4.094 -12.777 0.042   1.00 0.00 ? 19 ASN A H    2 
ATOM 648  H HA   . ASN A 1 19 ? -4.895 -14.777 -1.829  1.00 0.00 ? 19 ASN A HA   2 
ATOM 649  H HB2  . ASN A 1 19 ? -2.249 -13.773 -2.508  1.00 0.00 ? 19 ASN A HB2  2 
ATOM 650  H HB3  . ASN A 1 19 ? -1.969 -15.326 -1.755  1.00 0.00 ? 19 ASN A HB3  2 
ATOM 651  H HD21 . ASN A 1 19 ? -1.121 -15.949 -3.818  1.00 0.00 ? 19 ASN A HD21 2 
ATOM 652  H HD22 . ASN A 1 19 ? -2.335 -16.435 -5.122  1.00 0.00 ? 19 ASN A HD22 2 
ATOM 653  N N    . GLY A 1 20 ? -2.751 -15.212 0.637   1.00 0.00 ? 20 GLY A N    2 
ATOM 654  C CA   . GLY A 1 20 ? -2.545 -15.927 1.892   1.00 0.00 ? 20 GLY A CA   2 
ATOM 655  C C    . GLY A 1 20 ? -1.520 -15.226 2.753   1.00 0.00 ? 20 GLY A C    2 
ATOM 656  O O    . GLY A 1 20 ? -1.842 -14.309 3.571   1.00 0.00 ? 20 GLY A O    2 
ATOM 657  O OXT  . GLY A 1 20 ? -0.318 -15.608 2.608   1.00 0.00 ? 20 GLY A OXT  2 
ATOM 658  H H    . GLY A 1 20 ? -2.051 -14.530 0.268   1.00 0.00 ? 20 GLY A H    2 
ATOM 659  H HA2  . GLY A 1 20 ? -3.497 -16.001 2.450   1.00 0.00 ? 20 GLY A HA2  2 
ATOM 660  H HA3  . GLY A 1 20 ? -2.207 -16.960 1.694   1.00 0.00 ? 20 GLY A HA3  2 
ATOM 661  N N    . TYR A 1 1  ? 8.545  12.671  3.326   1.00 0.00 ? 1  TYR A N    3 
ATOM 662  C CA   . TYR A 1 1  ? 7.120  12.747  3.635   1.00 0.00 ? 1  TYR A CA   3 
ATOM 663  C C    . TYR A 1 1  ? 6.582  11.393  4.032   1.00 0.00 ? 1  TYR A C    3 
ATOM 664  O O    . TYR A 1 1  ? 6.899  10.362  3.429   1.00 0.00 ? 1  TYR A O    3 
ATOM 665  C CB   . TYR A 1 1  ? 6.308  13.244  2.403   1.00 0.00 ? 1  TYR A CB   3 
ATOM 666  C CG   . TYR A 1 1  ? 6.410  14.733  2.050   1.00 0.00 ? 1  TYR A CG   3 
ATOM 667  C CD1  . TYR A 1 1  ? 6.617  15.678  3.061   1.00 0.00 ? 1  TYR A CD1  3 
ATOM 668  C CD2  . TYR A 1 1  ? 6.301  15.160  0.722   1.00 0.00 ? 1  TYR A CD2  3 
ATOM 669  C CE1  . TYR A 1 1  ? 6.701  17.032  2.750   1.00 0.00 ? 1  TYR A CE1  3 
ATOM 670  C CE2  . TYR A 1 1  ? 6.386  16.516  0.414   1.00 0.00 ? 1  TYR A CE2  3 
ATOM 671  C CZ   . TYR A 1 1  ? 6.579  17.449  1.427   1.00 0.00 ? 1  TYR A CZ   3 
ATOM 672  O OH   . TYR A 1 1  ? 6.656  18.778  1.120   1.00 0.00 ? 1  TYR A OH   3 
ATOM 673  H H1   . TYR A 1 1  ? 8.990  11.960  3.925   1.00 0.00 ? 1  TYR A H1   3 
ATOM 674  H H2   . TYR A 1 1  ? 8.669  12.412  2.337   1.00 0.00 ? 1  TYR A H2   3 
ATOM 675  H H3   . TYR A 1 1  ? 8.986  13.586  3.498   1.00 0.00 ? 1  TYR A H3   3 
ATOM 676  H HA   . TYR A 1 1  ? 6.973  13.436  4.488   1.00 0.00 ? 1  TYR A HA   3 
ATOM 677  H HB2  . TYR A 1 1  ? 6.608  12.669  1.501   1.00 0.00 ? 1  TYR A HB2  3 
ATOM 678  H HB3  . TYR A 1 1  ? 5.239  12.963  2.534   1.00 0.00 ? 1  TYR A HB3  3 
ATOM 679  H HD1  . TYR A 1 1  ? 6.693  15.362  4.093   1.00 0.00 ? 1  TYR A HD1  3 
ATOM 680  H HD2  . TYR A 1 1  ? 6.137  14.443  -0.069  1.00 0.00 ? 1  TYR A HD2  3 
ATOM 681  H HE1  . TYR A 1 1  ? 6.851  17.751  3.542   1.00 0.00 ? 1  TYR A HE1  3 
ATOM 682  H HE2  . TYR A 1 1  ? 6.291  16.846  -0.610  1.00 0.00 ? 1  TYR A HE2  3 
ATOM 683  H HH   . TYR A 1 1  ? 7.131  18.868  0.288   1.00 0.00 ? 1  TYR A HH   3 
ATOM 684  N N    . SER A 1 2  ? 5.758  11.374  5.064   1.00 0.00 ? 2  SER A N    3 
ATOM 685  C CA   . SER A 1 2  ? 5.161  10.135  5.556   1.00 0.00 ? 2  SER A CA   3 
ATOM 686  C C    . SER A 1 2  ? 3.767  10.380  6.088   1.00 0.00 ? 2  SER A C    3 
ATOM 687  O O    . SER A 1 2  ? 3.532  10.458  7.298   1.00 0.00 ? 2  SER A O    3 
ATOM 688  C CB   . SER A 1 2  ? 6.068  9.470   6.621   1.00 0.00 ? 2  SER A CB   3 
ATOM 689  O OG   . SER A 1 2  ? 7.032  8.577   6.051   1.00 0.00 ? 2  SER A OG   3 
ATOM 690  H H    . SER A 1 2  ? 5.556  12.298  5.506   1.00 0.00 ? 2  SER A H    3 
ATOM 691  H HA   . SER A 1 2  ? 5.059  9.442   4.701   1.00 0.00 ? 2  SER A HA   3 
ATOM 692  H HB2  . SER A 1 2  ? 6.587  10.232  7.234   1.00 0.00 ? 2  SER A HB2  3 
ATOM 693  H HB3  . SER A 1 2  ? 5.447  8.901   7.339   1.00 0.00 ? 2  SER A HB3  3 
ATOM 694  H HG   . SER A 1 2  ? 7.430  9.026   5.300   1.00 0.00 ? 2  SER A HG   3 
ATOM 695  N N    . ASP A 1 3  ? 2.813  10.491  5.182   1.00 0.00 ? 3  ASP A N    3 
ATOM 696  C CA   . ASP A 1 3  ? 1.428  10.780  5.545   1.00 0.00 ? 3  ASP A CA   3 
ATOM 697  C C    . ASP A 1 3  ? 0.533  10.742  4.328   1.00 0.00 ? 3  ASP A C    3 
ATOM 698  O O    . ASP A 1 3  ? -0.608 10.274  4.356   1.00 0.00 ? 3  ASP A O    3 
ATOM 699  C CB   . ASP A 1 3  ? 1.339  12.137  6.289   1.00 0.00 ? 3  ASP A CB   3 
ATOM 700  C CG   . ASP A 1 3  ? 0.430  12.187  7.527   1.00 0.00 ? 3  ASP A CG   3 
ATOM 701  O OD1  . ASP A 1 3  ? 0.865  11.375  8.537   1.00 0.00 ? 3  ASP A OD1  3 
ATOM 702  O OD2  . ASP A 1 3  ? -0.562 12.896  7.596   1.00 0.00 ? 3  ASP A OD2  3 
ATOM 703  H H    . ASP A 1 3  ? 3.117  10.368  4.187   1.00 0.00 ? 3  ASP A H    3 
ATOM 704  H HA   . ASP A 1 3  ? 1.098  9.959   6.208   1.00 0.00 ? 3  ASP A HA   3 
ATOM 705  H HB2  . ASP A 1 3  ? 2.340  12.486  6.602   1.00 0.00 ? 3  ASP A HB2  3 
ATOM 706  H HB3  . ASP A 1 3  ? 0.981  12.916  5.588   1.00 0.00 ? 3  ASP A HB3  3 
ATOM 707  N N    . GLU A 1 4  ? 1.055  11.244  3.222   1.00 0.00 ? 4  GLU A N    3 
ATOM 708  C CA   . GLU A 1 4  ? 0.373  11.171  1.933   1.00 0.00 ? 4  GLU A CA   3 
ATOM 709  C C    . GLU A 1 4  ? 0.847  9.977   1.139   1.00 0.00 ? 4  GLU A C    3 
ATOM 710  O O    . GLU A 1 4  ? 0.094  9.358   0.380   1.00 0.00 ? 4  GLU A O    3 
ATOM 711  C CB   . GLU A 1 4  ? 0.630  12.496  1.163   1.00 0.00 ? 4  GLU A CB   3 
ATOM 712  C CG   . GLU A 1 4  ? 0.568  13.828  1.982   1.00 0.00 ? 4  GLU A CG   3 
ATOM 713  C CD   . GLU A 1 4  ? 0.339  15.138  1.223   1.00 0.00 ? 4  GLU A CD   3 
ATOM 714  O OE1  . GLU A 1 4  ? -0.314 15.203  0.191   1.00 0.00 ? 4  GLU A OE1  3 
ATOM 715  O OE2  . GLU A 1 4  ? 0.927  16.219  1.805   1.00 0.00 ? 4  GLU A OE2  3 
ATOM 716  H H    . GLU A 1 4  ? 1.965  11.745  3.332   1.00 0.00 ? 4  GLU A H    3 
ATOM 717  H HA   . GLU A 1 4  ? -0.711 11.051  2.113   1.00 0.00 ? 4  GLU A HA   3 
ATOM 718  H HB2  . GLU A 1 4  ? 1.616  12.429  0.662   1.00 0.00 ? 4  GLU A HB2  3 
ATOM 719  H HB3  . GLU A 1 4  ? -0.092 12.568  0.327   1.00 0.00 ? 4  GLU A HB3  3 
ATOM 720  H HG2  . GLU A 1 4  ? -0.228 13.759  2.746   1.00 0.00 ? 4  GLU A HG2  3 
ATOM 721  H HG3  . GLU A 1 4  ? 1.497  13.958  2.569   1.00 0.00 ? 4  GLU A HG3  3 
ATOM 722  N N    . LEU A 1 5  ? 2.109  9.629   1.308   1.00 0.00 ? 5  LEU A N    3 
ATOM 723  C CA   . LEU A 1 5  ? 2.731  8.565   0.522   1.00 0.00 ? 5  LEU A CA   3 
ATOM 724  C C    . LEU A 1 5  ? 2.782  7.259   1.279   1.00 0.00 ? 5  LEU A C    3 
ATOM 725  O O    . LEU A 1 5  ? 2.943  6.179   0.691   1.00 0.00 ? 5  LEU A O    3 
ATOM 726  C CB   . LEU A 1 5  ? 4.158  8.991   0.069   1.00 0.00 ? 5  LEU A CB   3 
ATOM 727  C CG   . LEU A 1 5  ? 4.283  10.182  -0.921  1.00 0.00 ? 5  LEU A CG   3 
ATOM 728  C CD1  . LEU A 1 5  ? 5.503  11.041  -0.559  1.00 0.00 ? 5  LEU A CD1  3 
ATOM 729  C CD2  . LEU A 1 5  ? 4.388  9.732   -2.387  1.00 0.00 ? 5  LEU A CD2  3 
ATOM 730  H H    . LEU A 1 5  ? 2.655  10.185  2.004   1.00 0.00 ? 5  LEU A H    3 
ATOM 731  H HA   . LEU A 1 5  ? 2.101  8.381   -0.366  1.00 0.00 ? 5  LEU A HA   3 
ATOM 732  H HB2  . LEU A 1 5  ? 4.761  9.227   0.968   1.00 0.00 ? 5  LEU A HB2  3 
ATOM 733  H HB3  . LEU A 1 5  ? 4.660  8.113   -0.381  1.00 0.00 ? 5  LEU A HB3  3 
ATOM 734  H HG   . LEU A 1 5  ? 3.377  10.816  -0.815  1.00 0.00 ? 5  LEU A HG   3 
ATOM 735  H HD11 . LEU A 1 5  ? 5.444  11.422  0.480   1.00 0.00 ? 5  LEU A HD11 3 
ATOM 736  H HD12 . LEU A 1 5  ? 6.453  10.480  -0.646  1.00 0.00 ? 5  LEU A HD12 3 
ATOM 737  H HD13 . LEU A 1 5  ? 5.587  11.928  -1.213  1.00 0.00 ? 5  LEU A HD13 3 
ATOM 738  H HD21 . LEU A 1 5  ? 5.227  9.031   -2.553  1.00 0.00 ? 5  LEU A HD21 3 
ATOM 739  H HD22 . LEU A 1 5  ? 3.463  9.219   -2.715  1.00 0.00 ? 5  LEU A HD22 3 
ATOM 740  H HD23 . LEU A 1 5  ? 4.522  10.586  -3.075  1.00 0.00 ? 5  LEU A HD23 3 
ATOM 741  N N    . ARG A 1 6  ? 2.674  7.322   2.591   1.00 0.00 ? 6  ARG A N    3 
ATOM 742  C CA   . ARG A 1 6  ? 2.592  6.121   3.419   1.00 0.00 ? 6  ARG A CA   3 
ATOM 743  C C    . ARG A 1 6  ? 1.310  5.368   3.153   1.00 0.00 ? 6  ARG A C    3 
ATOM 744  O O    . ARG A 1 6  ? 1.274  4.135   3.095   1.00 0.00 ? 6  ARG A O    3 
ATOM 745  C CB   . ARG A 1 6  ? 2.716  6.525   4.914   1.00 0.00 ? 6  ARG A CB   3 
ATOM 746  C CG   . ARG A 1 6  ? 3.118  5.372   5.871   1.00 0.00 ? 6  ARG A CG   3 
ATOM 747  C CD   . ARG A 1 6  ? 3.797  5.876   7.150   1.00 0.00 ? 6  ARG A CD   3 
ATOM 748  N NE   . ARG A 1 6  ? 5.264  5.907   6.919   1.00 0.00 ? 6  ARG A NE   3 
ATOM 749  C CZ   . ARG A 1 6  ? 6.065  4.849   6.920   1.00 0.00 ? 6  ARG A CZ   3 
ATOM 750  N NH1  . ARG A 1 6  ? 5.670  3.629   7.126   1.00 0.00 ? 6  ARG A NH1  3 
ATOM 751  N NH2  . ARG A 1 6  ? 7.316  5.053   6.702   1.00 0.00 ? 6  ARG A NH2  3 
ATOM 752  H H    . ARG A 1 6  ? 2.709  8.279   3.008   1.00 0.00 ? 6  ARG A H    3 
ATOM 753  H HA   . ARG A 1 6  ? 3.431  5.456   3.148   1.00 0.00 ? 6  ARG A HA   3 
ATOM 754  H HB2  . ARG A 1 6  ? 3.438  7.363   5.012   1.00 0.00 ? 6  ARG A HB2  3 
ATOM 755  H HB3  . ARG A 1 6  ? 1.752  6.943   5.263   1.00 0.00 ? 6  ARG A HB3  3 
ATOM 756  H HG2  . ARG A 1 6  ? 2.225  4.771   6.141   1.00 0.00 ? 6  ARG A HG2  3 
ATOM 757  H HG3  . ARG A 1 6  ? 3.804  4.659   5.370   1.00 0.00 ? 6  ARG A HG3  3 
ATOM 758  H HD2  . ARG A 1 6  ? 3.426  6.887   7.412   1.00 0.00 ? 6  ARG A HD2  3 
ATOM 759  H HD3  . ARG A 1 6  ? 3.555  5.211   8.004   1.00 0.00 ? 6  ARG A HD3  3 
ATOM 760  H HE   . ARG A 1 6  ? 5.695  6.825   6.743   1.00 0.00 ? 6  ARG A HE   3 
ATOM 761  H HH11 . ARG A 1 6  ? 4.665  3.555   7.288   1.00 0.00 ? 6  ARG A HH11 3 
ATOM 762  H HH12 . ARG A 1 6  ? 6.380  2.900   7.103   1.00 0.00 ? 6  ARG A HH12 3 
ATOM 763  H HH21 . ARG A 1 6  ? 7.522  6.043   6.553   1.00 0.00 ? 6  ARG A HH21 3 
ATOM 764  H HH22 . ARG A 1 6  ? 7.937  4.247   6.704   1.00 0.00 ? 6  ARG A HH22 3 
ATOM 765  N N    . GLN A 1 7  ? 0.227  6.107   3.004   1.00 0.00 ? 7  GLN A N    3 
ATOM 766  C CA   . GLN A 1 7  ? -1.069 5.527   2.663   1.00 0.00 ? 7  GLN A CA   3 
ATOM 767  C C    . GLN A 1 7  ? -1.057 4.961   1.263   1.00 0.00 ? 7  GLN A C    3 
ATOM 768  O O    . GLN A 1 7  ? -1.649 3.915   0.975   1.00 0.00 ? 7  GLN A O    3 
ATOM 769  C CB   . GLN A 1 7  ? -2.157 6.614   2.809   1.00 0.00 ? 7  GLN A CB   3 
ATOM 770  C CG   . GLN A 1 7  ? -2.538 7.028   4.269   1.00 0.00 ? 7  GLN A CG   3 
ATOM 771  C CD   . GLN A 1 7  ? -3.794 7.879   4.500   1.00 0.00 ? 7  GLN A CD   3 
ATOM 772  O OE1  . GLN A 1 7  ? -3.740 9.098   4.495   1.00 0.00 ? 7  GLN A OE1  3 
ATOM 773  N NE2  . GLN A 1 7  ? -4.944 7.297   4.730   1.00 0.00 ? 7  GLN A NE2  3 
ATOM 774  H H    . GLN A 1 7  ? 0.339  7.127   3.198   1.00 0.00 ? 7  GLN A H    3 
ATOM 775  H HA   . GLN A 1 7  ? -1.275 4.695   3.361   1.00 0.00 ? 7  GLN A HA   3 
ATOM 776  H HB2  . GLN A 1 7  ? -1.832 7.521   2.260   1.00 0.00 ? 7  GLN A HB2  3 
ATOM 777  H HB3  . GLN A 1 7  ? -3.073 6.270   2.282   1.00 0.00 ? 7  GLN A HB3  3 
ATOM 778  H HG2  . GLN A 1 7  ? -2.624 6.133   4.912   1.00 0.00 ? 7  GLN A HG2  3 
ATOM 779  H HG3  . GLN A 1 7  ? -1.720 7.616   4.727   1.00 0.00 ? 7  GLN A HG3  3 
ATOM 780  H HE21 . GLN A 1 7  ? -4.913 6.277   4.759   1.00 0.00 ? 7  GLN A HE21 3 
ATOM 781  H HE22 . GLN A 1 7  ? -5.716 7.934   4.934   1.00 0.00 ? 7  GLN A HE22 3 
ATOM 782  N N    . ARG A 1 8  ? -0.373 5.645   0.366   1.00 0.00 ? 8  ARG A N    3 
ATOM 783  C CA   . ARG A 1 8  ? -0.236 5.189   -1.016  1.00 0.00 ? 8  ARG A CA   3 
ATOM 784  C C    . ARG A 1 8  ? 0.593  3.931   -1.115  1.00 0.00 ? 8  ARG A C    3 
ATOM 785  O O    . ARG A 1 8  ? 0.506  3.174   -2.092  1.00 0.00 ? 8  ARG A O    3 
ATOM 786  C CB   . ARG A 1 8  ? 0.383  6.340   -1.860  1.00 0.00 ? 8  ARG A CB   3 
ATOM 787  C CG   . ARG A 1 8  ? -0.616 7.456   -2.267  1.00 0.00 ? 8  ARG A CG   3 
ATOM 788  C CD   . ARG A 1 8  ? -0.194 8.193   -3.545  1.00 0.00 ? 8  ARG A CD   3 
ATOM 789  N NE   . ARG A 1 8  ? -1.252 9.178   -3.886  1.00 0.00 ? 8  ARG A NE   3 
ATOM 790  C CZ   . ARG A 1 8  ? -2.391 8.901   -4.508  1.00 0.00 ? 8  ARG A CZ   3 
ATOM 791  N NH1  . ARG A 1 8  ? -2.735 7.714   -4.912  1.00 0.00 ? 8  ARG A NH1  3 
ATOM 792  N NH2  . ARG A 1 8  ? -3.202 9.874   -4.722  1.00 0.00 ? 8  ARG A NH2  3 
ATOM 793  H H    . ARG A 1 8  ? 0.108  6.507   0.711   1.00 0.00 ? 8  ARG A H    3 
ATOM 794  H HA   . ARG A 1 8  ? -1.247 4.953   -1.398  1.00 0.00 ? 8  ARG A HA   3 
ATOM 795  H HB2  . ARG A 1 8  ? 1.215  6.808   -1.299  1.00 0.00 ? 8  ARG A HB2  3 
ATOM 796  H HB3  . ARG A 1 8  ? 0.860  5.916   -2.766  1.00 0.00 ? 8  ARG A HB3  3 
ATOM 797  H HG2  . ARG A 1 8  ? -1.629 7.026   -2.407  1.00 0.00 ? 8  ARG A HG2  3 
ATOM 798  H HG3  . ARG A 1 8  ? -0.730 8.203   -1.456  1.00 0.00 ? 8  ARG A HG3  3 
ATOM 799  H HD2  . ARG A 1 8  ? 0.776  8.705   -3.393  1.00 0.00 ? 8  ARG A HD2  3 
ATOM 800  H HD3  . ARG A 1 8  ? -0.055 7.472   -4.377  1.00 0.00 ? 8  ARG A HD3  3 
ATOM 801  H HE   . ARG A 1 8  ? -1.089 10.158  -3.616  1.00 0.00 ? 8  ARG A HE   3 
ATOM 802  H HH11 . ARG A 1 8  ? -2.037 7.001   -4.703  1.00 0.00 ? 8  ARG A HH11 3 
ATOM 803  H HH12 . ARG A 1 8  ? -3.637 7.626   -5.380  1.00 0.00 ? 8  ARG A HH12 3 
ATOM 804  H HH21 . ARG A 1 8  ? -2.838 10.761  -4.366  1.00 0.00 ? 8  ARG A HH21 3 
ATOM 805  H HH22 . ARG A 1 8  ? -4.079 9.669   -5.197  1.00 0.00 ? 8  ARG A HH22 3 
ATOM 806  N N    . LEU A 1 9  ? 1.424  3.684   -0.120  1.00 0.00 ? 9  LEU A N    3 
ATOM 807  C CA   . LEU A 1 9  ? 2.255  2.483   -0.081  1.00 0.00 ? 9  LEU A CA   3 
ATOM 808  C C    . LEU A 1 9  ? 1.447  1.277   0.334   1.00 0.00 ? 9  LEU A C    3 
ATOM 809  O O    . LEU A 1 9  ? 1.630  0.163   -0.166  1.00 0.00 ? 9  LEU A O    3 
ATOM 810  C CB   . LEU A 1 9  ? 3.467  2.692   0.873   1.00 0.00 ? 9  LEU A CB   3 
ATOM 811  C CG   . LEU A 1 9  ? 3.766  1.593   1.927   1.00 0.00 ? 9  LEU A CG   3 
ATOM 812  C CD1  . LEU A 1 9  ? 4.495  0.414   1.269   1.00 0.00 ? 9  LEU A CD1  3 
ATOM 813  C CD2  . LEU A 1 9  ? 4.596  2.117   3.112   1.00 0.00 ? 9  LEU A CD2  3 
ATOM 814  H H    . LEU A 1 9  ? 1.494  4.422   0.614   1.00 0.00 ? 9  LEU A H    3 
ATOM 815  H HA   . LEU A 1 9  ? 2.620  2.279   -1.104  1.00 0.00 ? 9  LEU A HA   3 
ATOM 816  H HB2  . LEU A 1 9  ? 4.380  2.837   0.259   1.00 0.00 ? 9  LEU A HB2  3 
ATOM 817  H HB3  . LEU A 1 9  ? 3.334  3.655   1.403   1.00 0.00 ? 9  LEU A HB3  3 
ATOM 818  H HG   . LEU A 1 9  ? 2.798  1.218   2.320   1.00 0.00 ? 9  LEU A HG   3 
ATOM 819  H HD11 . LEU A 1 9  ? 3.908  -0.021  0.436   1.00 0.00 ? 9  LEU A HD11 3 
ATOM 820  H HD12 . LEU A 1 9  ? 5.480  0.705   0.856   1.00 0.00 ? 9  LEU A HD12 3 
ATOM 821  H HD13 . LEU A 1 9  ? 4.674  -0.409  1.988   1.00 0.00 ? 9  LEU A HD13 3 
ATOM 822  H HD21 . LEU A 1 9  ? 5.547  2.578   2.786   1.00 0.00 ? 9  LEU A HD21 3 
ATOM 823  H HD22 . LEU A 1 9  ? 4.038  2.882   3.683   1.00 0.00 ? 9  LEU A HD22 3 
ATOM 824  H HD23 . LEU A 1 9  ? 4.840  1.315   3.833   1.00 0.00 ? 9  LEU A HD23 3 
ATOM 825  N N    . ALA A 1 10 ? 0.545  1.483   1.277   1.00 0.00 ? 10 ALA A N    3 
ATOM 826  C CA   . ALA A 1 10 ? -0.381 0.437   1.702   1.00 0.00 ? 10 ALA A CA   3 
ATOM 827  C C    . ALA A 1 10 ? -1.270 -0.005  0.565   1.00 0.00 ? 10 ALA A C    3 
ATOM 828  O O    . ALA A 1 10 ? -1.693 -1.166  0.482   1.00 0.00 ? 10 ALA A O    3 
ATOM 829  C CB   . ALA A 1 10 ? -1.179 0.975   2.903   1.00 0.00 ? 10 ALA A CB   3 
ATOM 830  H H    . ALA A 1 10 ? 0.571  2.423   1.732   1.00 0.00 ? 10 ALA A H    3 
ATOM 831  H HA   . ALA A 1 10 ? 0.208  -0.445  2.016   1.00 0.00 ? 10 ALA A HA   3 
ATOM 832  H HB1  . ALA A 1 10 ? -0.514 1.258   3.743   1.00 0.00 ? 10 ALA A HB1  3 
ATOM 833  H HB2  . ALA A 1 10 ? -1.771 1.872   2.644   1.00 0.00 ? 10 ALA A HB2  3 
ATOM 834  H HB3  . ALA A 1 10 ? -1.884 0.223   3.300   1.00 0.00 ? 10 ALA A HB3  3 
ATOM 835  N N    . ALA A 1 11 ? -1.589 0.915   -0.326  1.00 0.00 ? 11 ALA A N    3 
ATOM 836  C CA   . ALA A 1 11 ? -2.517 0.643   -1.421  1.00 0.00 ? 11 ALA A CA   3 
ATOM 837  C C    . ALA A 1 11 ? -1.899 -0.284  -2.441  1.00 0.00 ? 11 ALA A C    3 
ATOM 838  O O    . ALA A 1 11 ? -2.553 -1.176  -2.994  1.00 0.00 ? 11 ALA A O    3 
ATOM 839  C CB   . ALA A 1 11 ? -2.938 1.994   -2.023  1.00 0.00 ? 11 ALA A CB   3 
ATOM 840  H H    . ALA A 1 11 ? -1.178 1.862   -0.172  1.00 0.00 ? 11 ALA A H    3 
ATOM 841  H HA   . ALA A 1 11 ? -3.406 0.130   -1.008  1.00 0.00 ? 11 ALA A HA   3 
ATOM 842  H HB1  . ALA A 1 11 ? -3.424 2.645   -1.272  1.00 0.00 ? 11 ALA A HB1  3 
ATOM 843  H HB2  . ALA A 1 11 ? -2.076 2.558   -2.429  1.00 0.00 ? 11 ALA A HB2  3 
ATOM 844  H HB3  . ALA A 1 11 ? -3.663 1.870   -2.849  1.00 0.00 ? 11 ALA A HB3  3 
ATOM 845  N N    . ARG A 1 12 ? -0.626 -0.077  -2.719  1.00 0.00 ? 12 ARG A N    3 
ATOM 846  C CA   . ARG A 1 12 ? 0.115  -0.939  -3.637  1.00 0.00 ? 12 ARG A CA   3 
ATOM 847  C C    . ARG A 1 12 ? 0.221  -2.345  -3.093  1.00 0.00 ? 12 ARG A C    3 
ATOM 848  O O    . ARG A 1 12 ? 0.101  -3.339  -3.814  1.00 0.00 ? 12 ARG A O    3 
ATOM 849  C CB   . ARG A 1 12 ? 1.518  -0.320  -3.885  1.00 0.00 ? 12 ARG A CB   3 
ATOM 850  C CG   . ARG A 1 12 ? 2.012  -0.379  -5.354  1.00 0.00 ? 12 ARG A CG   3 
ATOM 851  C CD   . ARG A 1 12 ? 2.755  -1.682  -5.676  1.00 0.00 ? 12 ARG A CD   3 
ATOM 852  N NE   . ARG A 1 12 ? 2.974  -1.744  -7.143  1.00 0.00 ? 12 ARG A NE   3 
ATOM 853  C CZ   . ARG A 1 12 ? 4.124  -2.032  -7.739  1.00 0.00 ? 12 ARG A CZ   3 
ATOM 854  N NH1  . ARG A 1 12 ? 5.230  -2.296  -7.109  1.00 0.00 ? 12 ARG A NH1  3 
ATOM 855  N NH2  . ARG A 1 12 ? 4.139  -2.049  -9.024  1.00 0.00 ? 12 ARG A NH2  3 
ATOM 856  H H    . ARG A 1 12 ? -0.167 0.709   -2.208  1.00 0.00 ? 12 ARG A H    3 
ATOM 857  H HA   . ARG A 1 12 ? -0.443 -0.991  -4.590  1.00 0.00 ? 12 ARG A HA   3 
ATOM 858  H HB2  . ARG A 1 12 ? 1.520  0.742   -3.563  1.00 0.00 ? 12 ARG A HB2  3 
ATOM 859  H HB3  . ARG A 1 12 ? 2.260  -0.810  -3.220  1.00 0.00 ? 12 ARG A HB3  3 
ATOM 860  H HG2  . ARG A 1 12 ? 1.166  -0.278  -6.063  1.00 0.00 ? 12 ARG A HG2  3 
ATOM 861  H HG3  . ARG A 1 12 ? 2.673  0.486   -5.569  1.00 0.00 ? 12 ARG A HG3  3 
ATOM 862  H HD2  . ARG A 1 12 ? 3.724  -1.717  -5.138  1.00 0.00 ? 12 ARG A HD2  3 
ATOM 863  H HD3  . ARG A 1 12 ? 2.164  -2.557  -5.336  1.00 0.00 ? 12 ARG A HD3  3 
ATOM 864  H HE   . ARG A 1 12 ? 2.165  -1.548  -7.750  1.00 0.00 ? 12 ARG A HE   3 
ATOM 865  H HH11 . ARG A 1 12 ? 5.130  -2.264  -6.094  1.00 0.00 ? 12 ARG A HH11 3 
ATOM 866  H HH12 . ARG A 1 12 ? 6.049  -2.503  -7.677  1.00 0.00 ? 12 ARG A HH12 3 
ATOM 867  H HH21 . ARG A 1 12 ? 3.223  -1.828  -9.419  1.00 0.00 ? 12 ARG A HH21 3 
ATOM 868  H HH22 . ARG A 1 12 ? 5.018  -2.266  -9.488  1.00 0.00 ? 12 ARG A HH22 3 
ATOM 869  N N    . LEU A 1 13 ? 0.464  -2.445  -1.800  1.00 0.00 ? 13 LEU A N    3 
ATOM 870  C CA   . LEU A 1 13 ? 0.613  -3.735  -1.129  1.00 0.00 ? 13 LEU A CA   3 
ATOM 871  C C    . LEU A 1 13 ? -0.703 -4.459  -0.970  1.00 0.00 ? 13 LEU A C    3 
ATOM 872  O O    . LEU A 1 13 ? -0.743 -5.669  -0.696  1.00 0.00 ? 13 LEU A O    3 
ATOM 873  C CB   . LEU A 1 13 ? 1.301  -3.542  0.255   1.00 0.00 ? 13 LEU A CB   3 
ATOM 874  C CG   . LEU A 1 13 ? 2.853  -3.578  0.309   1.00 0.00 ? 13 LEU A CG   3 
ATOM 875  C CD1  . LEU A 1 13 ? 3.401  -3.464  1.741   1.00 0.00 ? 13 LEU A CD1  3 
ATOM 876  C CD2  . LEU A 1 13 ? 3.374  -4.865  -0.343  1.00 0.00 ? 13 LEU A CD2  3 
ATOM 877  H H    . LEU A 1 13 ? 0.594  -1.545  -1.287  1.00 0.00 ? 13 LEU A H    3 
ATOM 878  H HA   . LEU A 1 13 ? 1.244  -4.381  -1.768  1.00 0.00 ? 13 LEU A HA   3 
ATOM 879  H HB2  . LEU A 1 13 ? 0.963  -2.580  0.688   1.00 0.00 ? 13 LEU A HB2  3 
ATOM 880  H HB3  . LEU A 1 13 ? 0.912  -4.312  0.950   1.00 0.00 ? 13 LEU A HB3  3 
ATOM 881  H HG   . LEU A 1 13 ? 3.238  -2.718  -0.279  1.00 0.00 ? 13 LEU A HG   3 
ATOM 882  H HD11 . LEU A 1 13 ? 2.942  -2.613  2.280   1.00 0.00 ? 13 LEU A HD11 3 
ATOM 883  H HD12 . LEU A 1 13 ? 3.175  -4.363  2.343   1.00 0.00 ? 13 LEU A HD12 3 
ATOM 884  H HD13 . LEU A 1 13 ? 4.495  -3.312  1.760   1.00 0.00 ? 13 LEU A HD13 3 
ATOM 885  H HD21 . LEU A 1 13 ? 2.967  -5.005  -1.363  1.00 0.00 ? 13 LEU A HD21 3 
ATOM 886  H HD22 . LEU A 1 13 ? 4.477  -4.876  -0.429  1.00 0.00 ? 13 LEU A HD22 3 
ATOM 887  H HD23 . LEU A 1 13 ? 3.085  -5.762  0.237   1.00 0.00 ? 13 LEU A HD23 3 
ATOM 888  N N    . GLU A 1 14 ? -1.805 -3.747  -1.113  1.00 0.00 ? 14 GLU A N    3 
ATOM 889  C CA   . GLU A 1 14 ? -3.131 -4.360  -1.069  1.00 0.00 ? 14 GLU A CA   3 
ATOM 890  C C    . GLU A 1 14 ? -3.305 -5.357  -2.190  1.00 0.00 ? 14 GLU A C    3 
ATOM 891  O O    . GLU A 1 14 ? -3.632 -6.529  -1.979  1.00 0.00 ? 14 GLU A O    3 
ATOM 892  C CB   . GLU A 1 14 ? -4.204 -3.237  -1.142  1.00 0.00 ? 14 GLU A CB   3 
ATOM 893  C CG   . GLU A 1 14 ? -5.551 -3.482  -0.387  1.00 0.00 ? 14 GLU A CG   3 
ATOM 894  C CD   . GLU A 1 14 ? -5.715 -4.782  0.404   1.00 0.00 ? 14 GLU A CD   3 
ATOM 895  O OE1  . GLU A 1 14 ? -5.094 -4.767  1.617   1.00 0.00 ? 14 GLU A OE1  3 
ATOM 896  O OE2  . GLU A 1 14 ? -6.344 -5.744  -0.017  1.00 0.00 ? 14 GLU A OE2  3 
ATOM 897  H H    . GLU A 1 14 ? -1.673 -2.716  -1.203  1.00 0.00 ? 14 GLU A H    3 
ATOM 898  H HA   . GLU A 1 14 ? -3.234 -4.909  -0.115  1.00 0.00 ? 14 GLU A HA   3 
ATOM 899  H HB2  . GLU A 1 14 ? -3.758 -2.296  -0.766  1.00 0.00 ? 14 GLU A HB2  3 
ATOM 900  H HB3  . GLU A 1 14 ? -4.421 -3.026  -2.208  1.00 0.00 ? 14 GLU A HB3  3 
ATOM 901  H HG2  . GLU A 1 14 ? -5.737 -2.653  0.321   1.00 0.00 ? 14 GLU A HG2  3 
ATOM 902  H HG3  . GLU A 1 14 ? -6.399 -3.430  -1.094  1.00 0.00 ? 14 GLU A HG3  3 
ATOM 903  N N    . ALA A 1 15 ? -3.102 -4.894  -3.408  1.00 0.00 ? 15 ALA A N    3 
ATOM 904  C CA   . ALA A 1 15 ? -3.263 -5.730  -4.594  1.00 0.00 ? 15 ALA A CA   3 
ATOM 905  C C    . ALA A 1 15 ? -2.223 -6.825  -4.627  1.00 0.00 ? 15 ALA A C    3 
ATOM 906  O O    . ALA A 1 15 ? -2.471 -7.951  -5.068  1.00 0.00 ? 15 ALA A O    3 
ATOM 907  C CB   . ALA A 1 15 ? -3.203 -4.812  -5.826  1.00 0.00 ? 15 ALA A CB   3 
ATOM 908  H H    . ALA A 1 15 ? -2.774 -3.904  -3.470  1.00 0.00 ? 15 ALA A H    3 
ATOM 909  H HA   . ALA A 1 15 ? -4.254 -6.221  -4.548  1.00 0.00 ? 15 ALA A HA   3 
ATOM 910  H HB1  . ALA A 1 15 ? -3.997 -4.041  -5.803  1.00 0.00 ? 15 ALA A HB1  3 
ATOM 911  H HB2  . ALA A 1 15 ? -2.236 -4.279  -5.902  1.00 0.00 ? 15 ALA A HB2  3 
ATOM 912  H HB3  . ALA A 1 15 ? -3.337 -5.376  -6.768  1.00 0.00 ? 15 ALA A HB3  3 
ATOM 913  N N    . LEU A 1 16 ? -1.030 -6.503  -4.163  1.00 0.00 ? 16 LEU A N    3 
ATOM 914  C CA   . LEU A 1 16 ? 0.093  -7.436  -4.190  1.00 0.00 ? 16 LEU A CA   3 
ATOM 915  C C    . LEU A 1 16 ? -0.176 -8.637  -3.318  1.00 0.00 ? 16 LEU A C    3 
ATOM 916  O O    . LEU A 1 16 ? 0.245  -9.763  -3.605  1.00 0.00 ? 16 LEU A O    3 
ATOM 917  C CB   . LEU A 1 16 ? 1.405  -6.719  -3.761  1.00 0.00 ? 16 LEU A CB   3 
ATOM 918  C CG   . LEU A 1 16 ? 2.244  -6.009  -4.858  1.00 0.00 ? 16 LEU A CG   3 
ATOM 919  C CD1  . LEU A 1 16 ? 3.092  -4.892  -4.235  1.00 0.00 ? 16 LEU A CD1  3 
ATOM 920  C CD2  . LEU A 1 16 ? 3.152  -6.978  -5.632  1.00 0.00 ? 16 LEU A CD2  3 
ATOM 921  H H    . LEU A 1 16 ? -0.929 -5.528  -3.799  1.00 0.00 ? 16 LEU A H    3 
ATOM 922  H HA   . LEU A 1 16 ? 0.203  -7.820  -5.222  1.00 0.00 ? 16 LEU A HA   3 
ATOM 923  H HB2  . LEU A 1 16 ? 1.156  -5.972  -2.979  1.00 0.00 ? 16 LEU A HB2  3 
ATOM 924  H HB3  . LEU A 1 16 ? 2.060  -7.451  -3.245  1.00 0.00 ? 16 LEU A HB3  3 
ATOM 925  H HG   . LEU A 1 16 ? 1.541  -5.541  -5.579  1.00 0.00 ? 16 LEU A HG   3 
ATOM 926  H HD11 . LEU A 1 16 ? 2.468  -4.149  -3.703  1.00 0.00 ? 16 LEU A HD11 3 
ATOM 927  H HD12 . LEU A 1 16 ? 3.828  -5.281  -3.506  1.00 0.00 ? 16 LEU A HD12 3 
ATOM 928  H HD13 . LEU A 1 16 ? 3.659  -4.334  -5.003  1.00 0.00 ? 16 LEU A HD13 3 
ATOM 929  H HD21 . LEU A 1 16 ? 3.830  -7.541  -4.965  1.00 0.00 ? 16 LEU A HD21 3 
ATOM 930  H HD22 . LEU A 1 16 ? 2.557  -7.720  -6.197  1.00 0.00 ? 16 LEU A HD22 3 
ATOM 931  H HD23 . LEU A 1 16 ? 3.775  -6.453  -6.380  1.00 0.00 ? 16 LEU A HD23 3 
ATOM 932  N N    . LYS A 1 17 ? -0.873 -8.413  -2.220  1.00 0.00 ? 17 LYS A N    3 
ATOM 933  C CA   . LYS A 1 17 ? -1.116 -9.454  -1.223  1.00 0.00 ? 17 LYS A CA   3 
ATOM 934  C C    . LYS A 1 17 ? -2.511 -10.017 -1.334  1.00 0.00 ? 17 LYS A C    3 
ATOM 935  O O    . LYS A 1 17 ? -3.133 -10.421 -0.343  1.00 0.00 ? 17 LYS A O    3 
ATOM 936  C CB   . LYS A 1 17 ? -0.867 -8.871  0.197   1.00 0.00 ? 17 LYS A CB   3 
ATOM 937  C CG   . LYS A 1 17 ? -0.949 -9.925  1.328   1.00 0.00 ? 17 LYS A CG   3 
ATOM 938  C CD   . LYS A 1 17 ? -0.667 -11.365 0.891   1.00 0.00 ? 17 LYS A CD   3 
ATOM 939  C CE   . LYS A 1 17 ? -0.116 -12.157 2.085   1.00 0.00 ? 17 LYS A CE   3 
ATOM 940  N NZ   . LYS A 1 17 ? -0.824 -13.446 2.187   1.00 0.00 ? 17 LYS A NZ   3 
ATOM 941  H H    . LYS A 1 17 ? -1.200 -7.434  -2.073  1.00 0.00 ? 17 LYS A H    3 
ATOM 942  H HA   . LYS A 1 17 ? -0.404 -10.278 -1.415  1.00 0.00 ? 17 LYS A HA   3 
ATOM 943  H HB2  . LYS A 1 17 ? 0.127  -8.381  0.228   1.00 0.00 ? 17 LYS A HB2  3 
ATOM 944  H HB3  . LYS A 1 17 ? -1.591 -8.052  0.392   1.00 0.00 ? 17 LYS A HB3  3 
ATOM 945  H HG2  . LYS A 1 17 ? -0.263 -9.640  2.150   1.00 0.00 ? 17 LYS A HG2  3 
ATOM 946  H HG3  . LYS A 1 17 ? -1.960 -9.929  1.776   1.00 0.00 ? 17 LYS A HG3  3 
ATOM 947  H HD2  . LYS A 1 17 ? -1.594 -11.825 0.494   1.00 0.00 ? 17 LYS A HD2  3 
ATOM 948  H HD3  . LYS A 1 17 ? 0.065  -11.370 0.058   1.00 0.00 ? 17 LYS A HD3  3 
ATOM 949  H HE2  . LYS A 1 17 ? 0.976  -12.322 1.969   1.00 0.00 ? 17 LYS A HE2  3 
ATOM 950  H HE3  . LYS A 1 17 ? -0.237 -11.590 3.031   1.00 0.00 ? 17 LYS A HE3  3 
ATOM 951  H HZ1  . LYS A 1 17 ? -1.239 -13.684 1.275   1.00 0.00 ? 17 LYS A HZ1  3 
ATOM 952  H HZ2  . LYS A 1 17 ? -0.158 -14.182 2.462   1.00 0.00 ? 17 LYS A HZ2  3 
ATOM 953  H HZ3  . LYS A 1 17 ? -1.568 -13.374 2.895   1.00 0.00 ? 17 LYS A HZ3  3 
ATOM 954  N N    . GLU A 1 18 ? -3.040 -10.042 -2.543  1.00 0.00 ? 18 GLU A N    3 
ATOM 955  C CA   . GLU A 1 18 ? -4.385 -10.555 -2.789  1.00 0.00 ? 18 GLU A CA   3 
ATOM 956  C C    . GLU A 1 18 ? -4.341 -11.980 -3.283  1.00 0.00 ? 18 GLU A C    3 
ATOM 957  O O    . GLU A 1 18 ? -4.423 -12.259 -4.485  1.00 0.00 ? 18 GLU A O    3 
ATOM 958  C CB   . GLU A 1 18 ? -5.092 -9.625  -3.815  1.00 0.00 ? 18 GLU A CB   3 
ATOM 959  C CG   . GLU A 1 18 ? -6.654 -9.553  -3.757  1.00 0.00 ? 18 GLU A CG   3 
ATOM 960  C CD   . GLU A 1 18 ? -7.398 -8.927  -4.940  1.00 0.00 ? 18 GLU A CD   3 
ATOM 961  O OE1  . GLU A 1 18 ? -6.769 -7.843  -5.472  1.00 0.00 ? 18 GLU A OE1  3 
ATOM 962  O OE2  . GLU A 1 18 ? -8.460 -9.363  -5.365  1.00 0.00 ? 18 GLU A OE2  3 
ATOM 963  H H    . GLU A 1 18 ? -2.465 -9.627  -3.308  1.00 0.00 ? 18 GLU A H    3 
ATOM 964  H HA   . GLU A 1 18 ? -4.943 -10.541 -1.836  1.00 0.00 ? 18 GLU A HA   3 
ATOM 965  H HB2  . GLU A 1 18 ? -4.690 -8.600  -3.704  1.00 0.00 ? 18 GLU A HB2  3 
ATOM 966  H HB3  . GLU A 1 18 ? -4.785 -9.929  -4.835  1.00 0.00 ? 18 GLU A HB3  3 
ATOM 967  H HG2  . GLU A 1 18 ? -7.078 -10.564 -3.613  1.00 0.00 ? 18 GLU A HG2  3 
ATOM 968  H HG3  . GLU A 1 18 ? -6.968 -8.997  -2.853  1.00 0.00 ? 18 GLU A HG3  3 
ATOM 969  N N    . ASN A 1 19 ? -4.221 -12.914 -2.357  1.00 0.00 ? 19 ASN A N    3 
ATOM 970  C CA   . ASN A 1 19 ? -4.092 -14.328 -2.699  1.00 0.00 ? 19 ASN A CA   3 
ATOM 971  C C    . ASN A 1 19 ? -4.161 -15.194 -1.464  1.00 0.00 ? 19 ASN A C    3 
ATOM 972  O O    . ASN A 1 19 ? -4.974 -16.118 -1.356  1.00 0.00 ? 19 ASN A O    3 
ATOM 973  C CB   . ASN A 1 19 ? -2.754 -14.558 -3.459  1.00 0.00 ? 19 ASN A CB   3 
ATOM 974  C CG   . ASN A 1 19 ? -2.803 -15.468 -4.692  1.00 0.00 ? 19 ASN A CG   3 
ATOM 975  O OD1  . ASN A 1 19 ? -2.036 -16.407 -4.841  1.00 0.00 ? 19 ASN A OD1  3 
ATOM 976  N ND2  . ASN A 1 19 ? -3.697 -15.230 -5.614  1.00 0.00 ? 19 ASN A ND2  3 
ATOM 977  H H    . ASN A 1 19 ? -4.175 -12.576 -1.370  1.00 0.00 ? 19 ASN A H    3 
ATOM 978  H HA   . ASN A 1 19 ? -4.945 -14.611 -3.345  1.00 0.00 ? 19 ASN A HA   3 
ATOM 979  H HB2  . ASN A 1 19 ? -2.311 -13.591 -3.762  1.00 0.00 ? 19 ASN A HB2  3 
ATOM 980  H HB3  . ASN A 1 19 ? -2.007 -14.997 -2.769  1.00 0.00 ? 19 ASN A HB3  3 
ATOM 981  H HD21 . ASN A 1 19 ? -4.372 -14.489 -5.427  1.00 0.00 ? 19 ASN A HD21 3 
ATOM 982  H HD22 . ASN A 1 19 ? -3.699 -15.941 -6.351  1.00 0.00 ? 19 ASN A HD22 3 
ATOM 983  N N    . GLY A 1 20 ? -3.296 -14.908 -0.508  1.00 0.00 ? 20 GLY A N    3 
ATOM 984  C CA   . GLY A 1 20 ? -3.225 -15.683 0.727   1.00 0.00 ? 20 GLY A CA   3 
ATOM 985  C C    . GLY A 1 20 ? -2.002 -16.568 0.741   1.00 0.00 ? 20 GLY A C    3 
ATOM 986  O O    . GLY A 1 20 ? -1.334 -16.810 -0.312  1.00 0.00 ? 20 GLY A O    3 
ATOM 987  O OXT  . GLY A 1 20 ? -1.681 -17.057 1.869   1.00 0.00 ? 20 GLY A OXT  3 
ATOM 988  H H    . GLY A 1 20 ? -2.659 -14.102 -0.693  1.00 0.00 ? 20 GLY A H    3 
ATOM 989  H HA2  . GLY A 1 20 ? -3.194 -15.006 1.601   1.00 0.00 ? 20 GLY A HA2  3 
ATOM 990  H HA3  . GLY A 1 20 ? -4.129 -16.309 0.838   1.00 0.00 ? 20 GLY A HA3  3 
ATOM 991  N N    . TYR A 1 1  ? 4.923  13.682  2.584   1.00 0.00 ? 1  TYR A N    4 
ATOM 992  C CA   . TYR A 1 1  ? 5.996  12.702  2.441   1.00 0.00 ? 1  TYR A CA   4 
ATOM 993  C C    . TYR A 1 1  ? 5.758  11.502  3.326   1.00 0.00 ? 1  TYR A C    4 
ATOM 994  O O    . TYR A 1 1  ? 6.092  10.362  2.990   1.00 0.00 ? 1  TYR A O    4 
ATOM 995  C CB   . TYR A 1 1  ? 7.371  13.320  2.835   1.00 0.00 ? 1  TYR A CB   4 
ATOM 996  C CG   . TYR A 1 1  ? 8.594  12.398  2.748   1.00 0.00 ? 1  TYR A CG   4 
ATOM 997  C CD1  . TYR A 1 1  ? 8.708  11.465  1.712   1.00 0.00 ? 1  TYR A CD1  4 
ATOM 998  C CD2  . TYR A 1 1  ? 9.601  12.480  3.715   1.00 0.00 ? 1  TYR A CD2  4 
ATOM 999  C CE1  . TYR A 1 1  ? 9.820  10.629  1.644   1.00 0.00 ? 1  TYR A CE1  4 
ATOM 1000 C CE2  . TYR A 1 1  ? 10.713 11.646  3.643   1.00 0.00 ? 1  TYR A CE2  4 
ATOM 1001 C CZ   . TYR A 1 1  ? 10.822 10.723  2.606   1.00 0.00 ? 1  TYR A CZ   4 
ATOM 1002 O OH   . TYR A 1 1  ? 11.913 9.905   2.533   1.00 0.00 ? 1  TYR A OH   4 
ATOM 1003 H H1   . TYR A 1 1  ? 4.057  13.209  2.882   1.00 0.00 ? 1  TYR A H1   4 
ATOM 1004 H H2   . TYR A 1 1  ? 5.190  14.384  3.290   1.00 0.00 ? 1  TYR A H2   4 
ATOM 1005 H H3   . TYR A 1 1  ? 4.762  14.150  1.680   1.00 0.00 ? 1  TYR A H3   4 
ATOM 1006 H HA   . TYR A 1 1  ? 6.024  12.351  1.392   1.00 0.00 ? 1  TYR A HA   4 
ATOM 1007 H HB2  . TYR A 1 1  ? 7.548  14.235  2.231   1.00 0.00 ? 1  TYR A HB2  4 
ATOM 1008 H HB3  . TYR A 1 1  ? 7.320  13.704  3.874   1.00 0.00 ? 1  TYR A HB3  4 
ATOM 1009 H HD1  . TYR A 1 1  ? 7.940  11.393  0.955   1.00 0.00 ? 1  TYR A HD1  4 
ATOM 1010 H HD2  . TYR A 1 1  ? 9.527  13.204  4.516   1.00 0.00 ? 1  TYR A HD2  4 
ATOM 1011 H HE1  . TYR A 1 1  ? 9.913  9.913   0.841   1.00 0.00 ? 1  TYR A HE1  4 
ATOM 1012 H HE2  . TYR A 1 1  ? 11.487 11.727  4.391   1.00 0.00 ? 1  TYR A HE2  4 
ATOM 1013 H HH   . TYR A 1 1  ? 12.398 10.112  1.731   1.00 0.00 ? 1  TYR A HH   4 
ATOM 1014 N N    . SER A 1 2  ? 5.185  11.747  4.491   1.00 0.00 ? 2  SER A N    4 
ATOM 1015 C CA   . SER A 1 2  ? 4.893  10.683  5.447   1.00 0.00 ? 2  SER A CA   4 
ATOM 1016 C C    . SER A 1 2  ? 3.483  10.801  5.975   1.00 0.00 ? 2  SER A C    4 
ATOM 1017 O O    . SER A 1 2  ? 3.243  10.918  7.181   1.00 0.00 ? 2  SER A O    4 
ATOM 1018 C CB   . SER A 1 2  ? 5.932  10.675  6.596   1.00 0.00 ? 2  SER A CB   4 
ATOM 1019 O OG   . SER A 1 2  ? 5.766  9.567   7.489   1.00 0.00 ? 2  SER A OG   4 
ATOM 1020 H H    . SER A 1 2  ? 4.966  12.748  4.691   1.00 0.00 ? 2  SER A H    4 
ATOM 1021 H HA   . SER A 1 2  ? 4.956  9.718   4.913   1.00 0.00 ? 2  SER A HA   4 
ATOM 1022 H HB2  . SER A 1 2  ? 6.967  10.680  6.202   1.00 0.00 ? 2  SER A HB2  4 
ATOM 1023 H HB3  . SER A 1 2  ? 5.847  11.611  7.184   1.00 0.00 ? 2  SER A HB3  4 
ATOM 1024 H HG   . SER A 1 2  ? 6.630  9.366   7.859   1.00 0.00 ? 2  SER A HG   4 
ATOM 1025 N N    . ASP A 1 3  ? 2.520  10.755  5.073   1.00 0.00 ? 3  ASP A N    4 
ATOM 1026 C CA   . ASP A 1 3  ? 1.109  10.822  5.446   1.00 0.00 ? 3  ASP A CA   4 
ATOM 1027 C C    . ASP A 1 3  ? 0.216  10.737  4.232   1.00 0.00 ? 3  ASP A C    4 
ATOM 1028 O O    . ASP A 1 3  ? -0.833 10.086  4.233   1.00 0.00 ? 3  ASP A O    4 
ATOM 1029 C CB   . ASP A 1 3  ? 0.836  12.103  6.276   1.00 0.00 ? 3  ASP A CB   4 
ATOM 1030 C CG   . ASP A 1 3  ? -0.629 12.553  6.387   1.00 0.00 ? 3  ASP A CG   4 
ATOM 1031 O OD1  . ASP A 1 3  ? -1.444 11.996  7.107   1.00 0.00 ? 3  ASP A OD1  4 
ATOM 1032 O OD2  . ASP A 1 3  ? -0.907 13.648  5.616   1.00 0.00 ? 3  ASP A OD2  4 
ATOM 1033 H H    . ASP A 1 3  ? 2.829  10.647  4.080   1.00 0.00 ? 3  ASP A H    4 
ATOM 1034 H HA   . ASP A 1 3  ? 0.903  9.923   6.056   1.00 0.00 ? 3  ASP A HA   4 
ATOM 1035 H HB2  . ASP A 1 3  ? 1.229  12.004  7.303   1.00 0.00 ? 3  ASP A HB2  4 
ATOM 1036 H HB3  . ASP A 1 3  ? 1.406  12.949  5.842   1.00 0.00 ? 3  ASP A HB3  4 
ATOM 1037 N N    . GLU A 1 4  ? 0.621  11.409  3.170   1.00 0.00 ? 4  GLU A N    4 
ATOM 1038 C CA   . GLU A 1 4  ? -0.081 11.336  1.892   1.00 0.00 ? 4  GLU A CA   4 
ATOM 1039 C C    . GLU A 1 4  ? 0.490  10.241  1.022   1.00 0.00 ? 4  GLU A C    4 
ATOM 1040 O O    . GLU A 1 4  ? -0.221 9.556   0.281   1.00 0.00 ? 4  GLU A O    4 
ATOM 1041 C CB   . GLU A 1 4  ? 0.023  12.722  1.193   1.00 0.00 ? 4  GLU A CB   4 
ATOM 1042 C CG   . GLU A 1 4  ? -0.082 13.992  2.100   1.00 0.00 ? 4  GLU A CG   4 
ATOM 1043 C CD   . GLU A 1 4  ? 1.212  14.699  2.512   1.00 0.00 ? 4  GLU A CD   4 
ATOM 1044 O OE1  . GLU A 1 4  ? 1.980  15.093  1.460   1.00 0.00 ? 4  GLU A OE1  4 
ATOM 1045 O OE2  . GLU A 1 4  ? 1.524  14.889  3.680   1.00 0.00 ? 4  GLU A OE2  4 
ATOM 1046 H H    . GLU A 1 4  ? 1.446  12.033  3.312   1.00 0.00 ? 4  GLU A H    4 
ATOM 1047 H HA   . GLU A 1 4  ? -1.143 11.097  2.084   1.00 0.00 ? 4  GLU A HA   4 
ATOM 1048 H HB2  . GLU A 1 4  ? 0.972  12.762  0.625   1.00 0.00 ? 4  GLU A HB2  4 
ATOM 1049 H HB3  . GLU A 1 4  ? -0.761 12.785  0.413   1.00 0.00 ? 4  GLU A HB3  4 
ATOM 1050 H HG2  . GLU A 1 4  ? -0.716 14.751  1.605   1.00 0.00 ? 4  GLU A HG2  4 
ATOM 1051 H HG3  . GLU A 1 4  ? -0.625 13.751  3.032   1.00 0.00 ? 4  GLU A HG3  4 
ATOM 1052 N N    . LEU A 1 5  ? 1.797  10.069  1.092   1.00 0.00 ? 5  LEU A N    4 
ATOM 1053 C CA   . LEU A 1 5  ? 2.501  9.121   0.235   1.00 0.00 ? 5  LEU A CA   4 
ATOM 1054 C C    . LEU A 1 5  ? 2.626  7.772   0.902   1.00 0.00 ? 5  LEU A C    4 
ATOM 1055 O O    . LEU A 1 5  ? 2.646  6.721   0.250   1.00 0.00 ? 5  LEU A O    4 
ATOM 1056 C CB   . LEU A 1 5  ? 3.899  9.677   -0.161  1.00 0.00 ? 5  LEU A CB   4 
ATOM 1057 C CG   . LEU A 1 5  ? 3.978  10.695  -1.332  1.00 0.00 ? 5  LEU A CG   4 
ATOM 1058 C CD1  . LEU A 1 5  ? 5.255  11.551  -1.290  1.00 0.00 ? 5  LEU A CD1  4 
ATOM 1059 C CD2  . LEU A 1 5  ? 3.896  9.958   -2.677  1.00 0.00 ? 5  LEU A CD2  4 
ATOM 1060 H H    . LEU A 1 5  ? 2.303  10.684  1.768   1.00 0.00 ? 5  LEU A H    4 
ATOM 1061 H HA   . LEU A 1 5  ? 1.897  8.959   -0.678  1.00 0.00 ? 5  LEU A HA   4 
ATOM 1062 H HB2  . LEU A 1 5  ? 4.361  10.145  0.732   1.00 0.00 ? 5  LEU A HB2  4 
ATOM 1063 H HB3  . LEU A 1 5  ? 4.563  8.823   -0.401  1.00 0.00 ? 5  LEU A HB3  4 
ATOM 1064 H HG   . LEU A 1 5  ? 3.102  11.375  -1.258  1.00 0.00 ? 5  LEU A HG   4 
ATOM 1065 H HD11 . LEU A 1 5  ? 5.407  11.994  -0.287  1.00 0.00 ? 5  LEU A HD11 4 
ATOM 1066 H HD12 . LEU A 1 5  ? 6.160  10.953  -1.501  1.00 0.00 ? 5  LEU A HD12 4 
ATOM 1067 H HD13 . LEU A 1 5  ? 5.226  12.384  -2.015  1.00 0.00 ? 5  LEU A HD13 4 
ATOM 1068 H HD21 . LEU A 1 5  ? 3.010  9.297   -2.729  1.00 0.00 ? 5  LEU A HD21 4 
ATOM 1069 H HD22 . LEU A 1 5  ? 3.834  10.654  -3.534  1.00 0.00 ? 5  LEU A HD22 4 
ATOM 1070 H HD23 . LEU A 1 5  ? 4.779  9.314   -2.843  1.00 0.00 ? 5  LEU A HD23 4 
ATOM 1071 N N    . ARG A 1 6  ? 2.730  7.777   2.218   1.00 0.00 ? 6  ARG A N    4 
ATOM 1072 C CA   . ARG A 1 6  ? 2.857  6.545   2.990   1.00 0.00 ? 6  ARG A CA   4 
ATOM 1073 C C    . ARG A 1 6  ? 1.640  5.668   2.819   1.00 0.00 ? 6  ARG A C    4 
ATOM 1074 O O    . ARG A 1 6  ? 1.731  4.446   2.669   1.00 0.00 ? 6  ARG A O    4 
ATOM 1075 C CB   . ARG A 1 6  ? 3.089  6.908   4.484   1.00 0.00 ? 6  ARG A CB   4 
ATOM 1076 C CG   . ARG A 1 6  ? 3.703  5.772   5.344   1.00 0.00 ? 6  ARG A CG   4 
ATOM 1077 C CD   . ARG A 1 6  ? 2.647  4.769   5.831   1.00 0.00 ? 6  ARG A CD   4 
ATOM 1078 N NE   . ARG A 1 6  ? 3.237  3.969   6.934   1.00 0.00 ? 6  ARG A NE   4 
ATOM 1079 C CZ   . ARG A 1 6  ? 3.191  4.281   8.222   1.00 0.00 ? 6  ARG A CZ   4 
ATOM 1080 N NH1  . ARG A 1 6  ? 2.619  5.346   8.699   1.00 0.00 ? 6  ARG A NH1  4 
ATOM 1081 N NH2  . ARG A 1 6  ? 3.750  3.470   9.049   1.00 0.00 ? 6  ARG A NH2  4 
ATOM 1082 H H    . ARG A 1 6  ? 2.765  8.718   2.670   1.00 0.00 ? 6  ARG A H    4 
ATOM 1083 H HA   . ARG A 1 6  ? 3.729  5.985   2.608   1.00 0.00 ? 6  ARG A HA   4 
ATOM 1084 H HB2  . ARG A 1 6  ? 3.727  7.814   4.549   1.00 0.00 ? 6  ARG A HB2  4 
ATOM 1085 H HB3  . ARG A 1 6  ? 2.127  7.209   4.943   1.00 0.00 ? 6  ARG A HB3  4 
ATOM 1086 H HG2  . ARG A 1 6  ? 4.475  5.215   4.776   1.00 0.00 ? 6  ARG A HG2  4 
ATOM 1087 H HG3  . ARG A 1 6  ? 4.236  6.198   6.217   1.00 0.00 ? 6  ARG A HG3  4 
ATOM 1088 H HD2  . ARG A 1 6  ? 1.741  5.302   6.183   1.00 0.00 ? 6  ARG A HD2  4 
ATOM 1089 H HD3  . ARG A 1 6  ? 2.332  4.107   4.999   1.00 0.00 ? 6  ARG A HD3  4 
ATOM 1090 H HE   . ARG A 1 6  ? 3.723  3.096   6.677   1.00 0.00 ? 6  ARG A HE   4 
ATOM 1091 H HH11 . ARG A 1 6  ? 2.198  5.932   7.977   1.00 0.00 ? 6  ARG A HH11 4 
ATOM 1092 H HH12 . ARG A 1 6  ? 2.648  5.476   9.709   1.00 0.00 ? 6  ARG A HH12 4 
ATOM 1093 H HH21 . ARG A 1 6  ? 4.169  2.668   8.574   1.00 0.00 ? 6  ARG A HH21 4 
ATOM 1094 H HH22 . ARG A 1 6  ? 3.720  3.705   10.039  1.00 0.00 ? 6  ARG A HH22 4 
ATOM 1095 N N    . GLN A 1 7  ? 0.472  6.284   2.858   1.00 0.00 ? 7  GLN A N    4 
ATOM 1096 C CA   . GLN A 1 7  ? -0.789 5.559   2.740   1.00 0.00 ? 7  GLN A CA   4 
ATOM 1097 C C    . GLN A 1 7  ? -0.929 4.935   1.372   1.00 0.00 ? 7  GLN A C    4 
ATOM 1098 O O    . GLN A 1 7  ? -1.423 3.814   1.211   1.00 0.00 ? 7  GLN A O    4 
ATOM 1099 C CB   . GLN A 1 7  ? -1.953 6.535   3.022   1.00 0.00 ? 7  GLN A CB   4 
ATOM 1100 C CG   . GLN A 1 7  ? -2.349 7.491   1.848   1.00 0.00 ? 7  GLN A CG   4 
ATOM 1101 C CD   . GLN A 1 7  ? -3.482 8.502   2.055   1.00 0.00 ? 7  GLN A CD   4 
ATOM 1102 O OE1  . GLN A 1 7  ? -4.040 9.028   1.104   1.00 0.00 ? 7  GLN A OE1  4 
ATOM 1103 N NE2  . GLN A 1 7  ? -3.883 8.797   3.265   1.00 0.00 ? 7  GLN A NE2  4 
ATOM 1104 H H    . GLN A 1 7  ? 0.504  7.312   3.031   1.00 0.00 ? 7  GLN A H    4 
ATOM 1105 H HA   . GLN A 1 7  ? -0.798 4.743   3.486   1.00 0.00 ? 7  GLN A HA   4 
ATOM 1106 H HB2  . GLN A 1 7  ? -2.847 5.951   3.316   1.00 0.00 ? 7  GLN A HB2  4 
ATOM 1107 H HB3  . GLN A 1 7  ? -1.695 7.146   3.911   1.00 0.00 ? 7  GLN A HB3  4 
ATOM 1108 H HG2  . GLN A 1 7  ? -1.460 8.049   1.501   1.00 0.00 ? 7  GLN A HG2  4 
ATOM 1109 H HG3  . GLN A 1 7  ? -2.662 6.902   0.965   1.00 0.00 ? 7  GLN A HG3  4 
ATOM 1110 H HE21 . GLN A 1 7  ? -3.414 8.282   4.012   1.00 0.00 ? 7  GLN A HE21 4 
ATOM 1111 H HE22 . GLN A 1 7  ? -4.684 9.428   3.313   1.00 0.00 ? 7  GLN A HE22 4 
ATOM 1112 N N    . ARG A 1 8  ? -0.507 5.666   0.357   1.00 0.00 ? 8  ARG A N    4 
ATOM 1113 C CA   . ARG A 1 8  ? -0.549 5.181   -1.020  1.00 0.00 ? 8  ARG A CA   4 
ATOM 1114 C C    . ARG A 1 8  ? 0.290  3.936   -1.184  1.00 0.00 ? 8  ARG A C    4 
ATOM 1115 O O    . ARG A 1 8  ? -0.026 3.033   -1.964  1.00 0.00 ? 8  ARG A O    4 
ATOM 1116 C CB   . ARG A 1 8  ? -0.070 6.315   -1.968  1.00 0.00 ? 8  ARG A CB   4 
ATOM 1117 C CG   . ARG A 1 8  ? -1.144 7.386   -2.301  1.00 0.00 ? 8  ARG A CG   4 
ATOM 1118 C CD   . ARG A 1 8  ? -0.846 8.128   -3.610  1.00 0.00 ? 8  ARG A CD   4 
ATOM 1119 N NE   . ARG A 1 8  ? -1.348 7.303   -4.739  1.00 0.00 ? 8  ARG A NE   4 
ATOM 1120 C CZ   . ARG A 1 8  ? -2.572 7.355   -5.247  1.00 0.00 ? 8  ARG A CZ   4 
ATOM 1121 N NH1  . ARG A 1 8  ? -3.510 8.150   -4.822  1.00 0.00 ? 8  ARG A NH1  4 
ATOM 1122 N NH2  . ARG A 1 8  ? -2.844 6.565   -6.224  1.00 0.00 ? 8  ARG A NH2  4 
ATOM 1123 H H    . ARG A 1 8  ? -0.133 6.611   0.597   1.00 0.00 ? 8  ARG A H    4 
ATOM 1124 H HA   . ARG A 1 8  ? -1.596 4.913   -1.260  1.00 0.00 ? 8  ARG A HA   4 
ATOM 1125 H HB2  . ARG A 1 8  ? 0.804  6.830   -1.521  1.00 0.00 ? 8  ARG A HB2  4 
ATOM 1126 H HB3  . ARG A 1 8  ? 0.319  5.870   -2.907  1.00 0.00 ? 8  ARG A HB3  4 
ATOM 1127 H HG2  . ARG A 1 8  ? -2.146 6.916   -2.362  1.00 0.00 ? 8  ARG A HG2  4 
ATOM 1128 H HG3  . ARG A 1 8  ? -1.224 8.135   -1.487  1.00 0.00 ? 8  ARG A HG3  4 
ATOM 1129 H HD2  . ARG A 1 8  ? -1.336 9.122   -3.610  1.00 0.00 ? 8  ARG A HD2  4 
ATOM 1130 H HD3  . ARG A 1 8  ? 0.244  8.304   -3.715  1.00 0.00 ? 8  ARG A HD3  4 
ATOM 1131 H HE   . ARG A 1 8  ? -0.690 6.633   -5.162  1.00 0.00 ? 8  ARG A HE   4 
ATOM 1132 H HH11 . ARG A 1 8  ? -3.211 8.742   -4.046  1.00 0.00 ? 8  ARG A HH11 4 
ATOM 1133 H HH12 . ARG A 1 8  ? -4.410 8.099   -5.292  1.00 0.00 ? 8  ARG A HH12 4 
ATOM 1134 H HH21 . ARG A 1 8  ? -2.042 5.985   -6.480  1.00 0.00 ? 8  ARG A HH21 4 
ATOM 1135 H HH22 . ARG A 1 8  ? -3.782 6.599   -6.617  1.00 0.00 ? 8  ARG A HH22 4 
ATOM 1136 N N    . LEU A 1 9  ? 1.390  3.880   -0.455  1.00 0.00 ? 9  LEU A N    4 
ATOM 1137 C CA   . LEU A 1 9  ? 2.275  2.719   -0.477  1.00 0.00 ? 9  LEU A CA   4 
ATOM 1138 C C    . LEU A 1 9  ? 1.577  1.495   0.069   1.00 0.00 ? 9  LEU A C    4 
ATOM 1139 O O    . LEU A 1 9  ? 1.731  0.376   -0.427  1.00 0.00 ? 9  LEU A O    4 
ATOM 1140 C CB   . LEU A 1 9  ? 3.580  3.017   0.317   1.00 0.00 ? 9  LEU A CB   4 
ATOM 1141 C CG   . LEU A 1 9  ? 4.022  2.021   1.422   1.00 0.00 ? 9  LEU A CG   4 
ATOM 1142 C CD1  . LEU A 1 9  ? 4.799  0.852   0.801   1.00 0.00 ? 9  LEU A CD1  4 
ATOM 1143 C CD2  . LEU A 1 9  ? 4.879  2.687   2.513   1.00 0.00 ? 9  LEU A CD2  4 
ATOM 1144 H H    . LEU A 1 9  ? 1.566  4.694   0.173   1.00 0.00 ? 9  LEU A H    4 
ATOM 1145 H HA   . LEU A 1 9  ? 2.527  2.488   -1.529  1.00 0.00 ? 9  LEU A HA   4 
ATOM 1146 H HB2  . LEU A 1 9  ? 4.418  3.121   -0.406  1.00 0.00 ? 9  LEU A HB2  4 
ATOM 1147 H HB3  . LEU A 1 9  ? 3.489  4.024   0.774   1.00 0.00 ? 9  LEU A HB3  4 
ATOM 1148 H HG   . LEU A 1 9  ? 3.111  1.607   1.904   1.00 0.00 ? 9  LEU A HG   4 
ATOM 1149 H HD11 . LEU A 1 9  ? 4.198  0.317   0.040   1.00 0.00 ? 9  LEU A HD11 4 
ATOM 1150 H HD12 . LEU A 1 9  ? 5.731  1.182   0.306   1.00 0.00 ? 9  LEU A HD12 4 
ATOM 1151 H HD13 . LEU A 1 9  ? 5.082  0.100   1.561   1.00 0.00 ? 9  LEU A HD13 4 
ATOM 1152 H HD21 . LEU A 1 9  ? 5.770  3.191   2.096   1.00 0.00 ? 9  LEU A HD21 4 
ATOM 1153 H HD22 . LEU A 1 9  ? 4.298  3.451   3.065   1.00 0.00 ? 9  LEU A HD22 4 
ATOM 1154 H HD23 . LEU A 1 9  ? 5.225  1.961   3.269   1.00 0.00 ? 9  LEU A HD23 4 
ATOM 1155 N N    . ALA A 1 10 ? 0.803  1.696   1.121   1.00 0.00 ? 10 ALA A N    4 
ATOM 1156 C CA   . ALA A 1 10 ? -0.017 0.632   1.694   1.00 0.00 ? 10 ALA A CA   4 
ATOM 1157 C C    . ALA A 1 10 ? -1.058 0.144   0.713   1.00 0.00 ? 10 ALA A C    4 
ATOM 1158 O O    . ALA A 1 10 ? -1.536 -0.995  0.788   1.00 0.00 ? 10 ALA A O    4 
ATOM 1159 C CB   . ALA A 1 10 ? -0.638 1.167   2.998   1.00 0.00 ? 10 ALA A CB   4 
ATOM 1160 H H    . ALA A 1 10 ? 0.855  2.649   1.548   1.00 0.00 ? 10 ALA A H    4 
ATOM 1161 H HA   . ALA A 1 10 ? 0.640  -0.227  1.925   1.00 0.00 ? 10 ALA A HA   4 
ATOM 1162 H HB1  . ALA A 1 10 ? 0.139  1.484   3.720   1.00 0.00 ? 10 ALA A HB1  4 
ATOM 1163 H HB2  . ALA A 1 10 ? -1.290 2.043   2.821   1.00 0.00 ? 10 ALA A HB2  4 
ATOM 1164 H HB3  . ALA A 1 10 ? -1.249 0.401   3.508   1.00 0.00 ? 10 ALA A HB3  4 
ATOM 1165 N N    . ALA A 1 11 ? -1.448 1.001   -0.212  1.00 0.00 ? 11 ALA A N    4 
ATOM 1166 C CA   . ALA A 1 11 ? -2.393 0.625   -1.261  1.00 0.00 ? 11 ALA A CA   4 
ATOM 1167 C C    . ALA A 1 11 ? -1.814 -0.448  -2.152  1.00 0.00 ? 11 ALA A C    4 
ATOM 1168 O O    . ALA A 1 11 ? -2.376 -1.536  -2.314  1.00 0.00 ? 11 ALA A O    4 
ATOM 1169 C CB   . ALA A 1 11 ? -2.769 1.901   -2.035  1.00 0.00 ? 11 ALA A CB   4 
ATOM 1170 H H    . ALA A 1 11 ? -1.079 1.973   -0.118  1.00 0.00 ? 11 ALA A H    4 
ATOM 1171 H HA   . ALA A 1 11 ? -3.297 0.204   -0.785  1.00 0.00 ? 11 ALA A HA   4 
ATOM 1172 H HB1  . ALA A 1 11 ? -3.227 2.662   -1.374  1.00 0.00 ? 11 ALA A HB1  4 
ATOM 1173 H HB2  . ALA A 1 11 ? -1.890 2.374   -2.513  1.00 0.00 ? 11 ALA A HB2  4 
ATOM 1174 H HB3  . ALA A 1 11 ? -3.503 1.696   -2.836  1.00 0.00 ? 11 ALA A HB3  4 
ATOM 1175 N N    . ARG A 1 12 ? -0.682 -0.149  -2.761  1.00 0.00 ? 12 ARG A N    4 
ATOM 1176 C CA   . ARG A 1 12 ? -0.047 -1.064  -3.706  1.00 0.00 ? 12 ARG A CA   4 
ATOM 1177 C C    . ARG A 1 12 ? 0.220  -2.404  -3.065  1.00 0.00 ? 12 ARG A C    4 
ATOM 1178 O O    . ARG A 1 12 ? 0.102  -3.464  -3.688  1.00 0.00 ? 12 ARG A O    4 
ATOM 1179 C CB   . ARG A 1 12 ? 1.262  -0.415  -4.232  1.00 0.00 ? 12 ARG A CB   4 
ATOM 1180 C CG   . ARG A 1 12 ? 1.428  -0.432  -5.774  1.00 0.00 ? 12 ARG A CG   4 
ATOM 1181 C CD   . ARG A 1 12 ? 2.887  -0.243  -6.211  1.00 0.00 ? 12 ARG A CD   4 
ATOM 1182 N NE   . ARG A 1 12 ? 2.899  0.523   -7.483  1.00 0.00 ? 12 ARG A NE   4 
ATOM 1183 C CZ   . ARG A 1 12 ? 3.548  1.661   -7.690  1.00 0.00 ? 12 ARG A CZ   4 
ATOM 1184 N NH1  . ARG A 1 12 ? 4.269  2.268   -6.796  1.00 0.00 ? 12 ARG A NH1  4 
ATOM 1185 N NH2  . ARG A 1 12 ? 3.453  2.195   -8.857  1.00 0.00 ? 12 ARG A NH2  4 
ATOM 1186 H H    . ARG A 1 12 ? -0.255 0.769   -2.508  1.00 0.00 ? 12 ARG A H    4 
ATOM 1187 H HA   . ARG A 1 12 ? -0.744 -1.229  -4.548  1.00 0.00 ? 12 ARG A HA   4 
ATOM 1188 H HB2  . ARG A 1 12 ? 1.323  0.637   -3.889  1.00 0.00 ? 12 ARG A HB2  4 
ATOM 1189 H HB3  . ARG A 1 12 ? 2.135  -0.912  -3.757  1.00 0.00 ? 12 ARG A HB3  4 
ATOM 1190 H HG2  . ARG A 1 12 ? 1.057  -1.383  -6.205  1.00 0.00 ? 12 ARG A HG2  4 
ATOM 1191 H HG3  . ARG A 1 12 ? 0.801  0.359   -6.234  1.00 0.00 ? 12 ARG A HG3  4 
ATOM 1192 H HD2  . ARG A 1 12 ? 3.458  0.297   -5.429  1.00 0.00 ? 12 ARG A HD2  4 
ATOM 1193 H HD3  . ARG A 1 12 ? 3.378  -1.228  -6.349  1.00 0.00 ? 12 ARG A HD3  4 
ATOM 1194 H HE   . ARG A 1 12 ? 2.359  0.138   -8.272  1.00 0.00 ? 12 ARG A HE   4 
ATOM 1195 H HH11 . ARG A 1 12 ? 4.293  1.778   -5.901  1.00 0.00 ? 12 ARG A HH11 4 
ATOM 1196 H HH12 . ARG A 1 12 ? 4.721  3.137   -7.074  1.00 0.00 ? 12 ARG A HH12 4 
ATOM 1197 H HH21 . ARG A 1 12 ? 2.866  1.640   -9.484  1.00 0.00 ? 12 ARG A HH21 4 
ATOM 1198 H HH22 . ARG A 1 12 ? 3.947  3.068   -9.023  1.00 0.00 ? 12 ARG A HH22 4 
ATOM 1199 N N    . LEU A 1 13 ? 0.589  -2.376  -1.798  1.00 0.00 ? 13 LEU A N    4 
ATOM 1200 C CA   . LEU A 1 13 ? 0.932  -3.587  -1.059  1.00 0.00 ? 13 LEU A CA   4 
ATOM 1201 C C    . LEU A 1 13 ? -0.286 -4.450  -0.833  1.00 0.00 ? 13 LEU A C    4 
ATOM 1202 O O    . LEU A 1 13 ? -0.220 -5.683  -0.816  1.00 0.00 ? 13 LEU A O    4 
ATOM 1203 C CB   . LEU A 1 13 ? 1.612  -3.225  0.294   1.00 0.00 ? 13 LEU A CB   4 
ATOM 1204 C CG   . LEU A 1 13 ? 0.867  -3.589  1.606   1.00 0.00 ? 13 LEU A CG   4 
ATOM 1205 C CD1  . LEU A 1 13 ? 0.818  -5.114  1.780   1.00 0.00 ? 13 LEU A CD1  4 
ATOM 1206 C CD2  . LEU A 1 13 ? 1.504  -2.946  2.849   1.00 0.00 ? 13 LEU A CD2  4 
ATOM 1207 H H    . LEU A 1 13 ? 0.665  -1.428  -1.364  1.00 0.00 ? 13 LEU A H    4 
ATOM 1208 H HA   . LEU A 1 13 ? 1.629  -4.185  -1.674  1.00 0.00 ? 13 LEU A HA   4 
ATOM 1209 H HB2  . LEU A 1 13 ? 2.614  -3.697  0.324   1.00 0.00 ? 13 LEU A HB2  4 
ATOM 1210 H HB3  . LEU A 1 13 ? 1.818  -2.136  0.302   1.00 0.00 ? 13 LEU A HB3  4 
ATOM 1211 H HG   . LEU A 1 13 ? -0.178 -3.222  1.523   1.00 0.00 ? 13 LEU A HG   4 
ATOM 1212 H HD11 . LEU A 1 13 ? 0.325  -5.610  0.922   1.00 0.00 ? 13 LEU A HD11 4 
ATOM 1213 H HD12 . LEU A 1 13 ? 1.827  -5.557  1.880   1.00 0.00 ? 13 LEU A HD12 4 
ATOM 1214 H HD13 . LEU A 1 13 ? 0.245  -5.402  2.681   1.00 0.00 ? 13 LEU A HD13 4 
ATOM 1215 H HD21 . LEU A 1 13 ? 2.573  -3.207  2.954   1.00 0.00 ? 13 LEU A HD21 4 
ATOM 1216 H HD22 . LEU A 1 13 ? 1.438  -1.844  2.808   1.00 0.00 ? 13 LEU A HD22 4 
ATOM 1217 H HD23 . LEU A 1 13 ? 0.991  -3.250  3.780   1.00 0.00 ? 13 LEU A HD23 4 
ATOM 1218 N N    . GLU A 1 14 ? -1.422 -3.806  -0.636  1.00 0.00 ? 14 GLU A N    4 
ATOM 1219 C CA   . GLU A 1 14 ? -2.669 -4.506  -0.334  1.00 0.00 ? 14 GLU A CA   4 
ATOM 1220 C C    . GLU A 1 14 ? -3.112 -5.356  -1.501  1.00 0.00 ? 14 GLU A C    4 
ATOM 1221 O O    . GLU A 1 14 ? -3.623 -6.469  -1.343  1.00 0.00 ? 14 GLU A O    4 
ATOM 1222 C CB   . GLU A 1 14 ? -3.755 -3.456  0.038   1.00 0.00 ? 14 GLU A CB   4 
ATOM 1223 C CG   . GLU A 1 14 ? -4.261 -3.437  1.518   1.00 0.00 ? 14 GLU A CG   4 
ATOM 1224 C CD   . GLU A 1 14 ? -5.306 -4.471  1.943   1.00 0.00 ? 14 GLU A CD   4 
ATOM 1225 O OE1  . GLU A 1 14 ? -6.125 -4.947  1.168   1.00 0.00 ? 14 GLU A OE1  4 
ATOM 1226 O OE2  . GLU A 1 14 ? -5.237 -4.811  3.260   1.00 0.00 ? 14 GLU A OE2  4 
ATOM 1227 H H    . GLU A 1 14 ? -1.364 -2.765  -0.655  1.00 0.00 ? 14 GLU A H    4 
ATOM 1228 H HA   . GLU A 1 14 ? -2.493 -5.177  0.527   1.00 0.00 ? 14 GLU A HA   4 
ATOM 1229 H HB2  . GLU A 1 14 ? -3.373 -2.447  -0.214  1.00 0.00 ? 14 GLU A HB2  4 
ATOM 1230 H HB3  . GLU A 1 14 ? -4.623 -3.591  -0.638  1.00 0.00 ? 14 GLU A HB3  4 
ATOM 1231 H HG2  . GLU A 1 14 ? -3.403 -3.549  2.207   1.00 0.00 ? 14 GLU A HG2  4 
ATOM 1232 H HG3  . GLU A 1 14 ? -4.677 -2.442  1.764   1.00 0.00 ? 14 GLU A HG3  4 
ATOM 1233 N N    . ALA A 1 15 ? -2.935 -4.832  -2.700  1.00 0.00 ? 15 ALA A N    4 
ATOM 1234 C CA   . ALA A 1 15 ? -3.420 -5.485  -3.912  1.00 0.00 ? 15 ALA A CA   4 
ATOM 1235 C C    . ALA A 1 15 ? -2.599 -6.708  -4.245  1.00 0.00 ? 15 ALA A C    4 
ATOM 1236 O O    . ALA A 1 15 ? -3.106 -7.720  -4.741  1.00 0.00 ? 15 ALA A O    4 
ATOM 1237 C CB   . ALA A 1 15 ? -3.410 -4.438  -5.040  1.00 0.00 ? 15 ALA A CB   4 
ATOM 1238 H H    . ALA A 1 15 ? -2.463 -3.900  -2.726  1.00 0.00 ? 15 ALA A H    4 
ATOM 1239 H HA   . ALA A 1 15 ? -4.458 -5.826  -3.736  1.00 0.00 ? 15 ALA A HA   4 
ATOM 1240 H HB1  . ALA A 1 15 ? -4.048 -3.567  -4.797  1.00 0.00 ? 15 ALA A HB1  4 
ATOM 1241 H HB2  . ALA A 1 15 ? -2.393 -4.048  -5.239  1.00 0.00 ? 15 ALA A HB2  4 
ATOM 1242 H HB3  . ALA A 1 15 ? -3.792 -4.853  -5.992  1.00 0.00 ? 15 ALA A HB3  4 
ATOM 1243 N N    . LEU A 1 16 ? -1.309 -6.636  -3.971  1.00 0.00 ? 16 LEU A N    4 
ATOM 1244 C CA   . LEU A 1 16 ? -0.380 -7.699  -4.347  1.00 0.00 ? 16 LEU A CA   4 
ATOM 1245 C C    . LEU A 1 16 ? -0.497 -8.880  -3.413  1.00 0.00 ? 16 LEU A C    4 
ATOM 1246 O O    . LEU A 1 16 ? -0.366 -10.043 -3.809  1.00 0.00 ? 16 LEU A O    4 
ATOM 1247 C CB   . LEU A 1 16 ? 1.079  -7.156  -4.388  1.00 0.00 ? 16 LEU A CB   4 
ATOM 1248 C CG   . LEU A 1 16 ? 1.505  -6.311  -5.619  1.00 0.00 ? 16 LEU A CG   4 
ATOM 1249 C CD1  . LEU A 1 16 ? 2.946  -5.808  -5.443  1.00 0.00 ? 16 LEU A CD1  4 
ATOM 1250 C CD2  . LEU A 1 16 ? 1.381  -7.082  -6.943  1.00 0.00 ? 16 LEU A CD2  4 
ATOM 1251 H H    . LEU A 1 16 ? -0.986 -5.756  -3.513  1.00 0.00 ? 16 LEU A H    4 
ATOM 1252 H HA   . LEU A 1 16 ? -0.654 -8.065  -5.351  1.00 0.00 ? 16 LEU A HA   4 
ATOM 1253 H HB2  . LEU A 1 16 ? 1.241  -6.544  -3.479  1.00 0.00 ? 16 LEU A HB2  4 
ATOM 1254 H HB3  . LEU A 1 16 ? 1.778  -8.008  -4.287  1.00 0.00 ? 16 LEU A HB3  4 
ATOM 1255 H HG   . LEU A 1 16 ? 0.841  -5.422  -5.672  1.00 0.00 ? 16 LEU A HG   4 
ATOM 1256 H HD11 . LEU A 1 16 ? 3.065  -5.212  -4.521  1.00 0.00 ? 16 LEU A HD11 4 
ATOM 1257 H HD12 . LEU A 1 16 ? 3.676  -6.640  -5.392  1.00 0.00 ? 16 LEU A HD12 4 
ATOM 1258 H HD13 . LEU A 1 16 ? 3.255  -5.158  -6.283  1.00 0.00 ? 16 LEU A HD13 4 
ATOM 1259 H HD21 . LEU A 1 16 ? 1.960  -8.024  -6.935  1.00 0.00 ? 16 LEU A HD21 4 
ATOM 1260 H HD22 . LEU A 1 16 ? 0.328  -7.345  -7.157  1.00 0.00 ? 16 LEU A HD22 4 
ATOM 1261 H HD23 . LEU A 1 16 ? 1.728  -6.482  -7.805  1.00 0.00 ? 16 LEU A HD23 4 
ATOM 1262 N N    . LYS A 1 17 ? -0.739 -8.596  -2.147  1.00 0.00 ? 17 LYS A N    4 
ATOM 1263 C CA   . LYS A 1 17 ? -0.772 -9.626  -1.111  1.00 0.00 ? 17 LYS A CA   4 
ATOM 1264 C C    . LYS A 1 17 ? -2.183 -10.077 -0.822  1.00 0.00 ? 17 LYS A C    4 
ATOM 1265 O O    . LYS A 1 17 ? -2.532 -10.448 0.306   1.00 0.00 ? 17 LYS A O    4 
ATOM 1266 C CB   . LYS A 1 17 ? -0.093 -9.081  0.177   1.00 0.00 ? 17 LYS A CB   4 
ATOM 1267 C CG   . LYS A 1 17 ? 0.062  -10.142 1.295   1.00 0.00 ? 17 LYS A CG   4 
ATOM 1268 C CD   . LYS A 1 17 ? 0.261  -11.577 0.800   1.00 0.00 ? 17 LYS A CD   4 
ATOM 1269 C CE   . LYS A 1 17 ? 0.806  -12.436 1.949   1.00 0.00 ? 17 LYS A CE   4 
ATOM 1270 N NZ   . LYS A 1 17 ? 1.725  -13.453 1.406   1.00 0.00 ? 17 LYS A NZ   4 
ATOM 1271 H H    . LYS A 1 17 ? -0.856 -7.587  -1.915  1.00 0.00 ? 17 LYS A H    4 
ATOM 1272 H HA   . LYS A 1 17 ? -0.208 -10.501 -1.484  1.00 0.00 ? 17 LYS A HA   4 
ATOM 1273 H HB2  . LYS A 1 17 ? 0.906  -8.671  -0.075  1.00 0.00 ? 17 LYS A HB2  4 
ATOM 1274 H HB3  . LYS A 1 17 ? -0.667 -8.212  0.560   1.00 0.00 ? 17 LYS A HB3  4 
ATOM 1275 H HG2  . LYS A 1 17 ? 0.938  -9.907  1.927   1.00 0.00 ? 17 LYS A HG2  4 
ATOM 1276 H HG3  . LYS A 1 17 ? -0.813 -10.094 1.974   1.00 0.00 ? 17 LYS A HG3  4 
ATOM 1277 H HD2  . LYS A 1 17 ? -0.699 -11.977 0.415   1.00 0.00 ? 17 LYS A HD2  4 
ATOM 1278 H HD3  . LYS A 1 17 ? 0.967  -11.586 -0.054  1.00 0.00 ? 17 LYS A HD3  4 
ATOM 1279 H HE2  . LYS A 1 17 ? 1.327  -11.801 2.695   1.00 0.00 ? 17 LYS A HE2  4 
ATOM 1280 H HE3  . LYS A 1 17 ? -0.017 -12.936 2.501   1.00 0.00 ? 17 LYS A HE3  4 
ATOM 1281 H HZ1  . LYS A 1 17 ? 1.249  -13.985 0.663   1.00 0.00 ? 17 LYS A HZ1  4 
ATOM 1282 H HZ2  . LYS A 1 17 ? 2.558  -12.990 1.017   1.00 0.00 ? 17 LYS A HZ2  4 
ATOM 1283 H HZ3  . LYS A 1 17 ? 2.009  -14.095 2.159   1.00 0.00 ? 17 LYS A HZ3  4 
ATOM 1284 N N    . GLU A 1 18 ? -3.030 -10.039 -1.834  1.00 0.00 ? 18 GLU A N    4 
ATOM 1285 C CA   . GLU A 1 18 ? -4.421 -10.461 -1.694  1.00 0.00 ? 18 GLU A CA   4 
ATOM 1286 C C    . GLU A 1 18 ? -4.609 -11.884 -2.160  1.00 0.00 ? 18 GLU A C    4 
ATOM 1287 O O    . GLU A 1 18 ? -5.615 -12.239 -2.786  1.00 0.00 ? 18 GLU A O    4 
ATOM 1288 C CB   . GLU A 1 18 ? -5.318 -9.479  -2.503  1.00 0.00 ? 18 GLU A CB   4 
ATOM 1289 C CG   . GLU A 1 18 ? -6.865 -9.710  -2.448  1.00 0.00 ? 18 GLU A CG   4 
ATOM 1290 C CD   . GLU A 1 18 ? -7.783 -8.485  -2.461  1.00 0.00 ? 18 GLU A CD   4 
ATOM 1291 O OE1  . GLU A 1 18 ? -8.063 -7.995  -1.221  1.00 0.00 ? 18 GLU A OE1  4 
ATOM 1292 O OE2  . GLU A 1 18 ? -8.222 -7.993  -3.493  1.00 0.00 ? 18 GLU A OE2  4 
ATOM 1293 H H    . GLU A 1 18 ? -2.665 -9.642  -2.726  1.00 0.00 ? 18 GLU A H    4 
ATOM 1294 H HA   . GLU A 1 18 ? -4.696 -10.410 -0.626  1.00 0.00 ? 18 GLU A HA   4 
ATOM 1295 H HB2  . GLU A 1 18 ? -5.096 -8.446  -2.174  1.00 0.00 ? 18 GLU A HB2  4 
ATOM 1296 H HB3  . GLU A 1 18 ? -4.995 -9.504  -3.561  1.00 0.00 ? 18 GLU A HB3  4 
ATOM 1297 H HG2  . GLU A 1 18 ? -7.184 -10.357 -3.285  1.00 0.00 ? 18 GLU A HG2  4 
ATOM 1298 H HG3  . GLU A 1 18 ? -7.122 -10.291 -1.542  1.00 0.00 ? 18 GLU A HG3  4 
ATOM 1299 N N    . ASN A 1 19 ? -3.635 -12.726 -1.870  1.00 0.00 ? 19 ASN A N    4 
ATOM 1300 C CA   . ASN A 1 19 ? -3.695 -14.137 -2.244  1.00 0.00 ? 19 ASN A CA   4 
ATOM 1301 C C    . ASN A 1 19 ? -2.576 -14.919 -1.599  1.00 0.00 ? 19 ASN A C    4 
ATOM 1302 O O    . ASN A 1 19 ? -2.785 -15.749 -0.708  1.00 0.00 ? 19 ASN A O    4 
ATOM 1303 C CB   . ASN A 1 19 ? -3.636 -14.267 -3.794  1.00 0.00 ? 19 ASN A CB   4 
ATOM 1304 C CG   . ASN A 1 19 ? -3.753 -15.679 -4.377  1.00 0.00 ? 19 ASN A CG   4 
ATOM 1305 O OD1  . ASN A 1 19 ? -4.834 -16.217 -4.570  1.00 0.00 ? 19 ASN A OD1  4 
ATOM 1306 N ND2  . ASN A 1 19 ? -2.661 -16.327 -4.680  1.00 0.00 ? 19 ASN A ND2  4 
ATOM 1307 H H    . ASN A 1 19 ? -2.809 -12.319 -1.378  1.00 0.00 ? 19 ASN A H    4 
ATOM 1308 H HA   . ASN A 1 19 ? -4.647 -14.558 -1.868  1.00 0.00 ? 19 ASN A HA   4 
ATOM 1309 H HB2  . ASN A 1 19 ? -4.449 -13.666 -4.246  1.00 0.00 ? 19 ASN A HB2  4 
ATOM 1310 H HB3  . ASN A 1 19 ? -2.709 -13.807 -4.183  1.00 0.00 ? 19 ASN A HB3  4 
ATOM 1311 H HD21 . ASN A 1 19 ? -1.780 -15.824 -4.583  1.00 0.00 ? 19 ASN A HD21 4 
ATOM 1312 H HD22 . ASN A 1 19 ? -2.851 -17.223 -5.136  1.00 0.00 ? 19 ASN A HD22 4 
ATOM 1313 N N    . GLY A 1 20 ? -1.361 -14.667 -2.050  1.00 0.00 ? 20 GLY A N    4 
ATOM 1314 C CA   . GLY A 1 20 ? -0.194 -15.412 -1.587  1.00 0.00 ? 20 GLY A CA   4 
ATOM 1315 C C    . GLY A 1 20 ? 1.082  -14.666 -1.894  1.00 0.00 ? 20 GLY A C    4 
ATOM 1316 O O    . GLY A 1 20 ? 2.164  -14.898 -1.272  1.00 0.00 ? 20 GLY A O    4 
ATOM 1317 O OXT  . GLY A 1 20 ? 1.008  -13.793 -2.814  1.00 0.00 ? 20 GLY A OXT  4 
ATOM 1318 H H    . GLY A 1 20 ? -1.289 -13.927 -2.782  1.00 0.00 ? 20 GLY A H    4 
ATOM 1319 H HA2  . GLY A 1 20 ? -0.259 -15.587 -0.498  1.00 0.00 ? 20 GLY A HA2  4 
ATOM 1320 H HA3  . GLY A 1 20 ? -0.159 -16.406 -2.070  1.00 0.00 ? 20 GLY A HA3  4 
ATOM 1321 N N    . TYR A 1 1  ? 7.977  14.124  6.935   1.00 0.00 ? 1  TYR A N    5 
ATOM 1322 C CA   . TYR A 1 1  ? 6.667  14.269  6.306   1.00 0.00 ? 1  TYR A CA   5 
ATOM 1323 C C    . TYR A 1 1  ? 6.439  13.190  5.274   1.00 0.00 ? 1  TYR A C    5 
ATOM 1324 O O    . TYR A 1 1  ? 7.085  13.140  4.222   1.00 0.00 ? 1  TYR A O    5 
ATOM 1325 C CB   . TYR A 1 1  ? 6.546  15.651  5.598   1.00 0.00 ? 1  TYR A CB   5 
ATOM 1326 C CG   . TYR A 1 1  ? 7.629  16.015  4.574   1.00 0.00 ? 1  TYR A CG   5 
ATOM 1327 C CD1  . TYR A 1 1  ? 8.890  15.416  4.647   1.00 0.00 ? 1  TYR A CD1  5 
ATOM 1328 C CD2  . TYR A 1 1  ? 7.369  16.952  3.569   1.00 0.00 ? 1  TYR A CD2  5 
ATOM 1329 C CE1  . TYR A 1 1  ? 9.882  15.756  3.733   1.00 0.00 ? 1  TYR A CE1  5 
ATOM 1330 C CE2  . TYR A 1 1  ? 8.364  17.290  2.654   1.00 0.00 ? 1  TYR A CE2  5 
ATOM 1331 C CZ   . TYR A 1 1  ? 9.620  16.695  2.739   1.00 0.00 ? 1  TYR A CZ   5 
ATOM 1332 O OH   . TYR A 1 1  ? 10.595 17.031  1.843   1.00 0.00 ? 1  TYR A OH   5 
ATOM 1333 H H1   . TYR A 1 1  ? 8.608  13.614  6.300   1.00 0.00 ? 1  TYR A H1   5 
ATOM 1334 H H2   . TYR A 1 1  ? 8.368  15.056  7.134   1.00 0.00 ? 1  TYR A H2   5 
ATOM 1335 H H3   . TYR A 1 1  ? 7.878  13.598  7.816   1.00 0.00 ? 1  TYR A H3   5 
ATOM 1336 H HA   . TYR A 1 1  ? 5.885  14.160  7.082   1.00 0.00 ? 1  TYR A HA   5 
ATOM 1337 H HB2  . TYR A 1 1  ? 5.545  15.727  5.118   1.00 0.00 ? 1  TYR A HB2  5 
ATOM 1338 H HB3  . TYR A 1 1  ? 6.524  16.468  6.351   1.00 0.00 ? 1  TYR A HB3  5 
ATOM 1339 H HD1  . TYR A 1 1  ? 9.106  14.696  5.426   1.00 0.00 ? 1  TYR A HD1  5 
ATOM 1340 H HD2  . TYR A 1 1  ? 6.399  17.427  3.501   1.00 0.00 ? 1  TYR A HD2  5 
ATOM 1341 H HE1  . TYR A 1 1  ? 10.854 15.291  3.807   1.00 0.00 ? 1  TYR A HE1  5 
ATOM 1342 H HE2  . TYR A 1 1  ? 8.167  18.019  1.881   1.00 0.00 ? 1  TYR A HE2  5 
ATOM 1343 H HH   . TYR A 1 1  ? 10.997 16.224  1.513   1.00 0.00 ? 1  TYR A HH   5 
ATOM 1344 N N    . SER A 1 2  ? 5.502  12.305  5.560   1.00 0.00 ? 2  SER A N    5 
ATOM 1345 C CA   . SER A 1 2  ? 5.184  11.189  4.673   1.00 0.00 ? 2  SER A CA   5 
ATOM 1346 C C    . SER A 1 2  ? 3.869  10.553  5.057   1.00 0.00 ? 2  SER A C    5 
ATOM 1347 O O    . SER A 1 2  ? 3.801  9.394   5.478   1.00 0.00 ? 2  SER A O    5 
ATOM 1348 C CB   . SER A 1 2  ? 6.336  10.154  4.654   1.00 0.00 ? 2  SER A CB   5 
ATOM 1349 O OG   . SER A 1 2  ? 7.183  10.284  3.507   1.00 0.00 ? 2  SER A OG   5 
ATOM 1350 H H    . SER A 1 2  ? 5.016  12.433  6.478   1.00 0.00 ? 2  SER A H    5 
ATOM 1351 H HA   . SER A 1 2  ? 5.059  11.592  3.651   1.00 0.00 ? 2  SER A HA   5 
ATOM 1352 H HB2  . SER A 1 2  ? 6.958  10.274  5.562   1.00 0.00 ? 2  SER A HB2  5 
ATOM 1353 H HB3  . SER A 1 2  ? 5.946  9.120   4.710   1.00 0.00 ? 2  SER A HB3  5 
ATOM 1354 H HG   . SER A 1 2  ? 7.593  9.428   3.355   1.00 0.00 ? 2  SER A HG   5 
ATOM 1355 N N    . ASP A 1 3  ? 2.794  11.302  4.901   1.00 0.00 ? 3  ASP A N    5 
ATOM 1356 C CA   . ASP A 1 3  ? 1.472  10.863  5.340   1.00 0.00 ? 3  ASP A CA   5 
ATOM 1357 C C    . ASP A 1 3  ? 0.671  10.289  4.196   1.00 0.00 ? 3  ASP A C    5 
ATOM 1358 O O    . ASP A 1 3  ? -0.104 9.338   4.355   1.00 0.00 ? 3  ASP A O    5 
ATOM 1359 C CB   . ASP A 1 3  ? 0.725  12.035  6.032   1.00 0.00 ? 3  ASP A CB   5 
ATOM 1360 C CG   . ASP A 1 3  ? 0.082  11.736  7.393   1.00 0.00 ? 3  ASP A CG   5 
ATOM 1361 O OD1  . ASP A 1 3  ? -0.410 10.653  7.675   1.00 0.00 ? 3  ASP A OD1  5 
ATOM 1362 O OD2  . ASP A 1 3  ? 0.119  12.806  8.244   1.00 0.00 ? 3  ASP A OD2  5 
ATOM 1363 H H    . ASP A 1 3  ? 2.952  12.249  4.491   1.00 0.00 ? 3  ASP A H    5 
ATOM 1364 H HA   . ASP A 1 3  ? 1.637  10.040  6.058   1.00 0.00 ? 3  ASP A HA   5 
ATOM 1365 H HB2  . ASP A 1 3  ? 1.390  12.907  6.165   1.00 0.00 ? 3  ASP A HB2  5 
ATOM 1366 H HB3  . ASP A 1 3  ? -0.080 12.401  5.362   1.00 0.00 ? 3  ASP A HB3  5 
ATOM 1367 N N    . GLU A 1 4  ? 0.839  10.860  3.018   1.00 0.00 ? 4  GLU A N    5 
ATOM 1368 C CA   . GLU A 1 4  ? 0.038  10.485  1.856   1.00 0.00 ? 4  GLU A CA   5 
ATOM 1369 C C    . GLU A 1 4  ? 0.694  9.381   1.060   1.00 0.00 ? 4  GLU A C    5 
ATOM 1370 O O    . GLU A 1 4  ? 0.043  8.439   0.593   1.00 0.00 ? 4  GLU A O    5 
ATOM 1371 C CB   . GLU A 1 4  ? -0.178 11.753  0.982   1.00 0.00 ? 4  GLU A CB   5 
ATOM 1372 C CG   . GLU A 1 4  ? 0.089  13.141  1.652   1.00 0.00 ? 4  GLU A CG   5 
ATOM 1373 C CD   . GLU A 1 4  ? 0.955  14.157  0.903   1.00 0.00 ? 4  GLU A CD   5 
ATOM 1374 O OE1  . GLU A 1 4  ? 0.680  14.236  -0.428  1.00 0.00 ? 4  GLU A OE1  5 
ATOM 1375 O OE2  . GLU A 1 4  ? 1.816  14.831  1.452   1.00 0.00 ? 4  GLU A OE2  5 
ATOM 1376 H H    . GLU A 1 4  ? 1.544  11.628  2.979   1.00 0.00 ? 4  GLU A H    5 
ATOM 1377 H HA   . GLU A 1 4  ? -0.940 10.107  2.209   1.00 0.00 ? 4  GLU A HA   5 
ATOM 1378 H HB2  . GLU A 1 4  ? 0.449  11.667  0.072   1.00 0.00 ? 4  GLU A HB2  5 
ATOM 1379 H HB3  . GLU A 1 4  ? -1.216 11.745  0.594   1.00 0.00 ? 4  GLU A HB3  5 
ATOM 1380 H HG2  . GLU A 1 4  ? -0.875 13.642  1.866   1.00 0.00 ? 4  GLU A HG2  5 
ATOM 1381 H HG3  . GLU A 1 4  ? 0.547  13.001  2.648   1.00 0.00 ? 4  GLU A HG3  5 
ATOM 1382 N N    . LEU A 1 5  ? 1.999  9.481   0.888   1.00 0.00 ? 5  LEU A N    5 
ATOM 1383 C CA   . LEU A 1 5  ? 2.739  8.552   0.037   1.00 0.00 ? 5  LEU A CA   5 
ATOM 1384 C C    . LEU A 1 5  ? 2.906  7.202   0.692   1.00 0.00 ? 5  LEU A C    5 
ATOM 1385 O O    . LEU A 1 5  ? 3.052  6.170   0.025   1.00 0.00 ? 5  LEU A O    5 
ATOM 1386 C CB   . LEU A 1 5  ? 4.122  9.153   -0.347  1.00 0.00 ? 5  LEU A CB   5 
ATOM 1387 C CG   . LEU A 1 5  ? 4.152  10.331  -1.359  1.00 0.00 ? 5  LEU A CG   5 
ATOM 1388 C CD1  . LEU A 1 5  ? 5.050  11.458  -0.828  1.00 0.00 ? 5  LEU A CD1  5 
ATOM 1389 C CD2  . LEU A 1 5  ? 4.630  9.904   -2.756  1.00 0.00 ? 5  LEU A CD2  5 
ATOM 1390 H H    . LEU A 1 5  ? 2.468  10.266  1.392   1.00 0.00 ? 5  LEU A H    5 
ATOM 1391 H HA   . LEU A 1 5  ? 2.146  8.376   -0.881  1.00 0.00 ? 5  LEU A HA   5 
ATOM 1392 H HB2  . LEU A 1 5  ? 4.635  9.483   0.580   1.00 0.00 ? 5  LEU A HB2  5 
ATOM 1393 H HB3  . LEU A 1 5  ? 4.760  8.339   -0.743  1.00 0.00 ? 5  LEU A HB3  5 
ATOM 1394 H HG   . LEU A 1 5  ? 3.121  10.734  -1.451  1.00 0.00 ? 5  LEU A HG   5 
ATOM 1395 H HD11 . LEU A 1 5  ? 4.712  11.822  0.161   1.00 0.00 ? 5  LEU A HD11 5 
ATOM 1396 H HD12 . LEU A 1 5  ? 6.104  11.137  -0.714  1.00 0.00 ? 5  LEU A HD12 5 
ATOM 1397 H HD13 . LEU A 1 5  ? 5.048  12.334  -1.504  1.00 0.00 ? 5  LEU A HD13 5 
ATOM 1398 H HD21 . LEU A 1 5  ? 5.623  9.421   -2.731  1.00 0.00 ? 5  LEU A HD21 5 
ATOM 1399 H HD22 . LEU A 1 5  ? 3.927  9.185   -3.217  1.00 0.00 ? 5  LEU A HD22 5 
ATOM 1400 H HD23 . LEU A 1 5  ? 4.689  10.761  -3.453  1.00 0.00 ? 5  LEU A HD23 5 
ATOM 1401 N N    . ARG A 1 6  ? 2.908  7.181   2.012   1.00 0.00 ? 6  ARG A N    5 
ATOM 1402 C CA   . ARG A 1 6  ? 2.979  5.931   2.762   1.00 0.00 ? 6  ARG A CA   5 
ATOM 1403 C C    . ARG A 1 6  ? 1.713  5.124   2.590   1.00 0.00 ? 6  ARG A C    5 
ATOM 1404 O O    . ARG A 1 6  ? 1.728  3.894   2.486   1.00 0.00 ? 6  ARG A O    5 
ATOM 1405 C CB   . ARG A 1 6  ? 3.252  6.250   4.260   1.00 0.00 ? 6  ARG A CB   5 
ATOM 1406 C CG   . ARG A 1 6  ? 3.847  5.074   5.078   1.00 0.00 ? 6  ARG A CG   5 
ATOM 1407 C CD   . ARG A 1 6  ? 4.095  5.441   6.547   1.00 0.00 ? 6  ARG A CD   5 
ATOM 1408 N NE   . ARG A 1 6  ? 2.805  5.863   7.150   1.00 0.00 ? 6  ARG A NE   5 
ATOM 1409 C CZ   . ARG A 1 6  ? 1.870  5.046   7.618   1.00 0.00 ? 6  ARG A CZ   5 
ATOM 1410 N NH1  . ARG A 1 6  ? 1.959  3.749   7.612   1.00 0.00 ? 6  ARG A NH1  5 
ATOM 1411 N NH2  . ARG A 1 6  ? 0.808  5.580   8.109   1.00 0.00 ? 6  ARG A NH2  5 
ATOM 1412 H H    . ARG A 1 6  ? 2.905  8.112   2.483   1.00 0.00 ? 6  ARG A H    5 
ATOM 1413 H HA   . ARG A 1 6  ? 3.814  5.331   2.358   1.00 0.00 ? 6  ARG A HA   5 
ATOM 1414 H HB2  . ARG A 1 6  ? 3.918  7.134   4.333   1.00 0.00 ? 6  ARG A HB2  5 
ATOM 1415 H HB3  . ARG A 1 6  ? 2.308  6.568   4.744   1.00 0.00 ? 6  ARG A HB3  5 
ATOM 1416 H HG2  . ARG A 1 6  ? 3.176  4.190   5.049   1.00 0.00 ? 6  ARG A HG2  5 
ATOM 1417 H HG3  . ARG A 1 6  ? 4.796  4.730   4.619   1.00 0.00 ? 6  ARG A HG3  5 
ATOM 1418 H HD2  . ARG A 1 6  ? 4.514  4.574   7.097   1.00 0.00 ? 6  ARG A HD2  5 
ATOM 1419 H HD3  . ARG A 1 6  ? 4.840  6.261   6.618   1.00 0.00 ? 6  ARG A HD3  5 
ATOM 1420 H HE   . ARG A 1 6  ? 2.620  6.874   7.209   1.00 0.00 ? 6  ARG A HE   5 
ATOM 1421 H HH11 . ARG A 1 6  ? 2.832  3.410   7.208   1.00 0.00 ? 6  ARG A HH11 5 
ATOM 1422 H HH12 . ARG A 1 6  ? 1.175  3.228   8.001   1.00 0.00 ? 6  ARG A HH12 5 
ATOM 1423 H HH21 . ARG A 1 6  ? 0.839  6.600   8.065   1.00 0.00 ? 6  ARG A HH21 5 
ATOM 1424 H HH22 . ARG A 1 6  ? 0.086  4.959   8.469   1.00 0.00 ? 6  ARG A HH22 5 
ATOM 1425 N N    . GLN A 1 7  ? 0.588  5.816   2.573   1.00 0.00 ? 7  GLN A N    5 
ATOM 1426 C CA   . GLN A 1 7  ? -0.705 5.186   2.322   1.00 0.00 ? 7  GLN A CA   5 
ATOM 1427 C C    . GLN A 1 7  ? -0.775 4.626   0.922   1.00 0.00 ? 7  GLN A C    5 
ATOM 1428 O O    . GLN A 1 7  ? -1.387 3.584   0.664   1.00 0.00 ? 7  GLN A O    5 
ATOM 1429 C CB   . GLN A 1 7  ? -1.819 6.232   2.555   1.00 0.00 ? 7  GLN A CB   5 
ATOM 1430 C CG   . GLN A 1 7  ? -2.038 6.688   4.035   1.00 0.00 ? 7  GLN A CG   5 
ATOM 1431 C CD   . GLN A 1 7  ? -3.443 6.591   4.646   1.00 0.00 ? 7  GLN A CD   5 
ATOM 1432 O OE1  . GLN A 1 7  ? -3.617 6.714   5.848   1.00 0.00 ? 7  GLN A OE1  5 
ATOM 1433 N NE2  . GLN A 1 7  ? -4.475 6.349   3.879   1.00 0.00 ? 7  GLN A NE2  5 
ATOM 1434 H H    . GLN A 1 7  ? 0.673  6.830   2.804   1.00 0.00 ? 7  GLN A H    5 
ATOM 1435 H HA   . GLN A 1 7  ? -0.830 4.343   3.028   1.00 0.00 ? 7  GLN A HA   5 
ATOM 1436 H HB2  . GLN A 1 7  ? -1.604 7.127   1.939   1.00 0.00 ? 7  GLN A HB2  5 
ATOM 1437 H HB3  . GLN A 1 7  ? -2.772 5.827   2.158   1.00 0.00 ? 7  GLN A HB3  5 
ATOM 1438 H HG2  . GLN A 1 7  ? -1.350 6.141   4.708   1.00 0.00 ? 7  GLN A HG2  5 
ATOM 1439 H HG3  . GLN A 1 7  ? -1.757 7.750   4.162   1.00 0.00 ? 7  GLN A HG3  5 
ATOM 1440 H HE21 . GLN A 1 7  ? -4.253 6.188   2.895   1.00 0.00 ? 7  GLN A HE21 5 
ATOM 1441 H HE22 . GLN A 1 7  ? -5.362 6.236   4.373   1.00 0.00 ? 7  GLN A HE22 5 
ATOM 1442 N N    . ARG A 1 8  ? -0.149 5.318   -0.013  1.00 0.00 ? 8  ARG A N    5 
ATOM 1443 C CA   . ARG A 1 8  ? -0.097 4.868   -1.402  1.00 0.00 ? 8  ARG A CA   5 
ATOM 1444 C C    . ARG A 1 8  ? 0.711  3.599   -1.538  1.00 0.00 ? 8  ARG A C    5 
ATOM 1445 O O    . ARG A 1 8  ? 0.471  2.766   -2.420  1.00 0.00 ? 8  ARG A O    5 
ATOM 1446 C CB   . ARG A 1 8  ? 0.491  6.009   -2.277  1.00 0.00 ? 8  ARG A CB   5 
ATOM 1447 C CG   . ARG A 1 8  ? -0.517 7.127   -2.656  1.00 0.00 ? 8  ARG A CG   5 
ATOM 1448 C CD   . ARG A 1 8  ? -0.448 7.506   -4.140  1.00 0.00 ? 8  ARG A CD   5 
ATOM 1449 N NE   . ARG A 1 8  ? -1.707 8.204   -4.503  1.00 0.00 ? 8  ARG A NE   5 
ATOM 1450 C CZ   . ARG A 1 8  ? -1.844 9.515   -4.657  1.00 0.00 ? 8  ARG A CZ   5 
ATOM 1451 N NH1  . ARG A 1 8  ? -0.880 10.375  -4.511  1.00 0.00 ? 8  ARG A NH1  5 
ATOM 1452 N NH2  . ARG A 1 8  ? -3.009 9.957   -4.971  1.00 0.00 ? 8  ARG A NH2  5 
ATOM 1453 H H    . ARG A 1 8  ? 0.347  6.179   0.307   1.00 0.00 ? 8  ARG A H    5 
ATOM 1454 H HA   . ARG A 1 8  ? -1.130 4.643   -1.730  1.00 0.00 ? 8  ARG A HA   5 
ATOM 1455 H HB2  . ARG A 1 8  ? 1.347  6.479   -1.753  1.00 0.00 ? 8  ARG A HB2  5 
ATOM 1456 H HB3  . ARG A 1 8  ? 0.932  5.577   -3.199  1.00 0.00 ? 8  ARG A HB3  5 
ATOM 1457 H HG2  . ARG A 1 8  ? -1.549 6.809   -2.405  1.00 0.00 ? 8  ARG A HG2  5 
ATOM 1458 H HG3  . ARG A 1 8  ? -0.342 8.041   -2.054  1.00 0.00 ? 8  ARG A HG3  5 
ATOM 1459 H HD2  . ARG A 1 8  ? 0.427  8.160   -4.332  1.00 0.00 ? 8  ARG A HD2  5 
ATOM 1460 H HD3  . ARG A 1 8  ? -0.316 6.599   -4.764  1.00 0.00 ? 8  ARG A HD3  5 
ATOM 1461 H HE   . ARG A 1 8  ? -2.545 7.623   -4.646  1.00 0.00 ? 8  ARG A HE   5 
ATOM 1462 H HH11 . ARG A 1 8  ? 0.010  9.942   -4.261  1.00 0.00 ? 8  ARG A HH11 5 
ATOM 1463 H HH12 . ARG A 1 8  ? -1.108 11.357  -4.657  1.00 0.00 ? 8  ARG A HH12 5 
ATOM 1464 H HH21 . ARG A 1 8  ? -3.693 9.202   -5.060  1.00 0.00 ? 8  ARG A HH21 5 
ATOM 1465 H HH22 . ARG A 1 8  ? -3.122 10.961  -5.091  1.00 0.00 ? 8  ARG A HH22 5 
ATOM 1466 N N    . LEU A 1 9  ? 1.695  3.436   -0.674  1.00 0.00 ? 9  LEU A N    5 
ATOM 1467 C CA   . LEU A 1 9  ? 2.551  2.253   -0.685  1.00 0.00 ? 9  LEU A CA   5 
ATOM 1468 C C    . LEU A 1 9  ? 1.780  1.022   -0.272  1.00 0.00 ? 9  LEU A C    5 
ATOM 1469 O O    . LEU A 1 9  ? 1.946  -0.069  -0.825  1.00 0.00 ? 9  LEU A O    5 
ATOM 1470 C CB   . LEU A 1 9  ? 3.786  2.469   0.235   1.00 0.00 ? 9  LEU A CB   5 
ATOM 1471 C CG   . LEU A 1 9  ? 4.105  1.391   1.306   1.00 0.00 ? 9  LEU A CG   5 
ATOM 1472 C CD1  . LEU A 1 9  ? 4.921  0.216   0.745   1.00 0.00 ? 9  LEU A CD1  5 
ATOM 1473 C CD2  . LEU A 1 9  ? 4.861  2.027   2.483   1.00 0.00 ? 9  LEU A CD2  5 
ATOM 1474 H H    . LEU A 1 9  ? 1.849  4.220   -0.001  1.00 0.00 ? 9  LEU A H    5 
ATOM 1475 H HA   . LEU A 1 9  ? 2.887  2.075   -1.723  1.00 0.00 ? 9  LEU A HA   5 
ATOM 1476 H HB2  . LEU A 1 9  ? 4.686  2.595   -0.405  1.00 0.00 ? 9  LEU A HB2  5 
ATOM 1477 H HB3  . LEU A 1 9  ? 3.676  3.446   0.748   1.00 0.00 ? 9  LEU A HB3  5 
ATOM 1478 H HG   . LEU A 1 9  ? 3.145  0.995   1.696   1.00 0.00 ? 9  LEU A HG   5 
ATOM 1479 H HD11 . LEU A 1 9  ? 4.465  -0.182  -0.182  1.00 0.00 ? 9  LEU A HD11 5 
ATOM 1480 H HD12 . LEU A 1 9  ? 5.950  0.517   0.472   1.00 0.00 ? 9  LEU A HD12 5 
ATOM 1481 H HD13 . LEU A 1 9  ? 4.995  -0.624  1.460   1.00 0.00 ? 9  LEU A HD13 5 
ATOM 1482 H HD21 . LEU A 1 9  ? 4.325  2.907   2.888   1.00 0.00 ? 9  LEU A HD21 5 
ATOM 1483 H HD22 . LEU A 1 9  ? 5.007  1.319   3.320   1.00 0.00 ? 9  LEU A HD22 5 
ATOM 1484 H HD23 . LEU A 1 9  ? 5.863  2.384   2.179   1.00 0.00 ? 9  LEU A HD23 5 
ATOM 1485 N N    . ALA A 1 10 ? 0.936  1.179   0.731   1.00 0.00 ? 10 ALA A N    5 
ATOM 1486 C CA   . ALA A 1 10 ? 0.097  0.084   1.214   1.00 0.00 ? 10 ALA A CA   5 
ATOM 1487 C C    . ALA A 1 10 ? -0.893 -0.364  0.166   1.00 0.00 ? 10 ALA A C    5 
ATOM 1488 O O    . ALA A 1 10 ? -1.309 -1.529  0.123   1.00 0.00 ? 10 ALA A O    5 
ATOM 1489 C CB   . ALA A 1 10 ? -0.588 0.555   2.511   1.00 0.00 ? 10 ALA A CB   5 
ATOM 1490 H H    . ALA A 1 10 ? 0.945  2.116   1.191   1.00 0.00 ? 10 ALA A H    5 
ATOM 1491 H HA   . ALA A 1 10 ? 0.751  -0.781  1.436   1.00 0.00 ? 10 ALA A HA   5 
ATOM 1492 H HB1  . ALA A 1 10 ? 0.153  0.843   3.283   1.00 0.00 ? 10 ALA A HB1  5 
ATOM 1493 H HB2  . ALA A 1 10 ? -1.239 1.433   2.345   1.00 0.00 ? 10 ALA A HB2  5 
ATOM 1494 H HB3  . ALA A 1 10 ? -1.216 -0.239  2.957   1.00 0.00 ? 10 ALA A HB3  5 
ATOM 1495 N N    . ALA A 1 11 ? -1.309 0.553   -0.688  1.00 0.00 ? 11 ALA A N    5 
ATOM 1496 C CA   . ALA A 1 11 ? -2.307 0.258   -1.713  1.00 0.00 ? 11 ALA A CA   5 
ATOM 1497 C C    . ALA A 1 11 ? -1.744 -0.661  -2.770  1.00 0.00 ? 11 ALA A C    5 
ATOM 1498 O O    . ALA A 1 11 ? -2.393 -1.613  -3.219  1.00 0.00 ? 11 ALA A O    5 
ATOM 1499 C CB   . ALA A 1 11 ? -2.796 1.599   -2.288  1.00 0.00 ? 11 ALA A CB   5 
ATOM 1500 H H    . ALA A 1 11 ? -0.919 1.512   -0.552  1.00 0.00 ? 11 ALA A H    5 
ATOM 1501 H HA   . ALA A 1 11 ? -3.155 -0.270  -1.237  1.00 0.00 ? 11 ALA A HA   5 
ATOM 1502 H HB1  . ALA A 1 11 ? -3.240 2.244   -1.506  1.00 0.00 ? 11 ALA A HB1  5 
ATOM 1503 H HB2  . ALA A 1 11 ? -1.975 2.176   -2.756  1.00 0.00 ? 11 ALA A HB2  5 
ATOM 1504 H HB3  . ALA A 1 11 ? -3.574 1.457   -3.060  1.00 0.00 ? 11 ALA A HB3  5 
ATOM 1505 N N    . ARG A 1 12 ? -0.528 -0.382  -3.200  1.00 0.00 ? 12 ARG A N    5 
ATOM 1506 C CA   . ARG A 1 12 ? 0.142  -1.202  -4.206  1.00 0.00 ? 12 ARG A CA   5 
ATOM 1507 C C    . ARG A 1 12 ? 0.390  -2.599  -3.687  1.00 0.00 ? 12 ARG A C    5 
ATOM 1508 O O    . ARG A 1 12 ? 0.268  -3.598  -4.403  1.00 0.00 ? 12 ARG A O    5 
ATOM 1509 C CB   . ARG A 1 12 ? 1.468  -0.507  -4.620  1.00 0.00 ? 12 ARG A CB   5 
ATOM 1510 C CG   . ARG A 1 12 ? 1.664  -0.328  -6.149  1.00 0.00 ? 12 ARG A CG   5 
ATOM 1511 C CD   . ARG A 1 12 ? 3.139  -0.170  -6.538  1.00 0.00 ? 12 ARG A CD   5 
ATOM 1512 N NE   . ARG A 1 12 ? 3.302  1.131   -7.234  1.00 0.00 ? 12 ARG A NE   5 
ATOM 1513 C CZ   . ARG A 1 12 ? 2.863  1.412   -8.454  1.00 0.00 ? 12 ARG A CZ   5 
ATOM 1514 N NH1  . ARG A 1 12 ? 2.223  0.575   -9.215  1.00 0.00 ? 12 ARG A NH1  5 
ATOM 1515 N NH2  . ARG A 1 12 ? 3.090  2.594   -8.908  1.00 0.00 ? 12 ARG A NH2  5 
ATOM 1516 H H    . ARG A 1 12 ? -0.056 0.429   -2.744  1.00 0.00 ? 12 ARG A H    5 
ATOM 1517 H HA   . ARG A 1 12 ? -0.526 -1.285  -5.085  1.00 0.00 ? 12 ARG A HA   5 
ATOM 1518 H HB2  . ARG A 1 12 ? 1.530  0.491   -4.144  1.00 0.00 ? 12 ARG A HB2  5 
ATOM 1519 H HB3  . ARG A 1 12 ? 2.326  -1.071  -4.198  1.00 0.00 ? 12 ARG A HB3  5 
ATOM 1520 H HG2  . ARG A 1 12 ? 1.229  -1.191  -6.693  1.00 0.00 ? 12 ARG A HG2  5 
ATOM 1521 H HG3  . ARG A 1 12 ? 1.109  0.557   -6.520  1.00 0.00 ? 12 ARG A HG3  5 
ATOM 1522 H HD2  . ARG A 1 12 ? 3.783  -0.211  -5.637  1.00 0.00 ? 12 ARG A HD2  5 
ATOM 1523 H HD3  . ARG A 1 12 ? 3.455  -1.004  -7.199  1.00 0.00 ? 12 ARG A HD3  5 
ATOM 1524 H HE   . ARG A 1 12 ? 3.798  1.878   -6.727  1.00 0.00 ? 12 ARG A HE   5 
ATOM 1525 H HH11 . ARG A 1 12 ? 2.084  -0.337  -8.778  1.00 0.00 ? 12 ARG A HH11 5 
ATOM 1526 H HH12 . ARG A 1 12 ? 1.936  0.907   -10.133 1.00 0.00 ? 12 ARG A HH12 5 
ATOM 1527 H HH21 . ARG A 1 12 ? 3.597  3.171   -8.234  1.00 0.00 ? 12 ARG A HH21 5 
ATOM 1528 H HH22 . ARG A 1 12 ? 2.758  2.816   -9.845  1.00 0.00 ? 12 ARG A HH22 5 
ATOM 1529 N N    . LEU A 1 13 ? 0.756  -2.686  -2.422  1.00 0.00 ? 13 LEU A N    5 
ATOM 1530 C CA   . LEU A 1 13 ? 1.013  -3.968  -1.769  1.00 0.00 ? 13 LEU A CA   5 
ATOM 1531 C C    . LEU A 1 13 ? -0.259 -4.733  -1.485  1.00 0.00 ? 13 LEU A C    5 
ATOM 1532 O O    . LEU A 1 13 ? -0.239 -5.954  -1.263  1.00 0.00 ? 13 LEU A O    5 
ATOM 1533 C CB   . LEU A 1 13 ? 1.823  -3.748  -0.456  1.00 0.00 ? 13 LEU A CB   5 
ATOM 1534 C CG   . LEU A 1 13 ? 3.369  -3.674  -0.561  1.00 0.00 ? 13 LEU A CG   5 
ATOM 1535 C CD1  . LEU A 1 13 ? 3.999  -2.799  0.536   1.00 0.00 ? 13 LEU A CD1  5 
ATOM 1536 C CD2  . LEU A 1 13 ? 3.971  -5.085  -0.507  1.00 0.00 ? 13 LEU A CD2  5 
ATOM 1537 H H    . LEU A 1 13 ? 0.901  -1.780  -1.923  1.00 0.00 ? 13 LEU A H    5 
ATOM 1538 H HA   . LEU A 1 13 ? 1.599  -4.594  -2.464  1.00 0.00 ? 13 LEU A HA   5 
ATOM 1539 H HB2  . LEU A 1 13 ? 1.464  -2.820  0.029   1.00 0.00 ? 13 LEU A HB2  5 
ATOM 1540 H HB3  . LEU A 1 13 ? 1.561  -4.554  0.255   1.00 0.00 ? 13 LEU A HB3  5 
ATOM 1541 H HG   . LEU A 1 13 ? 3.627  -3.233  -1.547  1.00 0.00 ? 13 LEU A HG   5 
ATOM 1542 H HD11 . LEU A 1 13 ? 3.495  -1.817  0.604   1.00 0.00 ? 13 LEU A HD11 5 
ATOM 1543 H HD12 . LEU A 1 13 ? 3.906  -3.260  1.536   1.00 0.00 ? 13 LEU A HD12 5 
ATOM 1544 H HD13 . LEU A 1 13 ? 5.073  -2.607  0.354   1.00 0.00 ? 13 LEU A HD13 5 
ATOM 1545 H HD21 . LEU A 1 13 ? 3.512  -5.757  -1.255  1.00 0.00 ? 13 LEU A HD21 5 
ATOM 1546 H HD22 . LEU A 1 13 ? 5.062  -5.084  -0.695  1.00 0.00 ? 13 LEU A HD22 5 
ATOM 1547 H HD23 . LEU A 1 13 ? 3.812  -5.558  0.481   1.00 0.00 ? 13 LEU A HD23 5 
ATOM 1548 N N    . GLU A 1 14 ? -1.384 -4.046  -1.461  1.00 0.00 ? 14 GLU A N    5 
ATOM 1549 C CA   . GLU A 1 14 ? -2.670 -4.672  -1.158  1.00 0.00 ? 14 GLU A CA   5 
ATOM 1550 C C    . GLU A 1 14 ? -3.088 -5.620  -2.256  1.00 0.00 ? 14 GLU A C    5 
ATOM 1551 O O    . GLU A 1 14 ? -3.575 -6.729  -2.015  1.00 0.00 ? 14 GLU A O    5 
ATOM 1552 C CB   . GLU A 1 14 ? -3.732 -3.556  -0.944  1.00 0.00 ? 14 GLU A CB   5 
ATOM 1553 C CG   . GLU A 1 14 ? -5.172 -4.007  -0.533  1.00 0.00 ? 14 GLU A CG   5 
ATOM 1554 C CD   . GLU A 1 14 ? -6.207 -2.926  -0.206  1.00 0.00 ? 14 GLU A CD   5 
ATOM 1555 O OE1  . GLU A 1 14 ? -6.130 -2.208  0.783   1.00 0.00 ? 14 GLU A OE1  5 
ATOM 1556 O OE2  . GLU A 1 14 ? -7.215 -2.840  -1.117  1.00 0.00 ? 14 GLU A OE2  5 
ATOM 1557 H H    . GLU A 1 14 ? -1.297 -3.018  -1.615  1.00 0.00 ? 14 GLU A H    5 
ATOM 1558 H HA   . GLU A 1 14 ? -2.560 -5.259  -0.228  1.00 0.00 ? 14 GLU A HA   5 
ATOM 1559 H HB2  . GLU A 1 14 ? -3.356 -2.849  -0.181  1.00 0.00 ? 14 GLU A HB2  5 
ATOM 1560 H HB3  . GLU A 1 14 ? -3.796 -2.947  -1.868  1.00 0.00 ? 14 GLU A HB3  5 
ATOM 1561 H HG2  . GLU A 1 14 ? -5.609 -4.632  -1.333  1.00 0.00 ? 14 GLU A HG2  5 
ATOM 1562 H HG3  . GLU A 1 14 ? -5.126 -4.680  0.344   1.00 0.00 ? 14 GLU A HG3  5 
ATOM 1563 N N    . ALA A 1 15 ? -2.915 -5.187  -3.492  1.00 0.00 ? 15 ALA A N    5 
ATOM 1564 C CA   . ALA A 1 15 ? -3.379 -5.947  -4.649  1.00 0.00 ? 15 ALA A CA   5 
ATOM 1565 C C    . ALA A 1 15 ? -2.724 -7.307  -4.706  1.00 0.00 ? 15 ALA A C    5 
ATOM 1566 O O    . ALA A 1 15 ? -3.350 -8.321  -5.033  1.00 0.00 ? 15 ALA A O    5 
ATOM 1567 C CB   . ALA A 1 15 ? -3.105 -5.103  -5.905  1.00 0.00 ? 15 ALA A CB   5 
ATOM 1568 H H    . ALA A 1 15 ? -2.383 -4.293  -3.590  1.00 0.00 ? 15 ALA A H    5 
ATOM 1569 H HA   . ALA A 1 15 ? -4.469 -6.112  -4.547  1.00 0.00 ? 15 ALA A HA   5 
ATOM 1570 H HB1  . ALA A 1 15 ? -3.624 -4.125  -5.865  1.00 0.00 ? 15 ALA A HB1  5 
ATOM 1571 H HB2  . ALA A 1 15 ? -2.026 -4.890  -6.039  1.00 0.00 ? 15 ALA A HB2  5 
ATOM 1572 H HB3  . ALA A 1 15 ? -3.453 -5.606  -6.826  1.00 0.00 ? 15 ALA A HB3  5 
ATOM 1573 N N    . LEU A 1 16 ? -1.441 -7.345  -4.404  1.00 0.00 ? 16 LEU A N    5 
ATOM 1574 C CA   . LEU A 1 16 ? -0.652 -8.570  -4.506  1.00 0.00 ? 16 LEU A CA   5 
ATOM 1575 C C    . LEU A 1 16 ? -0.827 -9.451  -3.293  1.00 0.00 ? 16 LEU A C    5 
ATOM 1576 O O    . LEU A 1 16 ? -0.773 -10.685 -3.369  1.00 0.00 ? 16 LEU A O    5 
ATOM 1577 C CB   . LEU A 1 16 ? 0.852  -8.232  -4.733  1.00 0.00 ? 16 LEU A CB   5 
ATOM 1578 C CG   . LEU A 1 16 ? 1.249  -7.502  -6.044  1.00 0.00 ? 16 LEU A CG   5 
ATOM 1579 C CD1  . LEU A 1 16 ? 2.526  -6.679  -5.826  1.00 0.00 ? 16 LEU A CD1  5 
ATOM 1580 C CD2  . LEU A 1 16 ? 1.448  -8.466  -7.225  1.00 0.00 ? 16 LEU A CD2  5 
ATOM 1581 H H    . LEU A 1 16 ? -1.006 -6.434  -4.134  1.00 0.00 ? 16 LEU A H    5 
ATOM 1582 H HA   . LEU A 1 16 ? -1.022 -9.150  -5.369  1.00 0.00 ? 16 LEU A HA   5 
ATOM 1583 H HB2  . LEU A 1 16 ? 1.195  -7.621  -3.877  1.00 0.00 ? 16 LEU A HB2  5 
ATOM 1584 H HB3  . LEU A 1 16 ? 1.437  -9.170  -4.663  1.00 0.00 ? 16 LEU A HB3  5 
ATOM 1585 H HG   . LEU A 1 16 ? 0.432  -6.796  -6.306  1.00 0.00 ? 16 LEU A HG   5 
ATOM 1586 H HD11 . LEU A 1 16 ? 2.407  -5.943  -5.009  1.00 0.00 ? 16 LEU A HD11 5 
ATOM 1587 H HD12 . LEU A 1 16 ? 3.394  -7.315  -5.568  1.00 0.00 ? 16 LEU A HD12 5 
ATOM 1588 H HD13 . LEU A 1 16 ? 2.800  -6.105  -6.730  1.00 0.00 ? 16 LEU A HD13 5 
ATOM 1589 H HD21 . LEU A 1 16 ? 2.198  -9.248  -7.006  1.00 0.00 ? 16 LEU A HD21 5 
ATOM 1590 H HD22 . LEU A 1 16 ? 0.504  -8.979  -7.487  1.00 0.00 ? 16 LEU A HD22 5 
ATOM 1591 H HD23 . LEU A 1 16 ? 1.772  -7.937  -8.140  1.00 0.00 ? 16 LEU A HD23 5 
ATOM 1592 N N    . LYS A 1 17 ? -1.026 -8.835  -2.143  1.00 0.00 ? 17 LYS A N    5 
ATOM 1593 C CA   . LYS A 1 17 ? -1.092 -9.560  -0.875  1.00 0.00 ? 17 LYS A CA   5 
ATOM 1594 C C    . LYS A 1 17 ? -2.323 -10.427 -0.760  1.00 0.00 ? 17 LYS A C    5 
ATOM 1595 O O    . LYS A 1 17 ? -2.418 -11.286 0.135   1.00 0.00 ? 17 LYS A O    5 
ATOM 1596 C CB   . LYS A 1 17 ? -1.025 -8.539  0.298   1.00 0.00 ? 17 LYS A CB   5 
ATOM 1597 C CG   . LYS A 1 17 ? -1.580 -9.085  1.636   1.00 0.00 ? 17 LYS A CG   5 
ATOM 1598 C CD   . LYS A 1 17 ? -0.821 -10.288 2.204   1.00 0.00 ? 17 LYS A CD   5 
ATOM 1599 C CE   . LYS A 1 17 ? -1.629 -10.899 3.357   1.00 0.00 ? 17 LYS A CE   5 
ATOM 1600 N NZ   . LYS A 1 17 ? -0.711 -11.315 4.432   1.00 0.00 ? 17 LYS A NZ   5 
ATOM 1601 H H    . LYS A 1 17 ? -1.186 -7.804  -2.199  1.00 0.00 ? 17 LYS A H    5 
ATOM 1602 H HA   . LYS A 1 17 ? -0.213 -10.234 -0.824  1.00 0.00 ? 17 LYS A HA   5 
ATOM 1603 H HB2  . LYS A 1 17 ? 0.032  -8.225  0.449   1.00 0.00 ? 17 LYS A HB2  5 
ATOM 1604 H HB3  . LYS A 1 17 ? -1.556 -7.603  0.023   1.00 0.00 ? 17 LYS A HB3  5 
ATOM 1605 H HG2  . LYS A 1 17 ? -1.536 -8.297  2.415   1.00 0.00 ? 17 LYS A HG2  5 
ATOM 1606 H HG3  . LYS A 1 17 ? -2.655 -9.328  1.526   1.00 0.00 ? 17 LYS A HG3  5 
ATOM 1607 H HD2  . LYS A 1 17 ? -0.639 -11.028 1.401   1.00 0.00 ? 17 LYS A HD2  5 
ATOM 1608 H HD3  . LYS A 1 17 ? 0.177  -9.966  2.565   1.00 0.00 ? 17 LYS A HD3  5 
ATOM 1609 H HE2  . LYS A 1 17 ? -2.371 -10.168 3.741   1.00 0.00 ? 17 LYS A HE2  5 
ATOM 1610 H HE3  . LYS A 1 17 ? -2.219 -11.774 3.012   1.00 0.00 ? 17 LYS A HE3  5 
ATOM 1611 H HZ1  . LYS A 1 17 ? 0.140  -10.738 4.399   1.00 0.00 ? 17 LYS A HZ1  5 
ATOM 1612 H HZ2  . LYS A 1 17 ? -1.173 -11.193 5.344   1.00 0.00 ? 17 LYS A HZ2  5 
ATOM 1613 H HZ3  . LYS A 1 17 ? -0.459 -12.305 4.304   1.00 0.00 ? 17 LYS A HZ3  5 
ATOM 1614 N N    . GLU A 1 18 ? -3.283 -10.257 -1.647  1.00 0.00 ? 18 GLU A N    5 
ATOM 1615 C CA   . GLU A 1 18 ? -4.554 -10.971 -1.564  1.00 0.00 ? 18 GLU A CA   5 
ATOM 1616 C C    . GLU A 1 18 ? -4.466 -12.314 -2.247  1.00 0.00 ? 18 GLU A C    5 
ATOM 1617 O O    . GLU A 1 18 ? -4.792 -12.469 -3.429  1.00 0.00 ? 18 GLU A O    5 
ATOM 1618 C CB   . GLU A 1 18 ? -5.664 -10.086 -2.202  1.00 0.00 ? 18 GLU A CB   5 
ATOM 1619 C CG   . GLU A 1 18 ? -7.146 -10.408 -1.818  1.00 0.00 ? 18 GLU A CG   5 
ATOM 1620 C CD   . GLU A 1 18 ? -7.452 -10.811 -0.373  1.00 0.00 ? 18 GLU A CD   5 
ATOM 1621 O OE1  . GLU A 1 18 ? -7.119 -12.100 -0.082  1.00 0.00 ? 18 GLU A OE1  5 
ATOM 1622 O OE2  . GLU A 1 18 ? -7.951 -10.046 0.440   1.00 0.00 ? 18 GLU A OE2  5 
ATOM 1623 H H    . GLU A 1 18 ? -3.079 -9.592  -2.426  1.00 0.00 ? 18 GLU A H    5 
ATOM 1624 H HA   . GLU A 1 18 ? -4.791 -11.143 -0.499  1.00 0.00 ? 18 GLU A HA   5 
ATOM 1625 H HB2  . GLU A 1 18 ? -5.451 -9.025  -1.966  1.00 0.00 ? 18 GLU A HB2  5 
ATOM 1626 H HB3  . GLU A 1 18 ? -5.568 -10.144 -3.303  1.00 0.00 ? 18 GLU A HB3  5 
ATOM 1627 H HG2  . GLU A 1 18 ? -7.787 -9.537  -2.048  1.00 0.00 ? 18 GLU A HG2  5 
ATOM 1628 H HG3  . GLU A 1 18 ? -7.540 -11.213 -2.466  1.00 0.00 ? 18 GLU A HG3  5 
ATOM 1629 N N    . ASN A 1 19 ? -4.006 -13.312 -1.514  1.00 0.00 ? 19 ASN A N    5 
ATOM 1630 C CA   . ASN A 1 19 ? -3.873 -14.663 -2.049  1.00 0.00 ? 19 ASN A CA   5 
ATOM 1631 C C    . ASN A 1 19 ? -3.567 -15.655 -0.952  1.00 0.00 ? 19 ASN A C    5 
ATOM 1632 O O    . ASN A 1 19 ? -4.252 -16.668 -0.775  1.00 0.00 ? 19 ASN A O    5 
ATOM 1633 C CB   . ASN A 1 19 ? -2.758 -14.684 -3.135  1.00 0.00 ? 19 ASN A CB   5 
ATOM 1634 C CG   . ASN A 1 19 ? -2.632 -15.958 -3.977  1.00 0.00 ? 19 ASN A CG   5 
ATOM 1635 O OD1  . ASN A 1 19 ? -2.843 -17.069 -3.514  1.00 0.00 ? 19 ASN A OD1  5 
ATOM 1636 N ND2  . ASN A 1 19 ? -2.286 -15.851 -5.231  1.00 0.00 ? 19 ASN A ND2  5 
ATOM 1637 H H    . ASN A 1 19 ? -3.760 -13.077 -0.526  1.00 0.00 ? 19 ASN A H    5 
ATOM 1638 H HA   . ASN A 1 19 ? -4.840 -14.960 -2.497  1.00 0.00 ? 19 ASN A HA   5 
ATOM 1639 H HB2  . ASN A 1 19 ? -2.920 -13.849 -3.846  1.00 0.00 ? 19 ASN A HB2  5 
ATOM 1640 H HB3  . ASN A 1 19 ? -1.773 -14.468 -2.681  1.00 0.00 ? 19 ASN A HB3  5 
ATOM 1641 H HD21 . ASN A 1 19 ? -2.039 -14.921 -5.568  1.00 0.00 ? 19 ASN A HD21 5 
ATOM 1642 H HD22 . ASN A 1 19 ? -2.150 -16.762 -5.679  1.00 0.00 ? 19 ASN A HD22 5 
ATOM 1643 N N    . GLY A 1 20 ? -2.515 -15.383 -0.202  1.00 0.00 ? 20 GLY A N    5 
ATOM 1644 C CA   . GLY A 1 20 ? -2.120 -16.236 0.916   1.00 0.00 ? 20 GLY A CA   5 
ATOM 1645 C C    . GLY A 1 20 ? -0.716 -15.918 1.369   1.00 0.00 ? 20 GLY A C    5 
ATOM 1646 O O    . GLY A 1 20 ? 0.095  -16.827 1.733   1.00 0.00 ? 20 GLY A O    5 
ATOM 1647 O OXT  . GLY A 1 20 ? -0.394 -14.690 1.365   1.00 0.00 ? 20 GLY A OXT  5 
ATOM 1648 H H    . GLY A 1 20 ? -2.005 -14.501 -0.432  1.00 0.00 ? 20 GLY A H    5 
ATOM 1649 H HA2  . GLY A 1 20 ? -2.816 -16.099 1.764   1.00 0.00 ? 20 GLY A HA2  5 
ATOM 1650 H HA3  . GLY A 1 20 ? -2.177 -17.300 0.622   1.00 0.00 ? 20 GLY A HA3  5 
# 
